data_3FG6
#
_entry.id   3FG6
#
_cell.length_a   67.644
_cell.length_b   90.384
_cell.length_c   98.839
_cell.angle_alpha   88.79
_cell.angle_beta   88.26
_cell.angle_gamma   76.26
#
_symmetry.space_group_name_H-M   'P 1'
#
loop_
_entity.id
_entity.type
_entity.pdbx_description
1 polymer Adseverin
2 non-polymer 'CALCIUM ION'
#
_entity_poly.entity_id   1
_entity_poly.type   'polypeptide(L)'
_entity_poly.pdbx_seq_one_letter_code
;KDWRDKDQSDGFGKVYVTEKVAQIKQIPFDASKLHSSPQMAAQHNMVDDGSGKVEIWRVENNGRIQVDQNSYGEFYGGDC
YIILYTYPRGQIIYTWQGANATRDELTTSAFLTVQLDRSLGGQAVQIRVSQGKEPVHLLSLFKDKPLIIYKNGTSKKGGQ
APAPPTRLFQVRRNLASITRIVEVDVDANSLNSNDVFVLKLPQNSGYIWVGKGASQEEEKGAEYVASVLKCKTLRIQEGE
EPEEFWNSLGGKKDYQTSPLLETQAEDHPPRLYGCSNKTGRFVIEEIPGEFTQDDLAEDDVMLLDAWEQIFIWIGKDANE
VEKKESLKSAKMYLETDPSGRDKRTPIVIIKQGHEPPTFTGWFLGWDSSKW
;
_entity_poly.pdbx_strand_id   A,C,G,E,F,H,D,B
#
# COMPACT_ATOMS: atom_id res chain seq x y z
N GLY A 52 18.19 -13.23 31.75
CA GLY A 52 18.43 -11.94 32.47
C GLY A 52 18.26 -10.74 31.56
N LYS A 53 17.26 -9.90 31.86
CA LYS A 53 16.92 -8.75 31.03
C LYS A 53 17.92 -7.59 31.20
N VAL A 54 18.30 -6.99 30.09
CA VAL A 54 19.15 -5.79 30.10
C VAL A 54 18.41 -4.62 29.48
N GLU A 55 18.40 -3.49 30.18
CA GLU A 55 17.80 -2.26 29.67
C GLU A 55 18.79 -1.12 29.79
N ILE A 56 18.91 -0.33 28.72
CA ILE A 56 19.82 0.81 28.71
C ILE A 56 19.06 2.09 28.41
N TRP A 57 19.23 3.08 29.27
CA TRP A 57 18.68 4.40 29.01
C TRP A 57 19.82 5.38 28.87
N ARG A 58 19.70 6.25 27.89
CA ARG A 58 20.60 7.36 27.75
C ARG A 58 19.99 8.48 28.60
N VAL A 59 20.84 9.19 29.34
CA VAL A 59 20.42 10.32 30.17
C VAL A 59 20.47 11.59 29.36
N GLU A 60 19.31 12.24 29.20
CA GLU A 60 19.18 13.49 28.43
C GLU A 60 17.72 13.94 28.43
N ASN A 61 17.45 15.20 28.75
CA ASN A 61 18.46 16.15 29.23
C ASN A 61 18.26 16.38 30.71
N ASN A 62 17.10 15.95 31.20
CA ASN A 62 16.86 15.88 32.63
C ASN A 62 15.99 14.67 32.98
N GLY A 63 16.29 13.56 32.32
CA GLY A 63 15.52 12.33 32.47
C GLY A 63 16.09 11.24 31.59
N ARG A 64 15.36 10.12 31.52
CA ARG A 64 15.80 8.95 30.78
C ARG A 64 15.14 8.88 29.42
N ILE A 65 15.95 8.71 28.38
CA ILE A 65 15.44 8.37 27.06
C ILE A 65 16.03 7.03 26.61
N GLN A 66 15.13 6.13 26.20
CA GLN A 66 15.47 4.78 25.78
C GLN A 66 16.47 4.76 24.64
N VAL A 67 17.58 4.02 24.85
CA VAL A 67 18.59 3.90 23.80
C VAL A 67 18.20 2.78 22.85
N ASP A 68 18.47 2.99 21.56
CA ASP A 68 18.15 2.04 20.50
C ASP A 68 18.66 0.63 20.83
N GLN A 69 17.78 -0.36 20.69
CA GLN A 69 18.07 -1.76 21.00
C GLN A 69 19.28 -2.31 20.24
N ASN A 70 19.39 -1.95 18.96
CA ASN A 70 20.56 -2.29 18.14
C ASN A 70 21.85 -1.61 18.60
N SER A 71 21.70 -0.44 19.23
CA SER A 71 22.84 0.37 19.63
C SER A 71 23.37 0.02 21.02
N TYR A 72 22.96 -1.13 21.57
CA TYR A 72 23.44 -1.58 22.88
C TYR A 72 24.94 -1.86 22.83
N GLY A 73 25.69 -1.13 23.64
CA GLY A 73 27.15 -1.21 23.63
C GLY A 73 27.78 0.00 22.98
N GLU A 74 26.99 0.76 22.23
CA GLU A 74 27.43 2.02 21.65
C GLU A 74 27.08 3.17 22.58
N PHE A 75 28.11 3.80 23.14
CA PHE A 75 27.96 4.88 24.10
C PHE A 75 28.67 6.12 23.60
N TYR A 76 28.12 7.30 23.93
CA TYR A 76 28.82 8.55 23.66
C TYR A 76 29.70 8.92 24.84
N GLY A 77 30.93 9.34 24.54
CA GLY A 77 31.88 9.73 25.57
C GLY A 77 31.46 10.89 26.44
N GLY A 78 30.68 11.83 25.90
CA GLY A 78 30.22 13.01 26.63
C GLY A 78 28.89 12.83 27.35
N ASP A 79 28.50 11.57 27.55
CA ASP A 79 27.20 11.24 28.11
C ASP A 79 27.26 10.21 29.23
N CYS A 80 26.17 10.15 30.00
CA CYS A 80 25.99 9.14 31.02
C CYS A 80 24.83 8.22 30.67
N TYR A 81 24.96 6.94 31.03
CA TYR A 81 23.97 5.94 30.70
C TYR A 81 23.59 5.18 31.95
N ILE A 82 22.32 4.79 32.03
CA ILE A 82 21.84 3.96 33.12
C ILE A 82 21.53 2.56 32.58
N ILE A 83 22.30 1.59 33.03
CA ILE A 83 22.14 0.20 32.60
C ILE A 83 21.48 -0.61 33.71
N LEU A 84 20.30 -1.15 33.42
CA LEU A 84 19.55 -1.94 34.39
C LEU A 84 19.61 -3.42 34.05
N TYR A 85 20.16 -4.20 34.99
CA TYR A 85 20.20 -5.65 34.86
C TYR A 85 19.24 -6.27 35.87
N THR A 86 18.27 -7.01 35.35
CA THR A 86 17.30 -7.70 36.20
C THR A 86 17.42 -9.21 36.07
N TYR A 87 17.68 -9.85 37.20
CA TYR A 87 17.64 -11.30 37.30
C TYR A 87 16.47 -11.63 38.20
N PRO A 88 15.95 -12.88 38.15
CA PRO A 88 14.75 -13.25 38.93
C PRO A 88 14.82 -12.93 40.42
N ARG A 89 16.02 -12.71 40.95
CA ARG A 89 16.20 -12.44 42.38
C ARG A 89 16.21 -10.96 42.80
N GLY A 90 17.18 -10.21 42.30
CA GLY A 90 17.32 -8.79 42.63
C GLY A 90 17.57 -7.95 41.40
N GLN A 91 18.35 -6.87 41.56
CA GLN A 91 18.59 -5.90 40.49
C GLN A 91 20.00 -5.35 40.61
N ILE A 92 20.59 -4.98 39.47
CA ILE A 92 21.84 -4.24 39.45
C ILE A 92 21.71 -3.03 38.52
N ILE A 93 22.04 -1.85 39.03
CA ILE A 93 22.09 -0.64 38.22
C ILE A 93 23.52 -0.22 38.01
N TYR A 94 24.00 -0.32 36.78
CA TYR A 94 25.28 0.26 36.39
C TYR A 94 25.03 1.66 35.84
N THR A 95 25.63 2.66 36.47
CA THR A 95 25.60 4.04 36.01
C THR A 95 26.90 4.34 35.25
N TRP A 96 26.84 4.24 33.93
CA TRP A 96 28.02 4.45 33.08
C TRP A 96 28.23 5.93 32.83
N GLN A 97 29.35 6.45 33.32
CA GLN A 97 29.68 7.86 33.18
C GLN A 97 30.83 8.05 32.21
N GLY A 98 30.56 8.81 31.14
CA GLY A 98 31.55 9.06 30.10
C GLY A 98 32.66 9.95 30.60
N ALA A 99 33.89 9.63 30.18
CA ALA A 99 35.08 10.38 30.59
C ALA A 99 34.98 11.86 30.25
N ASN A 100 34.12 12.19 29.29
CA ASN A 100 33.88 13.58 28.86
C ASN A 100 32.54 14.23 29.28
N ALA A 101 31.62 13.45 29.86
CA ALA A 101 30.34 13.99 30.36
C ALA A 101 30.54 15.21 31.26
N THR A 102 29.69 16.23 31.11
CA THR A 102 29.75 17.40 31.97
C THR A 102 29.27 17.03 33.37
N ARG A 103 29.79 17.73 34.38
CA ARG A 103 29.43 17.42 35.77
C ARG A 103 27.93 17.55 36.02
N ASP A 104 27.24 18.32 35.15
CA ASP A 104 25.79 18.45 35.16
C ASP A 104 25.10 17.13 34.86
N GLU A 105 25.64 16.40 33.89
CA GLU A 105 25.15 15.08 33.52
C GLU A 105 25.46 14.06 34.61
N LEU A 106 26.65 14.15 35.19
CA LEU A 106 27.08 13.27 36.28
C LEU A 106 26.14 13.34 37.49
N THR A 107 25.60 14.52 37.77
CA THR A 107 24.64 14.71 38.84
C THR A 107 23.26 14.16 38.48
N THR A 108 22.83 14.40 37.24
CA THR A 108 21.54 13.92 36.78
C THR A 108 21.53 12.39 36.71
N SER A 109 22.64 11.81 36.27
CA SER A 109 22.77 10.35 36.21
C SER A 109 22.63 9.72 37.59
N ALA A 110 23.32 10.29 38.58
CA ALA A 110 23.22 9.84 39.97
C ALA A 110 21.81 10.01 40.53
N PHE A 111 21.19 11.15 40.22
CA PHE A 111 19.83 11.44 40.63
C PHE A 111 18.84 10.42 40.03
N LEU A 112 19.10 10.01 38.80
CA LEU A 112 18.17 9.15 38.07
C LEU A 112 18.29 7.69 38.46
N THR A 113 19.48 7.26 38.87
CA THR A 113 19.65 5.88 39.36
C THR A 113 19.02 5.72 40.75
N VAL A 114 19.04 6.79 41.53
CA VAL A 114 18.30 6.87 42.79
C VAL A 114 16.79 6.76 42.52
N GLN A 115 16.31 7.53 41.53
CA GLN A 115 14.92 7.45 41.07
C GLN A 115 14.54 6.03 40.62
N LEU A 116 15.44 5.42 39.84
CA LEU A 116 15.24 4.05 39.38
C LEU A 116 15.23 3.03 40.53
N ASP A 117 16.22 3.14 41.41
CA ASP A 117 16.33 2.21 42.54
C ASP A 117 15.12 2.28 43.47
N ARG A 118 14.64 3.49 43.72
CA ARG A 118 13.49 3.72 44.59
C ARG A 118 12.20 3.16 44.01
N SER A 119 12.10 3.14 42.69
CA SER A 119 10.92 2.61 42.02
C SER A 119 10.93 1.09 41.96
N LEU A 120 12.10 0.49 42.24
CA LEU A 120 12.24 -0.97 42.29
C LEU A 120 12.17 -1.50 43.72
N GLY A 121 12.08 -0.59 44.67
CA GLY A 121 11.94 -0.96 46.08
C GLY A 121 13.11 -0.55 46.94
N GLY A 122 14.18 -0.10 46.29
CA GLY A 122 15.40 0.28 47.00
C GLY A 122 16.24 -0.96 47.19
N GLN A 123 15.86 -2.00 46.46
CA GLN A 123 16.50 -3.27 46.57
C GLN A 123 17.73 -3.39 45.70
N ALA A 124 17.84 -2.50 44.70
CA ALA A 124 18.87 -2.60 43.67
C ALA A 124 20.26 -2.25 44.17
N VAL A 125 21.25 -3.00 43.69
CA VAL A 125 22.64 -2.68 43.89
C VAL A 125 22.99 -1.58 42.89
N GLN A 126 23.73 -0.58 43.34
CA GLN A 126 24.10 0.54 42.49
C GLN A 126 25.61 0.55 42.32
N ILE A 127 26.08 0.56 41.07
CA ILE A 127 27.51 0.56 40.77
C ILE A 127 27.87 1.69 39.81
N ARG A 128 28.72 2.59 40.29
CA ARG A 128 29.13 3.75 39.51
C ARG A 128 30.29 3.37 38.61
N VAL A 129 30.03 3.36 37.30
CA VAL A 129 31.03 2.93 36.33
C VAL A 129 31.60 4.11 35.54
N SER A 130 32.88 4.40 35.75
CA SER A 130 33.64 5.33 34.91
C SER A 130 33.95 4.66 33.58
N GLN A 131 34.01 5.47 32.52
CA GLN A 131 34.41 5.00 31.21
C GLN A 131 35.72 4.22 31.31
N GLY A 132 35.68 2.96 30.89
CA GLY A 132 36.84 2.09 30.90
C GLY A 132 37.11 1.33 32.20
N LYS A 133 36.23 1.43 33.18
CA LYS A 133 36.44 0.73 34.45
C LYS A 133 35.28 -0.21 34.81
N GLU A 134 34.62 -0.74 33.79
CA GLU A 134 33.46 -1.63 33.91
C GLU A 134 33.77 -2.96 34.58
N PRO A 135 33.07 -3.28 35.69
CA PRO A 135 33.24 -4.61 36.31
C PRO A 135 32.90 -5.72 35.33
N VAL A 136 33.58 -6.85 35.49
CA VAL A 136 33.47 -7.97 34.55
C VAL A 136 32.03 -8.42 34.22
N HIS A 137 31.15 -8.38 35.22
CA HIS A 137 29.77 -8.82 35.04
C HIS A 137 28.98 -7.93 34.08
N LEU A 138 29.31 -6.64 34.05
CA LEU A 138 28.72 -5.75 33.08
C LEU A 138 29.09 -6.13 31.65
N LEU A 139 30.38 -6.13 31.32
CA LEU A 139 30.81 -6.41 29.95
C LEU A 139 30.24 -7.72 29.38
N SER A 140 29.68 -8.55 30.27
CA SER A 140 29.01 -9.80 29.91
C SER A 140 27.64 -9.54 29.29
N LEU A 141 27.02 -8.43 29.67
CA LEU A 141 25.68 -8.09 29.18
C LEU A 141 25.68 -7.63 27.74
N PHE A 142 26.88 -7.52 27.17
CA PHE A 142 27.05 -7.17 25.77
C PHE A 142 27.42 -8.45 25.02
N LYS A 143 26.38 -9.18 24.64
CA LYS A 143 26.50 -10.56 24.15
C LYS A 143 27.40 -10.71 22.92
N ASP A 144 28.70 -10.80 23.18
CA ASP A 144 29.71 -11.11 22.15
C ASP A 144 29.96 -10.00 21.12
N LYS A 145 29.17 -8.94 21.19
CA LYS A 145 29.48 -7.71 20.44
C LYS A 145 30.33 -6.81 21.32
N PRO A 146 31.34 -6.16 20.72
CA PRO A 146 32.28 -5.31 21.46
C PRO A 146 31.68 -4.00 21.85
N LEU A 147 32.22 -3.43 22.91
CA LEU A 147 31.81 -2.12 23.41
C LEU A 147 32.40 -1.06 22.50
N ILE A 148 31.55 -0.13 22.05
CA ILE A 148 32.01 1.01 21.27
C ILE A 148 31.78 2.27 22.08
N ILE A 149 32.81 3.12 22.14
CA ILE A 149 32.72 4.40 22.84
C ILE A 149 33.11 5.52 21.89
N TYR A 150 32.15 6.41 21.65
CA TYR A 150 32.34 7.55 20.75
C TYR A 150 32.75 8.79 21.53
N PRO A 165 33.64 14.16 10.08
CA PRO A 165 33.53 13.28 8.91
C PRO A 165 34.65 12.25 8.85
N THR A 166 35.87 12.65 9.22
CA THR A 166 36.98 11.72 9.32
C THR A 166 37.11 11.28 10.76
N ARG A 167 37.20 9.97 10.99
CA ARG A 167 37.19 9.43 12.34
C ARG A 167 38.21 8.33 12.54
N LEU A 168 38.82 8.29 13.72
CA LEU A 168 39.77 7.23 14.09
C LEU A 168 39.36 6.48 15.36
N PHE A 169 39.27 5.15 15.25
CA PHE A 169 38.91 4.31 16.40
C PHE A 169 40.05 3.40 16.82
N GLN A 170 40.30 3.30 18.12
CA GLN A 170 41.32 2.39 18.65
C GLN A 170 40.71 1.12 19.22
N VAL A 171 41.17 -0.03 18.75
CA VAL A 171 40.62 -1.33 19.19
C VAL A 171 41.60 -2.10 20.06
N ARG A 172 41.19 -2.37 21.29
CA ARG A 172 42.06 -3.06 22.24
C ARG A 172 41.37 -4.14 23.07
N ARG A 173 42.07 -5.27 23.20
CA ARG A 173 41.69 -6.31 24.13
C ARG A 173 42.89 -6.66 25.00
N ASN A 174 42.70 -6.67 26.30
CA ASN A 174 43.74 -7.20 27.20
C ASN A 174 43.29 -8.24 28.20
N LEU A 175 44.08 -9.31 28.24
CA LEU A 175 44.00 -10.39 29.23
C LEU A 175 42.56 -10.78 29.57
N ALA A 176 41.84 -11.17 28.51
CA ALA A 176 40.38 -11.40 28.50
C ALA A 176 39.58 -10.09 28.48
N SER A 177 38.75 -9.88 29.51
CA SER A 177 37.82 -8.75 29.60
C SER A 177 36.91 -8.65 28.36
N ILE A 178 36.92 -7.51 27.69
CA ILE A 178 36.17 -7.39 26.45
C ILE A 178 37.02 -6.65 25.45
N THR A 179 36.69 -6.78 24.18
CA THR A 179 37.31 -5.91 23.19
C THR A 179 36.69 -4.53 23.36
N ARG A 180 37.54 -3.54 23.59
CA ARG A 180 37.08 -2.19 23.78
C ARG A 180 37.43 -1.38 22.55
N ILE A 181 36.44 -0.65 22.01
CA ILE A 181 36.68 0.20 20.85
C ILE A 181 36.48 1.66 21.25
N VAL A 182 37.52 2.47 21.08
CA VAL A 182 37.47 3.87 21.54
C VAL A 182 37.86 4.86 20.44
N GLU A 183 36.97 5.83 20.18
CA GLU A 183 37.26 6.93 19.26
C GLU A 183 38.36 7.83 19.81
N VAL A 184 39.33 8.14 18.94
CA VAL A 184 40.50 8.94 19.32
C VAL A 184 40.71 10.12 18.35
N ASP A 185 41.60 11.03 18.71
CA ASP A 185 41.98 12.15 17.83
C ASP A 185 42.50 11.61 16.50
N VAL A 186 42.20 12.33 15.42
CA VAL A 186 42.61 11.90 14.07
C VAL A 186 44.07 12.26 13.75
N ASP A 187 44.97 11.97 14.67
CA ASP A 187 46.40 12.19 14.46
C ASP A 187 47.16 10.89 14.27
N ALA A 188 48.34 10.97 13.67
CA ALA A 188 49.22 9.82 13.50
C ALA A 188 49.75 9.32 14.83
N ASN A 189 49.99 10.23 15.76
CA ASN A 189 50.49 9.83 17.08
C ASN A 189 49.41 9.31 18.02
N SER A 190 48.22 9.10 17.48
CA SER A 190 47.16 8.38 18.18
C SER A 190 47.39 6.88 17.99
N LEU A 191 48.14 6.54 16.95
CA LEU A 191 48.42 5.16 16.60
C LEU A 191 49.22 4.48 17.68
N ASN A 192 49.12 3.15 17.68
CA ASN A 192 49.71 2.34 18.72
C ASN A 192 50.00 0.95 18.16
N SER A 193 51.28 0.58 18.19
CA SER A 193 51.75 -0.70 17.66
C SER A 193 51.06 -1.94 18.26
N ASN A 194 50.53 -1.81 19.48
CA ASN A 194 49.91 -2.94 20.14
C ASN A 194 48.46 -3.20 19.74
N ASP A 195 47.78 -2.19 19.19
CA ASP A 195 46.35 -2.28 18.92
C ASP A 195 46.02 -2.18 17.44
N VAL A 196 44.75 -2.36 17.10
CA VAL A 196 44.25 -2.20 15.73
C VAL A 196 43.45 -0.89 15.63
N PHE A 197 43.51 -0.25 14.48
CA PHE A 197 42.84 1.03 14.28
C PHE A 197 41.93 0.99 13.07
N VAL A 198 40.81 1.70 13.17
CA VAL A 198 39.92 1.92 12.02
C VAL A 198 39.86 3.40 11.69
N LEU A 199 40.30 3.75 10.49
CA LEU A 199 40.23 5.13 9.98
C LEU A 199 39.08 5.25 9.01
N LYS A 200 37.98 5.84 9.46
CA LYS A 200 36.83 6.11 8.58
C LYS A 200 37.02 7.43 7.84
N LEU A 201 36.97 7.36 6.51
CA LEU A 201 37.09 8.54 5.67
C LEU A 201 35.69 9.07 5.34
N PRO A 202 35.60 10.34 4.91
CA PRO A 202 34.31 10.97 4.68
C PRO A 202 33.47 10.33 3.56
N GLN A 203 34.14 9.61 2.65
CA GLN A 203 33.48 8.98 1.51
C GLN A 203 32.86 7.61 1.83
N ASN A 204 32.80 7.28 3.12
CA ASN A 204 32.34 5.96 3.59
C ASN A 204 33.22 4.83 3.11
N SER A 205 34.53 5.01 3.29
CA SER A 205 35.52 3.97 3.06
C SER A 205 36.66 4.25 4.04
N GLY A 206 37.71 3.45 3.99
CA GLY A 206 38.84 3.67 4.89
C GLY A 206 39.80 2.53 5.08
N TYR A 207 40.55 2.59 6.18
CA TYR A 207 41.61 1.64 6.47
C TYR A 207 41.43 1.00 7.83
N ILE A 208 41.72 -0.31 7.90
CA ILE A 208 41.97 -1.00 9.16
C ILE A 208 43.49 -1.17 9.25
N TRP A 209 44.09 -0.51 10.23
CA TRP A 209 45.54 -0.50 10.41
C TRP A 209 45.88 -1.45 11.53
N VAL A 210 46.49 -2.57 11.17
CA VAL A 210 46.87 -3.59 12.14
C VAL A 210 48.27 -3.32 12.70
N GLY A 211 48.34 -3.04 14.00
CA GLY A 211 49.62 -2.88 14.69
C GLY A 211 50.39 -4.18 14.74
N LYS A 212 51.71 -4.08 14.94
CA LYS A 212 52.60 -5.24 14.89
C LYS A 212 52.35 -6.25 16.00
N GLY A 213 51.90 -5.77 17.15
CA GLY A 213 51.62 -6.63 18.29
C GLY A 213 50.14 -6.75 18.61
N ALA A 214 49.31 -6.77 17.56
CA ALA A 214 47.86 -6.80 17.73
C ALA A 214 47.29 -8.22 17.66
N SER A 215 46.30 -8.49 18.50
CA SER A 215 45.61 -9.78 18.52
C SER A 215 44.56 -9.92 17.42
N GLN A 216 44.22 -11.18 17.11
CA GLN A 216 43.17 -11.50 16.14
C GLN A 216 41.81 -10.97 16.63
N GLU A 217 41.59 -11.04 17.93
CA GLU A 217 40.35 -10.56 18.54
C GLU A 217 40.20 -9.08 18.31
N GLU A 218 41.33 -8.37 18.30
CA GLU A 218 41.33 -6.93 18.05
C GLU A 218 40.98 -6.63 16.61
N GLU A 219 41.40 -7.50 15.70
CA GLU A 219 41.07 -7.32 14.30
C GLU A 219 39.57 -7.53 14.07
N LYS A 220 38.98 -8.50 14.79
CA LYS A 220 37.54 -8.74 14.75
C LYS A 220 36.72 -7.55 15.27
N GLY A 221 37.19 -6.94 16.36
CA GLY A 221 36.60 -5.71 16.87
C GLY A 221 36.63 -4.61 15.82
N ALA A 222 37.78 -4.43 15.18
CA ALA A 222 37.95 -3.45 14.11
C ALA A 222 36.88 -3.65 13.04
N GLU A 223 36.77 -4.89 12.56
CA GLU A 223 35.84 -5.25 11.52
C GLU A 223 34.39 -4.99 11.95
N TYR A 224 34.14 -5.03 13.25
CA TYR A 224 32.81 -4.77 13.78
C TYR A 224 32.42 -3.28 13.72
N VAL A 225 33.34 -2.40 14.13
CA VAL A 225 33.07 -0.96 14.10
C VAL A 225 32.83 -0.54 12.66
N ALA A 226 33.66 -1.06 11.77
CA ALA A 226 33.57 -0.80 10.34
C ALA A 226 32.13 -0.97 9.85
N SER A 227 31.50 -2.08 10.26
CA SER A 227 30.13 -2.37 9.85
C SER A 227 29.09 -1.46 10.52
N VAL A 228 29.39 -0.98 11.72
CA VAL A 228 28.49 -0.08 12.44
C VAL A 228 28.55 1.28 11.78
N LEU A 229 29.73 1.62 11.33
CA LEU A 229 29.94 2.88 10.65
C LEU A 229 29.57 2.79 9.18
N LYS A 230 29.19 1.59 8.73
CA LYS A 230 28.92 1.32 7.31
C LYS A 230 30.11 1.78 6.45
N CYS A 231 31.28 1.25 6.81
CA CYS A 231 32.54 1.68 6.23
C CYS A 231 33.24 0.56 5.46
N LYS A 232 33.60 0.85 4.21
CA LYS A 232 34.25 -0.09 3.31
C LYS A 232 35.77 -0.05 3.51
N THR A 233 36.32 -1.04 4.19
CA THR A 233 37.70 -0.97 4.67
C THR A 233 38.72 -1.73 3.84
N LEU A 234 39.93 -1.19 3.79
CA LEU A 234 41.10 -1.86 3.23
C LEU A 234 42.06 -2.16 4.39
N ARG A 235 42.59 -3.37 4.43
CA ARG A 235 43.44 -3.78 5.55
C ARG A 235 44.93 -3.57 5.22
N ILE A 236 45.60 -2.79 6.07
CA ILE A 236 47.04 -2.48 5.92
C ILE A 236 47.78 -2.79 7.22
N GLN A 237 49.05 -3.12 7.12
CA GLN A 237 49.85 -3.52 8.27
C GLN A 237 50.87 -2.44 8.63
N GLU A 238 51.20 -2.35 9.92
CA GLU A 238 52.24 -1.43 10.40
C GLU A 238 53.56 -1.69 9.68
N GLY A 239 54.11 -0.64 9.09
CA GLY A 239 55.34 -0.74 8.28
C GLY A 239 55.06 -0.83 6.79
N GLU A 240 53.85 -1.28 6.45
CA GLU A 240 53.43 -1.47 5.08
C GLU A 240 52.30 -0.52 4.67
N GLU A 241 52.23 0.64 5.33
CA GLU A 241 51.20 1.63 5.06
C GLU A 241 51.44 2.23 3.69
N PRO A 242 50.37 2.37 2.88
CA PRO A 242 50.47 3.11 1.63
C PRO A 242 50.57 4.60 1.98
N GLU A 243 50.82 5.44 0.99
CA GLU A 243 51.06 6.85 1.28
C GLU A 243 49.78 7.68 1.48
N GLU A 244 48.64 7.18 1.04
CA GLU A 244 47.37 7.90 1.26
C GLU A 244 46.85 7.73 2.70
N PHE A 245 47.28 6.69 3.38
CA PHE A 245 46.93 6.49 4.78
C PHE A 245 47.45 7.66 5.63
N TRP A 246 48.70 8.06 5.37
CA TRP A 246 49.31 9.14 6.11
C TRP A 246 48.69 10.50 5.76
N ASN A 247 48.34 10.67 4.49
CA ASN A 247 47.68 11.90 4.02
C ASN A 247 46.33 12.14 4.70
N SER A 248 45.62 11.06 4.98
CA SER A 248 44.30 11.13 5.59
C SER A 248 44.36 11.42 7.09
N LEU A 249 45.49 11.09 7.71
CA LEU A 249 45.76 11.41 9.11
C LEU A 249 46.43 12.80 9.24
N GLY A 250 46.66 13.44 8.09
CA GLY A 250 47.29 14.75 8.06
C GLY A 250 48.79 14.71 8.26
N GLY A 251 49.44 13.71 7.66
CA GLY A 251 50.90 13.58 7.71
C GLY A 251 51.38 12.45 8.60
N LYS A 252 52.53 11.89 8.25
CA LYS A 252 53.15 10.83 9.03
C LYS A 252 53.96 11.44 10.17
N LYS A 253 53.67 11.01 11.39
CA LYS A 253 54.43 11.42 12.56
C LYS A 253 54.91 10.18 13.30
N ASP A 254 55.60 10.38 14.43
CA ASP A 254 55.94 9.28 15.32
C ASP A 254 54.80 9.06 16.30
N TYR A 255 54.35 7.80 16.37
CA TYR A 255 53.24 7.41 17.24
C TYR A 255 53.67 6.56 18.42
N GLN A 256 52.70 6.14 19.22
CA GLN A 256 52.95 5.31 20.41
C GLN A 256 53.47 3.94 20.01
N THR A 257 54.70 3.65 20.42
CA THR A 257 55.36 2.40 20.02
C THR A 257 56.64 2.16 20.83
N SER A 258 56.94 0.88 21.05
CA SER A 258 58.13 0.45 21.81
C SER A 258 58.36 -1.03 21.57
N PRO A 259 59.62 -1.50 21.76
CA PRO A 259 59.95 -2.92 21.60
C PRO A 259 58.89 -3.85 22.19
N LEU A 260 58.41 -3.52 23.40
CA LEU A 260 57.45 -4.36 24.10
C LEU A 260 56.00 -4.11 23.70
N LEU A 261 55.72 -2.90 23.20
CA LEU A 261 54.38 -2.58 22.69
C LEU A 261 54.14 -3.34 21.39
N GLU A 262 55.13 -3.27 20.51
CA GLU A 262 55.14 -3.98 19.23
C GLU A 262 55.08 -5.51 19.31
N THR A 263 55.35 -6.10 20.48
CA THR A 263 55.16 -7.55 20.67
C THR A 263 53.91 -7.86 21.47
N GLN A 264 53.07 -8.73 20.94
CA GLN A 264 51.80 -9.11 21.58
C GLN A 264 51.97 -9.80 22.94
N ALA A 265 53.22 -10.01 23.35
CA ALA A 265 53.54 -10.68 24.63
C ALA A 265 52.75 -10.12 25.81
N GLU A 266 52.42 -11.02 26.75
CA GLU A 266 51.57 -10.71 27.88
C GLU A 266 52.24 -11.15 29.18
N ASP A 267 53.47 -11.67 29.04
CA ASP A 267 54.23 -12.24 30.15
C ASP A 267 54.40 -11.25 31.30
N HIS A 268 54.77 -10.02 30.97
CA HIS A 268 54.90 -8.96 31.98
C HIS A 268 53.98 -7.77 31.67
N PRO A 269 52.69 -7.86 32.04
CA PRO A 269 51.75 -6.81 31.73
C PRO A 269 52.06 -5.54 32.52
N PRO A 270 51.67 -4.36 31.99
CA PRO A 270 51.89 -3.10 32.69
C PRO A 270 51.22 -3.07 34.05
N ARG A 271 51.92 -2.58 35.05
CA ARG A 271 51.32 -2.41 36.37
C ARG A 271 51.47 -0.97 36.84
N LEU A 272 50.35 -0.39 37.30
CA LEU A 272 50.31 1.01 37.71
C LEU A 272 50.08 1.16 39.22
N TYR A 273 50.87 2.03 39.85
CA TYR A 273 50.79 2.27 41.27
C TYR A 273 50.53 3.73 41.58
N GLY A 274 49.77 3.98 42.65
CA GLY A 274 49.52 5.33 43.15
C GLY A 274 50.37 5.61 44.38
N CYS A 275 51.29 6.55 44.27
CA CYS A 275 52.18 6.91 45.38
C CYS A 275 51.77 8.26 45.95
N SER A 276 51.37 8.25 47.23
CA SER A 276 50.84 9.44 47.90
C SER A 276 51.31 9.50 49.34
N ASN A 277 51.20 10.69 49.94
CA ASN A 277 51.44 10.88 51.36
C ASN A 277 50.35 11.71 52.03
N LYS A 278 49.17 11.74 51.41
CA LYS A 278 48.05 12.51 51.95
C LYS A 278 47.57 11.94 53.28
N THR A 279 48.03 10.71 53.56
CA THR A 279 47.72 10.02 54.81
C THR A 279 48.84 10.16 55.85
N GLY A 280 49.85 10.96 55.55
CA GLY A 280 50.96 11.20 56.47
C GLY A 280 52.18 10.42 56.10
N ARG A 281 52.08 9.11 56.21
CA ARG A 281 53.11 8.20 55.72
C ARG A 281 53.05 8.14 54.21
N PHE A 282 54.19 7.85 53.58
CA PHE A 282 54.26 7.65 52.14
C PHE A 282 53.91 6.20 51.78
N VAL A 283 52.77 6.00 51.13
CA VAL A 283 52.32 4.66 50.75
C VAL A 283 52.13 4.49 49.24
N ILE A 284 52.71 3.41 48.71
CA ILE A 284 52.51 3.04 47.32
C ILE A 284 51.48 1.94 47.25
N GLU A 285 50.41 2.18 46.50
CA GLU A 285 49.38 1.17 46.28
C GLU A 285 49.04 0.98 44.80
N GLU A 286 48.76 -0.26 44.43
CA GLU A 286 48.52 -0.62 43.04
C GLU A 286 47.11 -0.25 42.61
N ILE A 287 46.99 0.22 41.38
CA ILE A 287 45.69 0.46 40.75
C ILE A 287 45.14 -0.89 40.28
N PRO A 288 43.95 -1.28 40.77
CA PRO A 288 43.41 -2.58 40.42
C PRO A 288 42.66 -2.61 39.09
N GLY A 289 42.74 -3.75 38.40
CA GLY A 289 42.01 -4.01 37.17
C GLY A 289 42.64 -3.36 35.96
N GLU A 290 41.81 -3.09 34.96
CA GLU A 290 42.22 -2.27 33.83
C GLU A 290 42.41 -0.87 34.37
N PHE A 291 43.45 -0.18 33.94
CA PHE A 291 43.61 1.21 34.34
C PHE A 291 43.48 2.13 33.14
N THR A 292 43.09 3.37 33.40
CA THR A 292 42.96 4.38 32.36
C THR A 292 43.49 5.71 32.81
N GLN A 293 43.40 6.70 31.92
CA GLN A 293 43.89 8.05 32.13
C GLN A 293 43.39 8.67 33.44
N ASP A 294 42.12 8.48 33.76
CA ASP A 294 41.51 9.09 34.93
C ASP A 294 41.98 8.49 36.25
N ASP A 295 42.71 7.37 36.17
CA ASP A 295 43.30 6.74 37.35
C ASP A 295 44.54 7.50 37.81
N LEU A 296 45.08 8.32 36.92
CA LEU A 296 46.24 9.15 37.24
C LEU A 296 45.82 10.29 38.17
N ALA A 297 46.16 10.13 39.45
CA ALA A 297 45.78 11.09 40.47
C ALA A 297 46.47 12.41 40.23
N GLU A 298 45.70 13.38 39.77
CA GLU A 298 46.20 14.72 39.45
C GLU A 298 47.11 15.32 40.55
N ASP A 299 46.93 14.88 41.79
CA ASP A 299 47.62 15.47 42.95
C ASP A 299 48.66 14.56 43.63
N ASP A 300 49.08 13.50 42.95
CA ASP A 300 50.05 12.54 43.51
C ASP A 300 51.06 12.11 42.47
N VAL A 301 51.82 11.06 42.80
CA VAL A 301 52.82 10.51 41.88
C VAL A 301 52.40 9.11 41.47
N MET A 302 52.56 8.79 40.19
CA MET A 302 52.18 7.48 39.67
C MET A 302 53.39 6.71 39.15
N LEU A 303 53.50 5.45 39.57
CA LEU A 303 54.51 4.54 39.07
C LEU A 303 53.91 3.60 38.04
N LEU A 304 54.45 3.64 36.82
CA LEU A 304 54.07 2.65 35.81
C LEU A 304 55.26 1.76 35.47
N ASP A 305 55.21 0.53 35.97
CA ASP A 305 56.20 -0.49 35.65
C ASP A 305 55.81 -1.14 34.32
N ALA A 306 56.45 -0.69 33.25
CA ALA A 306 56.24 -1.23 31.91
C ALA A 306 57.24 -2.36 31.62
N TRP A 307 57.84 -2.88 32.69
CA TRP A 307 58.81 -3.99 32.63
C TRP A 307 60.14 -3.61 31.98
N GLU A 308 60.09 -3.21 30.71
CA GLU A 308 61.27 -2.76 29.98
C GLU A 308 61.70 -1.37 30.44
N GLN A 309 60.83 -0.71 31.20
CA GLN A 309 61.00 0.68 31.56
C GLN A 309 60.11 0.98 32.75
N ILE A 310 60.57 1.86 33.64
CA ILE A 310 59.74 2.30 34.74
C ILE A 310 59.49 3.80 34.64
N PHE A 311 58.22 4.17 34.56
CA PHE A 311 57.84 5.58 34.46
C PHE A 311 57.39 6.12 35.82
N ILE A 312 57.84 7.32 36.14
CA ILE A 312 57.35 8.04 37.30
C ILE A 312 56.62 9.28 36.80
N TRP A 313 55.30 9.22 36.86
CA TRP A 313 54.44 10.30 36.37
C TRP A 313 54.13 11.23 37.52
N ILE A 314 54.54 12.50 37.36
CA ILE A 314 54.35 13.50 38.42
C ILE A 314 53.16 14.40 38.11
N GLY A 315 52.15 14.36 38.98
CA GLY A 315 50.99 15.23 38.87
C GLY A 315 51.35 16.66 39.21
N LYS A 316 50.59 17.59 38.66
CA LYS A 316 50.83 19.03 38.87
C LYS A 316 50.73 19.48 40.32
N ASP A 317 50.12 18.64 41.17
CA ASP A 317 49.86 19.00 42.58
C ASP A 317 50.52 18.06 43.60
N ALA A 318 51.57 17.36 43.17
CA ALA A 318 52.27 16.44 44.06
C ALA A 318 53.25 17.17 44.98
N ASN A 319 53.46 16.59 46.17
CA ASN A 319 54.51 17.05 47.09
C ASN A 319 55.86 16.86 46.43
N GLU A 320 56.85 17.60 46.92
CA GLU A 320 58.23 17.34 46.55
C GLU A 320 58.70 16.04 47.20
N VAL A 321 58.18 15.72 48.38
CA VAL A 321 58.54 14.48 49.07
C VAL A 321 57.96 13.28 48.33
N GLU A 322 56.74 13.44 47.81
CA GLU A 322 56.08 12.40 47.01
C GLU A 322 56.95 12.04 45.81
N LYS A 323 57.47 13.08 45.14
CA LYS A 323 58.34 12.92 43.99
C LYS A 323 59.63 12.17 44.33
N LYS A 324 60.33 12.67 45.36
CA LYS A 324 61.66 12.17 45.67
C LYS A 324 61.65 10.79 46.32
N GLU A 325 60.53 10.42 46.95
CA GLU A 325 60.40 9.08 47.55
C GLU A 325 59.87 8.08 46.52
N SER A 326 59.29 8.59 45.44
CA SER A 326 58.89 7.77 44.30
C SER A 326 60.12 7.21 43.59
N LEU A 327 61.20 7.99 43.60
CA LEU A 327 62.47 7.59 43.02
C LEU A 327 63.10 6.52 43.91
N LYS A 328 63.20 6.82 45.21
CA LYS A 328 63.74 5.87 46.20
C LYS A 328 63.05 4.51 46.14
N SER A 329 61.77 4.52 45.75
CA SER A 329 60.94 3.31 45.77
C SER A 329 60.96 2.53 44.46
N ALA A 330 61.16 3.23 43.35
CA ALA A 330 61.32 2.58 42.05
C ALA A 330 62.71 1.95 41.96
N LYS A 331 63.65 2.52 42.71
CA LYS A 331 65.02 2.02 42.80
C LYS A 331 65.13 0.87 43.81
N MET A 332 64.10 0.76 44.66
CA MET A 332 63.90 -0.41 45.51
C MET A 332 63.16 -1.49 44.71
N TYR A 333 62.26 -1.06 43.83
CA TYR A 333 61.50 -1.95 42.94
C TYR A 333 62.35 -2.62 41.86
N LEU A 334 63.67 -2.46 41.95
CA LEU A 334 64.60 -3.11 41.04
C LEU A 334 65.66 -3.87 41.82
N THR A 345 67.74 -1.57 33.50
CA THR A 345 66.37 -1.11 33.20
C THR A 345 66.21 0.40 33.50
N PRO A 346 65.90 1.19 32.45
CA PRO A 346 65.68 2.64 32.55
C PRO A 346 64.55 3.04 33.50
N ILE A 347 64.67 4.25 34.04
CA ILE A 347 63.66 4.79 34.96
C ILE A 347 63.46 6.27 34.62
N VAL A 348 62.43 6.52 33.82
CA VAL A 348 62.18 7.84 33.22
C VAL A 348 61.17 8.63 34.03
N ILE A 349 61.51 9.87 34.34
CA ILE A 349 60.61 10.74 35.10
C ILE A 349 59.81 11.65 34.17
N ILE A 350 58.49 11.65 34.37
CA ILE A 350 57.54 12.24 33.43
C ILE A 350 56.63 13.29 34.10
N LYS A 351 56.56 14.47 33.48
CA LYS A 351 55.67 15.52 33.94
C LYS A 351 54.29 15.40 33.29
N GLN A 352 53.27 15.81 34.04
CA GLN A 352 51.88 15.80 33.56
C GLN A 352 51.71 16.73 32.37
N GLY A 353 50.98 16.25 31.35
CA GLY A 353 50.76 17.00 30.11
C GLY A 353 51.99 16.97 29.21
N HIS A 354 53.04 16.33 29.73
CA HIS A 354 54.33 16.19 29.05
C HIS A 354 54.65 14.71 28.84
N GLU A 355 53.64 13.86 28.80
CA GLU A 355 53.84 12.42 28.68
C GLU A 355 54.28 12.03 27.27
N PRO A 356 55.37 11.24 27.16
CA PRO A 356 55.87 10.75 25.87
C PRO A 356 54.96 9.66 25.29
N PRO A 357 54.97 9.49 23.95
CA PRO A 357 54.11 8.47 23.32
C PRO A 357 54.39 7.08 23.87
N THR A 358 55.64 6.83 24.26
CA THR A 358 56.06 5.54 24.80
C THR A 358 55.39 5.18 26.14
N PHE A 359 54.98 6.20 26.90
CA PHE A 359 54.22 6.03 28.15
C PHE A 359 52.72 6.02 27.87
N THR A 360 52.28 6.95 27.04
CA THR A 360 50.88 7.12 26.68
C THR A 360 50.25 5.87 26.04
N GLY A 361 51.07 5.09 25.35
CA GLY A 361 50.62 3.89 24.64
C GLY A 361 49.99 2.80 25.48
N TRP A 362 50.35 2.75 26.77
CA TRP A 362 49.83 1.72 27.68
C TRP A 362 48.40 1.99 28.14
N PHE A 363 47.82 3.08 27.65
CA PHE A 363 46.44 3.42 27.96
C PHE A 363 45.61 3.34 26.69
N LEU A 364 44.36 2.91 26.83
CA LEU A 364 43.48 2.85 25.69
C LEU A 364 42.85 4.23 25.57
N GLY A 365 42.98 4.81 24.37
CA GLY A 365 42.68 6.23 24.16
C GLY A 365 43.68 7.00 24.99
N TRP A 366 43.80 8.29 24.75
CA TRP A 366 44.54 9.14 25.66
C TRP A 366 44.12 10.54 25.33
N ASP A 367 43.10 11.03 26.02
CA ASP A 367 42.63 12.38 25.77
C ASP A 367 43.64 13.37 26.32
N SER A 368 44.50 13.85 25.42
CA SER A 368 45.58 14.77 25.79
C SER A 368 45.04 16.09 26.34
N SER A 369 43.79 16.42 25.98
CA SER A 369 43.19 17.72 26.24
C SER A 369 42.10 17.69 27.32
N LYS A 370 42.29 16.88 28.35
CA LYS A 370 41.33 16.83 29.44
C LYS A 370 41.48 18.09 30.30
N TRP A 371 42.47 18.06 31.19
CA TRP A 371 42.89 19.20 32.01
C TRP A 371 43.26 20.41 31.16
N GLY B 52 -3.94 -16.62 37.08
CA GLY B 52 -4.15 -15.43 37.96
C GLY B 52 -4.11 -14.10 37.24
N LYS B 53 -4.83 -14.01 36.12
CA LYS B 53 -4.86 -12.78 35.31
C LYS B 53 -5.64 -11.65 35.96
N VAL B 54 -5.06 -10.46 35.92
CA VAL B 54 -5.69 -9.26 36.47
C VAL B 54 -5.85 -8.18 35.40
N GLU B 55 -7.05 -7.63 35.30
CA GLU B 55 -7.33 -6.53 34.39
C GLU B 55 -7.99 -5.38 35.14
N ILE B 56 -7.51 -4.15 34.89
CA ILE B 56 -8.06 -2.97 35.56
C ILE B 56 -8.53 -1.95 34.55
N TRP B 57 -9.76 -1.46 34.77
CA TRP B 57 -10.30 -0.38 33.98
C TRP B 57 -10.68 0.79 34.86
N ARG B 58 -10.40 2.01 34.38
CA ARG B 58 -10.96 3.20 34.98
C ARG B 58 -12.39 3.36 34.44
N VAL B 59 -13.31 3.73 35.31
CA VAL B 59 -14.67 4.03 34.87
C VAL B 59 -14.68 5.48 34.39
N GLU B 60 -14.93 5.66 33.09
CA GLU B 60 -14.93 6.99 32.52
C GLU B 60 -16.31 7.26 31.89
N ASN B 61 -16.41 7.24 30.56
CA ASN B 61 -17.67 7.58 29.91
C ASN B 61 -18.57 6.44 29.47
N ASN B 62 -19.41 5.95 30.40
CA ASN B 62 -20.37 4.87 30.13
C ASN B 62 -19.69 3.74 29.37
N GLY B 63 -18.43 3.55 29.70
CA GLY B 63 -17.55 2.58 29.08
C GLY B 63 -16.28 2.51 29.91
N ARG B 64 -15.80 1.29 30.10
CA ARG B 64 -14.52 1.05 30.76
C ARG B 64 -13.33 1.48 29.89
N ILE B 65 -12.29 1.98 30.53
CA ILE B 65 -11.07 2.42 29.85
C ILE B 65 -9.85 1.78 30.52
N GLN B 66 -9.03 1.11 29.69
CA GLN B 66 -7.86 0.37 30.18
C GLN B 66 -6.86 1.26 30.91
N VAL B 67 -6.57 0.92 32.15
CA VAL B 67 -5.60 1.68 32.92
C VAL B 67 -4.19 1.18 32.59
N ASP B 68 -3.25 2.12 32.52
CA ASP B 68 -1.84 1.83 32.21
C ASP B 68 -1.29 0.69 33.08
N GLN B 69 -0.67 -0.28 32.41
CA GLN B 69 -0.08 -1.46 33.06
C GLN B 69 0.92 -1.11 34.17
N ASN B 70 1.77 -0.11 33.92
CA ASN B 70 2.70 0.43 34.92
C ASN B 70 2.00 1.13 36.08
N SER B 71 0.81 1.66 35.83
CA SER B 71 0.06 2.42 36.83
C SER B 71 -0.84 1.56 37.71
N TYR B 72 -0.63 0.24 37.72
CA TYR B 72 -1.43 -0.69 38.54
C TYR B 72 -1.17 -0.42 40.01
N GLY B 73 -2.22 -0.06 40.73
CA GLY B 73 -2.08 0.31 42.13
C GLY B 73 -2.20 1.80 42.35
N GLU B 74 -2.06 2.57 41.26
CA GLU B 74 -2.28 4.01 41.28
C GLU B 74 -3.73 4.29 40.91
N PHE B 75 -4.49 4.80 41.88
CA PHE B 75 -5.91 5.12 41.70
C PHE B 75 -6.19 6.60 41.98
N TYR B 76 -7.15 7.18 41.27
CA TYR B 76 -7.60 8.53 41.61
C TYR B 76 -8.72 8.46 42.63
N GLY B 77 -8.64 9.29 43.66
CA GLY B 77 -9.62 9.29 44.74
C GLY B 77 -11.01 9.67 44.29
N GLY B 78 -11.08 10.47 43.23
CA GLY B 78 -12.35 10.91 42.70
C GLY B 78 -12.91 10.00 41.62
N ASP B 79 -12.39 8.77 41.56
CA ASP B 79 -12.74 7.85 40.48
C ASP B 79 -13.12 6.46 40.94
N CYS B 80 -13.81 5.73 40.07
CA CYS B 80 -14.12 4.34 40.29
C CYS B 80 -13.37 3.46 39.29
N TYR B 81 -13.02 2.26 39.73
CA TYR B 81 -12.25 1.33 38.91
C TYR B 81 -12.90 -0.03 38.95
N ILE B 82 -12.84 -0.73 37.82
CA ILE B 82 -13.34 -2.10 37.73
C ILE B 82 -12.15 -3.05 37.59
N ILE B 83 -11.94 -3.85 38.63
CA ILE B 83 -10.86 -4.84 38.67
C ILE B 83 -11.40 -6.24 38.42
N LEU B 84 -10.94 -6.86 37.33
CA LEU B 84 -11.35 -8.20 36.96
C LEU B 84 -10.27 -9.22 37.25
N TYR B 85 -10.59 -10.18 38.10
CA TYR B 85 -9.70 -11.29 38.41
C TYR B 85 -10.26 -12.57 37.80
N THR B 86 -9.49 -13.19 36.91
CA THR B 86 -9.90 -14.44 36.27
C THR B 86 -8.98 -15.59 36.63
N TYR B 87 -9.60 -16.66 37.11
CA TYR B 87 -8.92 -17.87 37.54
C TYR B 87 -9.75 -19.05 37.04
N PRO B 88 -9.11 -20.20 36.77
CA PRO B 88 -9.73 -21.39 36.19
C PRO B 88 -11.22 -21.63 36.53
N ARG B 89 -11.57 -21.60 37.81
CA ARG B 89 -12.91 -21.99 38.27
C ARG B 89 -14.00 -20.93 38.01
N GLY B 90 -13.66 -19.65 38.16
CA GLY B 90 -14.62 -18.58 37.96
C GLY B 90 -14.02 -17.19 37.79
N GLN B 91 -14.78 -16.17 38.18
CA GLN B 91 -14.39 -14.77 38.00
C GLN B 91 -14.71 -13.98 39.26
N ILE B 92 -13.91 -12.95 39.54
CA ILE B 92 -14.22 -12.00 40.60
C ILE B 92 -14.11 -10.59 40.06
N ILE B 93 -15.16 -9.80 40.24
CA ILE B 93 -15.13 -8.38 39.89
C ILE B 93 -15.11 -7.53 41.16
N TYR B 94 -13.97 -6.87 41.39
CA TYR B 94 -13.89 -5.85 42.44
C TYR B 94 -14.20 -4.49 41.80
N THR B 95 -15.23 -3.83 42.33
CA THR B 95 -15.58 -2.48 41.92
C THR B 95 -15.00 -1.51 42.94
N TRP B 96 -13.84 -0.95 42.64
CA TRP B 96 -13.19 -0.02 43.55
C TRP B 96 -13.77 1.39 43.43
N GLN B 97 -14.36 1.87 44.50
CA GLN B 97 -15.01 3.18 44.51
C GLN B 97 -14.21 4.14 45.37
N GLY B 98 -13.76 5.23 44.76
CA GLY B 98 -12.96 6.22 45.47
C GLY B 98 -13.81 6.98 46.47
N ALA B 99 -13.21 7.28 47.62
CA ALA B 99 -13.88 8.02 48.69
C ALA B 99 -14.40 9.38 48.24
N ASN B 100 -13.79 9.93 47.19
CA ASN B 100 -14.23 11.21 46.62
C ASN B 100 -15.05 11.13 45.34
N ALA B 101 -15.30 9.90 44.89
CA ALA B 101 -16.10 9.69 43.70
C ALA B 101 -17.48 10.30 43.90
N THR B 102 -17.98 11.00 42.89
CA THR B 102 -19.35 11.53 42.92
C THR B 102 -20.34 10.39 42.78
N ARG B 103 -21.53 10.56 43.36
CA ARG B 103 -22.58 9.54 43.30
C ARG B 103 -22.94 9.15 41.86
N ASP B 104 -22.69 10.07 40.93
CA ASP B 104 -22.84 9.80 39.49
C ASP B 104 -21.89 8.69 39.03
N GLU B 105 -20.64 8.74 39.49
CA GLU B 105 -19.64 7.72 39.17
C GLU B 105 -19.98 6.38 39.84
N LEU B 106 -20.45 6.45 41.09
CA LEU B 106 -20.86 5.26 41.84
C LEU B 106 -21.96 4.47 41.14
N THR B 107 -22.87 5.17 40.48
CA THR B 107 -23.94 4.53 39.72
C THR B 107 -23.43 3.93 38.41
N THR B 108 -22.56 4.67 37.71
CA THR B 108 -21.98 4.19 36.46
C THR B 108 -21.09 2.97 36.71
N SER B 109 -20.33 2.99 37.80
CA SER B 109 -19.48 1.86 38.16
C SER B 109 -20.31 0.61 38.39
N ALA B 110 -21.40 0.74 39.12
CA ALA B 110 -22.30 -0.38 39.39
C ALA B 110 -22.95 -0.88 38.09
N PHE B 111 -23.37 0.06 37.23
CA PHE B 111 -23.95 -0.25 35.93
C PHE B 111 -22.95 -1.00 35.04
N LEU B 112 -21.68 -0.62 35.11
CA LEU B 112 -20.66 -1.20 34.25
C LEU B 112 -20.18 -2.59 34.68
N THR B 113 -20.21 -2.87 35.98
CA THR B 113 -19.87 -4.21 36.49
C THR B 113 -20.99 -5.20 36.17
N VAL B 114 -22.22 -4.69 36.11
CA VAL B 114 -23.36 -5.47 35.63
C VAL B 114 -23.16 -5.80 34.16
N GLN B 115 -22.80 -4.77 33.37
CA GLN B 115 -22.46 -4.95 31.95
C GLN B 115 -21.33 -5.96 31.76
N LEU B 116 -20.29 -5.86 32.59
CA LEU B 116 -19.16 -6.78 32.54
C LEU B 116 -19.59 -8.20 32.89
N ASP B 117 -20.31 -8.34 34.00
CA ASP B 117 -20.74 -9.65 34.48
C ASP B 117 -21.63 -10.36 33.46
N ARG B 118 -22.54 -9.60 32.84
CA ARG B 118 -23.47 -10.14 31.86
C ARG B 118 -22.76 -10.62 30.60
N SER B 119 -21.64 -9.99 30.27
CA SER B 119 -20.86 -10.37 29.10
C SER B 119 -19.99 -11.60 29.36
N LEU B 120 -19.82 -11.95 30.64
CA LEU B 120 -19.06 -13.13 31.03
C LEU B 120 -19.96 -14.33 31.30
N GLY B 121 -21.27 -14.10 31.25
CA GLY B 121 -22.25 -15.17 31.43
C GLY B 121 -23.11 -14.99 32.67
N GLY B 122 -22.73 -14.05 33.52
CA GLY B 122 -23.41 -13.82 34.80
C GLY B 122 -22.87 -14.70 35.91
N GLN B 123 -21.68 -15.29 35.69
CA GLN B 123 -21.09 -16.25 36.63
C GLN B 123 -20.21 -15.58 37.68
N ALA B 124 -19.83 -14.33 37.42
CA ALA B 124 -18.84 -13.64 38.24
C ALA B 124 -19.36 -13.21 39.60
N VAL B 125 -18.49 -13.32 40.60
CA VAL B 125 -18.75 -12.77 41.91
C VAL B 125 -18.48 -11.26 41.83
N GLN B 126 -19.37 -10.49 42.43
CA GLN B 126 -19.22 -9.04 42.42
C GLN B 126 -19.00 -8.54 43.85
N ILE B 127 -17.93 -7.78 44.04
CA ILE B 127 -17.60 -7.23 45.35
C ILE B 127 -17.38 -5.72 45.26
N ARG B 128 -18.24 -4.97 45.96
CA ARG B 128 -18.16 -3.52 46.01
C ARG B 128 -17.12 -3.07 47.03
N VAL B 129 -16.04 -2.47 46.53
CA VAL B 129 -14.94 -2.08 47.41
C VAL B 129 -14.89 -0.57 47.57
N SER B 130 -15.12 -0.10 48.79
CA SER B 130 -14.86 1.30 49.16
C SER B 130 -13.37 1.52 49.32
N GLN B 131 -12.92 2.75 49.03
CA GLN B 131 -11.53 3.13 49.25
C GLN B 131 -11.10 2.85 50.69
N GLY B 132 -9.99 2.13 50.86
CA GLY B 132 -9.45 1.81 52.18
C GLY B 132 -10.08 0.60 52.85
N LYS B 133 -11.15 0.09 52.25
CA LYS B 133 -11.85 -1.09 52.75
C LYS B 133 -11.71 -2.23 51.74
N GLU B 134 -10.50 -2.39 51.20
CA GLU B 134 -10.15 -3.46 50.27
C GLU B 134 -9.92 -4.77 51.01
N PRO B 135 -10.46 -5.89 50.47
CA PRO B 135 -10.22 -7.23 51.04
C PRO B 135 -8.80 -7.72 50.79
N VAL B 136 -8.32 -8.64 51.63
CA VAL B 136 -6.91 -9.10 51.56
C VAL B 136 -6.50 -9.63 50.17
N HIS B 137 -7.47 -10.22 49.47
CA HIS B 137 -7.26 -10.80 48.13
C HIS B 137 -6.93 -9.70 47.13
N LEU B 138 -7.84 -8.73 46.98
CA LEU B 138 -7.61 -7.59 46.10
C LEU B 138 -6.30 -6.86 46.41
N LEU B 139 -5.78 -7.04 47.62
CA LEU B 139 -4.52 -6.40 47.99
C LEU B 139 -3.30 -7.19 47.54
N SER B 140 -3.36 -8.52 47.68
CA SER B 140 -2.32 -9.44 47.24
C SER B 140 -2.11 -9.37 45.71
N LEU B 141 -3.11 -8.82 45.03
CA LEU B 141 -3.06 -8.61 43.58
C LEU B 141 -2.19 -7.43 43.19
N PHE B 142 -1.84 -6.58 44.16
CA PHE B 142 -1.00 -5.43 43.85
C PHE B 142 0.49 -5.66 43.96
N LYS B 143 0.87 -6.94 43.99
CA LYS B 143 2.25 -7.35 43.75
C LYS B 143 3.23 -6.46 44.53
N ASP B 144 3.26 -6.65 45.85
CA ASP B 144 3.99 -5.77 46.78
C ASP B 144 4.37 -4.36 46.28
N LYS B 145 3.55 -3.85 45.37
CA LYS B 145 3.62 -2.46 45.00
C LYS B 145 2.73 -1.70 45.98
N PRO B 146 3.20 -0.55 46.44
CA PRO B 146 2.38 0.37 47.21
C PRO B 146 1.09 0.70 46.46
N LEU B 147 0.04 0.97 47.24
CA LEU B 147 -1.23 1.39 46.69
C LEU B 147 -1.23 2.95 46.81
N ILE B 148 -1.11 3.64 45.68
CA ILE B 148 -1.06 5.11 45.65
C ILE B 148 -2.42 5.76 45.33
N ILE B 149 -3.05 6.37 46.33
CA ILE B 149 -4.35 7.04 46.13
C ILE B 149 -4.26 8.56 45.90
N TYR B 150 -4.46 8.97 44.66
CA TYR B 150 -4.37 10.38 44.30
C TYR B 150 -5.66 11.11 44.65
N PRO B 165 0.59 22.26 42.10
CA PRO B 165 2.05 22.19 41.98
C PRO B 165 2.73 21.74 43.28
N THR B 166 2.22 22.20 44.43
CA THR B 166 2.71 21.73 45.71
C THR B 166 1.77 20.61 46.20
N ARG B 167 2.35 19.49 46.61
CA ARG B 167 1.55 18.30 46.96
C ARG B 167 2.06 17.62 48.22
N LEU B 168 1.14 17.10 49.03
CA LEU B 168 1.50 16.37 50.24
C LEU B 168 0.89 14.96 50.24
N PHE B 169 1.73 13.95 50.45
CA PHE B 169 1.29 12.54 50.46
C PHE B 169 1.52 11.91 51.83
N GLN B 170 0.51 11.21 52.35
CA GLN B 170 0.64 10.51 53.62
C GLN B 170 0.88 9.03 53.39
N VAL B 171 1.95 8.51 53.98
CA VAL B 171 2.31 7.10 53.82
C VAL B 171 2.07 6.28 55.09
N ARG B 172 1.19 5.28 55.00
CA ARG B 172 0.86 4.45 56.16
C ARG B 172 0.80 2.96 55.89
N ARG B 173 1.36 2.18 56.81
CA ARG B 173 1.19 0.72 56.84
C ARG B 173 0.76 0.32 58.23
N ASN B 174 -0.31 -0.47 58.32
CA ASN B 174 -0.68 -1.08 59.61
C ASN B 174 -0.92 -2.58 59.49
N LEU B 175 -0.25 -3.33 60.36
CA LEU B 175 -0.52 -4.76 60.56
C LEU B 175 -0.66 -5.55 59.25
N ALA B 176 0.46 -6.13 58.80
CA ALA B 176 0.56 -6.83 57.49
C ALA B 176 0.00 -5.99 56.31
N SER B 177 -1.02 -6.53 55.65
CA SER B 177 -1.77 -5.87 54.56
C SER B 177 -0.90 -5.19 53.50
N ILE B 178 -0.99 -3.87 53.37
CA ILE B 178 -0.34 -3.16 52.27
C ILE B 178 -0.05 -1.70 52.63
N THR B 179 1.07 -1.18 52.12
CA THR B 179 1.41 0.22 52.30
C THR B 179 0.51 1.07 51.42
N ARG B 180 -0.22 1.97 52.05
CA ARG B 180 -1.08 2.89 51.33
C ARG B 180 -0.43 4.26 51.35
N ILE B 181 -0.35 4.86 50.16
CA ILE B 181 0.12 6.23 49.99
C ILE B 181 -1.06 7.10 49.57
N VAL B 182 -1.37 8.12 50.37
CA VAL B 182 -2.57 8.92 50.14
C VAL B 182 -2.30 10.42 50.07
N GLU B 183 -2.70 11.05 48.96
CA GLU B 183 -2.57 12.49 48.81
C GLU B 183 -3.49 13.19 49.81
N VAL B 184 -2.96 14.22 50.47
CA VAL B 184 -3.70 14.97 51.49
C VAL B 184 -3.61 16.48 51.24
N ASP B 185 -4.43 17.25 51.96
CA ASP B 185 -4.36 18.71 51.94
C ASP B 185 -2.95 19.17 52.28
N VAL B 186 -2.49 20.24 51.63
CA VAL B 186 -1.15 20.78 51.86
C VAL B 186 -1.08 21.66 53.13
N ASP B 187 -1.61 21.18 54.24
CA ASP B 187 -1.54 21.90 55.52
C ASP B 187 -0.59 21.20 56.49
N ALA B 188 -0.14 21.95 57.49
CA ALA B 188 0.72 21.40 58.52
C ALA B 188 -0.04 20.44 59.42
N ASN B 189 -1.33 20.68 59.60
CA ASN B 189 -2.14 19.78 60.43
C ASN B 189 -2.63 18.54 59.68
N SER B 190 -2.08 18.33 58.50
CA SER B 190 -2.25 17.07 57.79
C SER B 190 -1.21 16.09 58.29
N LEU B 191 -0.15 16.64 58.90
CA LEU B 191 0.95 15.82 59.38
C LEU B 191 0.48 14.91 60.50
N ASN B 192 1.22 13.82 60.70
CA ASN B 192 0.84 12.79 61.64
C ASN B 192 2.08 12.06 62.15
N SER B 193 2.29 12.11 63.46
CA SER B 193 3.49 11.54 64.09
C SER B 193 3.69 10.05 63.82
N ASN B 194 2.63 9.35 63.44
CA ASN B 194 2.71 7.91 63.25
C ASN B 194 3.14 7.51 61.83
N ASP B 195 2.99 8.42 60.88
CA ASP B 195 3.24 8.09 59.48
C ASP B 195 4.38 8.91 58.86
N VAL B 196 4.74 8.58 57.62
CA VAL B 196 5.75 9.30 56.85
C VAL B 196 5.06 10.16 55.78
N PHE B 197 5.62 11.33 55.50
CA PHE B 197 5.00 12.23 54.55
C PHE B 197 5.99 12.63 53.47
N VAL B 198 5.47 12.84 52.26
CA VAL B 198 6.26 13.38 51.14
C VAL B 198 5.66 14.70 50.70
N LEU B 199 6.47 15.75 50.79
CA LEU B 199 6.05 17.08 50.35
C LEU B 199 6.75 17.39 49.05
N LYS B 200 6.02 17.30 47.95
CA LYS B 200 6.55 17.69 46.64
C LYS B 200 6.39 19.19 46.41
N LEU B 201 7.50 19.85 46.11
CA LEU B 201 7.52 21.29 45.82
C LEU B 201 7.44 21.49 44.32
N PRO B 202 7.05 22.70 43.87
CA PRO B 202 6.85 22.98 42.45
C PRO B 202 8.10 22.84 41.58
N GLN B 203 9.27 22.94 42.20
CA GLN B 203 10.55 22.88 41.49
C GLN B 203 11.07 21.45 41.26
N ASN B 204 10.21 20.46 41.50
CA ASN B 204 10.57 19.05 41.43
C ASN B 204 11.65 18.66 42.43
N SER B 205 11.45 19.10 43.67
CA SER B 205 12.26 18.68 44.80
C SER B 205 11.34 18.66 46.01
N GLY B 206 11.84 18.29 47.18
CA GLY B 206 11.01 18.31 48.37
C GLY B 206 11.55 17.60 49.59
N TYR B 207 10.64 17.28 50.50
CA TYR B 207 11.00 16.67 51.78
C TYR B 207 10.25 15.37 52.01
N ILE B 208 10.96 14.41 52.59
CA ILE B 208 10.35 13.24 53.21
C ILE B 208 10.40 13.47 54.71
N TRP B 209 9.23 13.64 55.31
CA TRP B 209 9.11 13.95 56.73
C TRP B 209 8.76 12.66 57.50
N VAL B 210 9.72 12.09 58.20
CA VAL B 210 9.50 10.85 58.95
C VAL B 210 8.93 11.15 60.32
N GLY B 211 7.71 10.68 60.57
CA GLY B 211 7.08 10.77 61.89
C GLY B 211 7.86 9.98 62.94
N LYS B 212 7.63 10.31 64.21
CA LYS B 212 8.36 9.69 65.31
C LYS B 212 8.04 8.20 65.49
N GLY B 213 6.81 7.82 65.14
CA GLY B 213 6.37 6.44 65.27
C GLY B 213 6.11 5.76 63.93
N ALA B 214 6.98 6.05 62.97
CA ALA B 214 6.82 5.52 61.61
C ALA B 214 7.68 4.29 61.36
N SER B 215 7.13 3.33 60.62
CA SER B 215 7.85 2.10 60.27
C SER B 215 8.81 2.29 59.09
N GLN B 216 9.78 1.39 58.98
CA GLN B 216 10.72 1.39 57.86
C GLN B 216 9.99 1.14 56.55
N GLU B 217 8.95 0.31 56.59
CA GLU B 217 8.16 -0.02 55.41
C GLU B 217 7.49 1.22 54.89
N GLU B 218 7.12 2.11 55.81
CA GLU B 218 6.50 3.38 55.47
C GLU B 218 7.48 4.33 54.79
N GLU B 219 8.73 4.30 55.23
CA GLU B 219 9.76 5.10 54.60
C GLU B 219 10.01 4.61 53.16
N LYS B 220 9.99 3.29 52.94
CA LYS B 220 10.13 2.72 51.59
C LYS B 220 9.01 3.16 50.65
N GLY B 221 7.78 3.22 51.16
CA GLY B 221 6.64 3.69 50.40
C GLY B 221 6.81 5.15 50.01
N ALA B 222 7.27 5.96 50.97
CA ALA B 222 7.60 7.34 50.72
C ALA B 222 8.58 7.47 49.55
N GLU B 223 9.68 6.76 49.64
CA GLU B 223 10.72 6.74 48.62
C GLU B 223 10.20 6.28 47.25
N TYR B 224 9.15 5.47 47.25
CA TYR B 224 8.52 5.01 46.02
C TYR B 224 7.69 6.11 45.33
N VAL B 225 6.85 6.82 46.09
CA VAL B 225 6.06 7.93 45.52
C VAL B 225 7.00 8.98 44.95
N ALA B 226 8.07 9.26 45.69
CA ALA B 226 9.07 10.23 45.27
C ALA B 226 9.51 9.96 43.84
N SER B 227 9.79 8.70 43.55
CA SER B 227 10.27 8.31 42.23
C SER B 227 9.17 8.37 41.17
N VAL B 228 7.92 8.14 41.57
CA VAL B 228 6.77 8.25 40.66
C VAL B 228 6.52 9.72 40.29
N LEU B 229 6.70 10.59 41.28
CA LEU B 229 6.53 12.02 41.10
C LEU B 229 7.79 12.67 40.50
N LYS B 230 8.85 11.89 40.32
CA LYS B 230 10.14 12.38 39.84
C LYS B 230 10.61 13.54 40.73
N CYS B 231 10.67 13.27 42.02
CA CYS B 231 10.91 14.29 43.02
C CYS B 231 12.20 14.03 43.81
N LYS B 232 13.07 15.05 43.85
CA LYS B 232 14.37 14.97 44.53
C LYS B 232 14.24 15.33 46.00
N THR B 233 14.25 14.31 46.87
CA THR B 233 13.86 14.52 48.27
C THR B 233 15.00 14.65 49.25
N LEU B 234 14.78 15.47 50.27
CA LEU B 234 15.64 15.57 51.44
C LEU B 234 14.90 14.95 52.62
N ARG B 235 15.57 14.07 53.35
CA ARG B 235 14.95 13.40 54.48
C ARG B 235 15.12 14.18 55.78
N ILE B 236 13.99 14.61 56.32
CA ILE B 236 13.97 15.34 57.57
C ILE B 236 13.14 14.56 58.59
N GLN B 237 13.49 14.72 59.86
CA GLN B 237 12.83 14.00 60.93
C GLN B 237 11.94 14.92 61.76
N GLU B 238 10.87 14.37 62.33
CA GLU B 238 9.98 15.11 63.21
C GLU B 238 10.76 15.70 64.39
N GLY B 239 10.63 17.02 64.56
CA GLY B 239 11.39 17.75 65.59
C GLY B 239 12.62 18.44 65.02
N GLU B 240 13.10 17.93 63.89
CA GLU B 240 14.32 18.44 63.23
C GLU B 240 14.01 19.06 61.87
N GLU B 241 12.78 19.53 61.70
CA GLU B 241 12.38 20.18 60.47
C GLU B 241 13.13 21.50 60.27
N PRO B 242 13.66 21.74 59.06
CA PRO B 242 14.18 23.05 58.74
C PRO B 242 13.03 24.03 58.60
N GLU B 243 13.32 25.31 58.45
CA GLU B 243 12.25 26.30 58.43
C GLU B 243 11.54 26.45 57.08
N GLU B 244 12.14 25.96 55.99
CA GLU B 244 11.49 26.03 54.68
C GLU B 244 10.40 24.96 54.52
N PHE B 245 10.51 23.90 55.31
CA PHE B 245 9.50 22.85 55.29
C PHE B 245 8.14 23.40 55.74
N TRP B 246 8.18 24.24 56.77
CA TRP B 246 6.95 24.86 57.29
C TRP B 246 6.40 25.92 56.34
N ASN B 247 7.29 26.65 55.69
CA ASN B 247 6.90 27.66 54.71
C ASN B 247 6.15 27.07 53.52
N SER B 248 6.54 25.87 53.12
CA SER B 248 5.95 25.20 51.98
C SER B 248 4.59 24.59 52.29
N LEU B 249 4.35 24.32 53.57
CA LEU B 249 3.04 23.85 54.05
C LEU B 249 2.14 25.04 54.42
N GLY B 250 2.69 26.24 54.28
CA GLY B 250 1.96 27.47 54.58
C GLY B 250 1.88 27.75 56.07
N GLY B 251 2.99 27.54 56.77
CA GLY B 251 3.08 27.83 58.21
C GLY B 251 3.06 26.59 59.08
N LYS B 252 3.74 26.69 60.23
CA LYS B 252 3.77 25.61 61.20
C LYS B 252 2.52 25.66 62.07
N LYS B 253 1.74 24.60 62.02
CA LYS B 253 0.54 24.47 62.84
C LYS B 253 0.68 23.25 63.75
N ASP B 254 -0.38 22.93 64.48
CA ASP B 254 -0.40 21.72 65.30
C ASP B 254 -1.02 20.54 64.55
N TYR B 255 -0.24 19.48 64.41
CA TYR B 255 -0.67 18.32 63.63
C TYR B 255 -1.18 17.17 64.49
N GLN B 256 -1.65 16.11 63.83
CA GLN B 256 -2.18 14.92 64.51
C GLN B 256 -1.08 14.16 65.24
N THR B 257 -1.03 14.36 66.56
CA THR B 257 0.01 13.79 67.38
C THR B 257 -0.52 13.41 68.76
N SER B 258 0.10 12.41 69.39
CA SER B 258 -0.24 11.97 70.74
C SER B 258 0.82 10.99 71.21
N PRO B 259 0.94 10.77 72.54
CA PRO B 259 1.86 9.77 73.07
C PRO B 259 1.93 8.46 72.28
N LEU B 260 0.78 7.89 71.91
CA LEU B 260 0.78 6.61 71.20
C LEU B 260 0.81 6.75 69.69
N LEU B 261 0.48 7.93 69.18
CA LEU B 261 0.72 8.25 67.77
C LEU B 261 2.22 8.46 67.52
N GLU B 262 2.89 9.02 68.52
CA GLU B 262 4.35 9.22 68.52
C GLU B 262 5.12 7.89 68.55
N THR B 263 4.47 6.78 68.91
CA THR B 263 5.17 5.51 69.03
C THR B 263 4.94 4.58 67.84
N GLN B 264 6.03 3.96 67.40
CA GLN B 264 5.95 2.78 66.55
C GLN B 264 5.92 1.55 67.46
N ALA B 265 4.71 1.06 67.66
CA ALA B 265 4.39 -0.02 68.58
C ALA B 265 2.93 -0.35 68.30
N GLU B 266 2.58 -1.63 68.36
CA GLU B 266 1.22 -2.03 68.03
C GLU B 266 0.63 -3.04 69.02
N ASP B 267 1.06 -2.94 70.28
CA ASP B 267 0.63 -3.87 71.34
C ASP B 267 -0.90 -3.92 71.43
N HIS B 268 -1.53 -2.76 71.31
CA HIS B 268 -2.97 -2.69 71.16
C HIS B 268 -3.38 -1.70 70.07
N PRO B 269 -3.58 -2.24 68.86
CA PRO B 269 -4.01 -1.48 67.69
C PRO B 269 -5.45 -1.03 67.86
N PRO B 270 -5.80 0.16 67.32
CA PRO B 270 -7.12 0.77 67.52
C PRO B 270 -8.26 -0.09 67.02
N ARG B 271 -9.36 -0.08 67.75
CA ARG B 271 -10.56 -0.79 67.33
C ARG B 271 -11.79 0.14 67.33
N LEU B 272 -12.55 0.09 66.25
CA LEU B 272 -13.70 0.97 66.03
C LEU B 272 -15.02 0.20 66.04
N TYR B 273 -15.98 0.72 66.78
CA TYR B 273 -17.30 0.10 66.91
C TYR B 273 -18.40 1.05 66.45
N GLY B 274 -19.44 0.48 65.85
CA GLY B 274 -20.65 1.22 65.49
C GLY B 274 -21.77 0.94 66.48
N CYS B 275 -22.18 1.97 67.21
CA CYS B 275 -23.26 1.86 68.19
C CYS B 275 -24.53 2.53 67.67
N SER B 276 -25.57 1.72 67.52
CA SER B 276 -26.83 2.17 66.95
C SER B 276 -28.02 1.53 67.64
N ASN B 277 -29.20 2.13 67.43
CA ASN B 277 -30.45 1.54 67.90
C ASN B 277 -31.54 1.57 66.83
N LYS B 278 -31.13 1.63 65.56
CA LYS B 278 -32.05 1.68 64.44
C LYS B 278 -32.88 0.39 64.29
N THR B 279 -32.38 -0.71 64.87
CA THR B 279 -33.07 -2.00 64.88
C THR B 279 -34.01 -2.18 66.08
N GLY B 280 -34.21 -1.09 66.84
CA GLY B 280 -35.07 -1.13 68.01
C GLY B 280 -34.26 -1.22 69.29
N ARG B 281 -33.59 -2.36 69.47
CA ARG B 281 -32.65 -2.54 70.57
C ARG B 281 -31.36 -1.79 70.26
N PHE B 282 -30.65 -1.38 71.31
CA PHE B 282 -29.35 -0.75 71.15
C PHE B 282 -28.25 -1.81 71.03
N VAL B 283 -27.63 -1.92 69.85
CA VAL B 283 -26.58 -2.90 69.62
C VAL B 283 -25.24 -2.25 69.24
N ILE B 284 -24.17 -2.70 69.90
CA ILE B 284 -22.82 -2.29 69.54
C ILE B 284 -22.16 -3.41 68.76
N GLU B 285 -21.70 -3.09 67.55
CA GLU B 285 -21.00 -4.05 66.72
C GLU B 285 -19.69 -3.49 66.17
N GLU B 286 -18.68 -4.35 66.09
CA GLU B 286 -17.35 -3.96 65.68
C GLU B 286 -17.24 -3.80 64.17
N ILE B 287 -16.50 -2.78 63.74
CA ILE B 287 -16.15 -2.61 62.33
C ILE B 287 -15.01 -3.57 61.98
N PRO B 288 -15.24 -4.46 61.00
CA PRO B 288 -14.23 -5.47 60.67
C PRO B 288 -13.14 -4.96 59.73
N GLY B 289 -11.92 -5.48 59.91
CA GLY B 289 -10.78 -5.17 59.04
C GLY B 289 -10.19 -3.80 59.30
N GLU B 290 -9.65 -3.17 58.25
CA GLU B 290 -9.16 -1.80 58.31
C GLU B 290 -10.39 -0.91 58.35
N PHE B 291 -10.34 0.14 59.15
CA PHE B 291 -11.43 1.11 59.15
C PHE B 291 -10.96 2.47 58.65
N THR B 292 -11.90 3.25 58.12
CA THR B 292 -11.61 4.59 57.64
C THR B 292 -12.71 5.56 58.01
N GLN B 293 -12.52 6.81 57.59
CA GLN B 293 -13.45 7.90 57.87
C GLN B 293 -14.91 7.60 57.51
N ASP B 294 -15.13 6.97 56.36
CA ASP B 294 -16.48 6.69 55.87
C ASP B 294 -17.19 5.58 56.67
N ASP B 295 -16.47 4.91 57.55
CA ASP B 295 -17.05 3.90 58.43
C ASP B 295 -17.81 4.55 59.59
N LEU B 296 -17.50 5.82 59.82
CA LEU B 296 -18.17 6.61 60.86
C LEU B 296 -19.59 6.92 60.42
N ALA B 297 -20.55 6.18 60.99
CA ALA B 297 -21.96 6.32 60.65
C ALA B 297 -22.47 7.68 61.06
N GLU B 298 -22.67 8.54 60.06
CA GLU B 298 -23.14 9.90 60.26
C GLU B 298 -24.37 10.00 61.18
N ASP B 299 -25.19 8.95 61.18
CA ASP B 299 -26.45 8.94 61.94
C ASP B 299 -26.43 8.08 63.20
N ASP B 300 -25.24 7.73 63.68
CA ASP B 300 -25.09 6.89 64.87
C ASP B 300 -23.94 7.36 65.76
N VAL B 301 -23.57 6.52 66.73
CA VAL B 301 -22.46 6.82 67.61
C VAL B 301 -21.34 5.82 67.37
N MET B 302 -20.10 6.31 67.35
CA MET B 302 -18.94 5.48 67.10
C MET B 302 -18.01 5.45 68.29
N LEU B 303 -17.62 4.24 68.69
CA LEU B 303 -16.62 4.03 69.73
C LEU B 303 -15.27 3.70 69.12
N LEU B 304 -14.26 4.51 69.42
CA LEU B 304 -12.89 4.21 69.03
C LEU B 304 -12.03 3.97 70.26
N ASP B 305 -11.73 2.70 70.51
CA ASP B 305 -10.83 2.32 71.60
C ASP B 305 -9.40 2.44 71.11
N ALA B 306 -8.77 3.54 71.47
CA ALA B 306 -7.38 3.80 71.11
C ALA B 306 -6.44 3.31 72.21
N TRP B 307 -6.97 2.46 73.08
CA TRP B 307 -6.23 1.83 74.18
C TRP B 307 -5.86 2.81 75.30
N GLU B 308 -5.06 3.81 74.95
CA GLU B 308 -4.66 4.88 75.89
C GLU B 308 -5.82 5.84 76.15
N GLN B 309 -6.88 5.71 75.36
CA GLN B 309 -7.96 6.67 75.34
C GLN B 309 -9.15 6.04 74.64
N ILE B 310 -10.36 6.35 75.09
CA ILE B 310 -11.55 5.89 74.40
C ILE B 310 -12.35 7.09 73.91
N PHE B 311 -12.55 7.13 72.59
CA PHE B 311 -13.31 8.20 71.96
C PHE B 311 -14.75 7.77 71.67
N ILE B 312 -15.68 8.66 71.97
CA ILE B 312 -17.07 8.45 71.57
C ILE B 312 -17.41 9.55 70.58
N TRP B 313 -17.51 9.16 69.31
CA TRP B 313 -17.77 10.06 68.21
C TRP B 313 -19.28 10.13 67.96
N ILE B 314 -19.85 11.31 68.14
CA ILE B 314 -21.29 11.50 67.97
C ILE B 314 -21.62 12.10 66.60
N GLY B 315 -22.36 11.35 65.80
CA GLY B 315 -22.83 11.82 64.50
C GLY B 315 -23.92 12.86 64.67
N LYS B 316 -24.03 13.75 63.68
CA LYS B 316 -25.02 14.84 63.71
C LYS B 316 -26.47 14.35 63.84
N ASP B 317 -26.66 13.04 63.76
CA ASP B 317 -28.01 12.46 63.71
C ASP B 317 -28.26 11.29 64.66
N ALA B 318 -27.43 11.17 65.69
CA ALA B 318 -27.58 10.09 66.65
C ALA B 318 -28.70 10.36 67.67
N ASN B 319 -29.32 9.29 68.16
CA ASN B 319 -30.23 9.34 69.30
C ASN B 319 -29.47 9.82 70.53
N GLU B 320 -30.21 10.36 71.49
CA GLU B 320 -29.66 10.60 72.80
C GLU B 320 -29.42 9.29 73.54
N VAL B 321 -30.25 8.28 73.27
CA VAL B 321 -30.08 6.97 73.89
C VAL B 321 -28.83 6.29 73.33
N GLU B 322 -28.61 6.42 72.03
CA GLU B 322 -27.42 5.90 71.37
C GLU B 322 -26.16 6.44 72.04
N LYS B 323 -26.15 7.74 72.31
CA LYS B 323 -25.03 8.42 72.98
C LYS B 323 -24.79 7.88 74.39
N LYS B 324 -25.83 7.85 75.20
CA LYS B 324 -25.69 7.53 76.61
C LYS B 324 -25.55 6.04 76.84
N GLU B 325 -26.11 5.23 75.94
CA GLU B 325 -25.98 3.78 76.04
C GLU B 325 -24.57 3.33 75.66
N SER B 326 -23.96 4.05 74.72
CA SER B 326 -22.58 3.74 74.34
C SER B 326 -21.61 4.11 75.45
N LEU B 327 -21.78 5.31 76.03
CA LEU B 327 -21.03 5.75 77.22
C LEU B 327 -21.06 4.69 78.32
N LYS B 328 -22.24 4.11 78.54
CA LYS B 328 -22.45 3.09 79.56
C LYS B 328 -21.58 1.87 79.25
N SER B 329 -21.48 1.57 77.96
CA SER B 329 -20.73 0.42 77.46
C SER B 329 -19.23 0.72 77.40
N ALA B 330 -18.90 2.00 77.29
CA ALA B 330 -17.52 2.45 77.31
C ALA B 330 -16.95 2.30 78.71
N LYS B 331 -17.78 2.59 79.70
CA LYS B 331 -17.42 2.43 81.10
C LYS B 331 -17.33 0.95 81.53
N MET B 332 -18.22 0.12 80.97
CA MET B 332 -18.20 -1.34 81.11
C MET B 332 -16.93 -2.00 80.60
N TYR B 333 -16.49 -1.55 79.43
CA TYR B 333 -15.34 -2.07 78.72
C TYR B 333 -14.03 -1.83 79.47
N LEU B 334 -13.96 -0.70 80.17
CA LEU B 334 -12.77 -0.31 80.91
C LEU B 334 -12.61 -1.12 82.19
N GLU B 335 -13.72 -1.28 82.93
CA GLU B 335 -13.72 -1.96 84.22
C GLU B 335 -13.23 -3.40 84.12
N THR B 336 -13.67 -4.10 83.08
CA THR B 336 -13.35 -5.50 82.87
C THR B 336 -12.38 -5.66 81.69
N ASP B 337 -11.09 -5.51 81.96
CA ASP B 337 -10.06 -5.60 80.93
C ASP B 337 -8.81 -6.28 81.48
N PRO B 338 -8.11 -7.05 80.63
CA PRO B 338 -6.76 -7.59 80.90
C PRO B 338 -5.68 -6.54 81.22
N SER B 339 -6.09 -5.35 81.65
CA SER B 339 -5.19 -4.24 81.99
C SER B 339 -5.96 -3.26 82.87
N GLY B 340 -7.16 -2.93 82.40
CA GLY B 340 -8.18 -2.28 83.21
C GLY B 340 -8.14 -0.78 83.28
N ARG B 341 -8.85 -0.26 84.28
CA ARG B 341 -8.98 1.17 84.54
C ARG B 341 -7.64 1.79 84.98
N ASP B 342 -6.68 1.78 84.06
CA ASP B 342 -5.31 2.22 84.32
C ASP B 342 -5.34 3.71 84.68
N LYS B 343 -5.26 3.98 85.99
CA LYS B 343 -5.48 5.31 86.60
C LYS B 343 -6.86 5.88 86.17
N ARG B 344 -7.70 4.98 85.66
CA ARG B 344 -8.83 5.31 84.79
C ARG B 344 -8.31 5.92 83.49
N THR B 345 -8.36 5.12 82.44
CA THR B 345 -8.09 5.56 81.09
C THR B 345 -9.17 6.58 80.67
N PRO B 346 -8.75 7.75 80.13
CA PRO B 346 -9.67 8.80 79.72
C PRO B 346 -10.74 8.33 78.74
N ILE B 347 -11.87 9.01 78.74
CA ILE B 347 -12.97 8.70 77.84
C ILE B 347 -13.56 10.02 77.33
N VAL B 348 -13.11 10.40 76.14
CA VAL B 348 -13.39 11.72 75.56
C VAL B 348 -14.56 11.66 74.59
N ILE B 349 -15.52 12.56 74.77
CA ILE B 349 -16.68 12.62 73.89
C ILE B 349 -16.48 13.67 72.79
N ILE B 350 -16.71 13.26 71.55
CA ILE B 350 -16.34 14.03 70.37
C ILE B 350 -17.52 14.28 69.43
N LYS B 351 -17.73 15.54 69.07
CA LYS B 351 -18.77 15.93 68.11
C LYS B 351 -18.26 15.85 66.66
N GLN B 352 -19.16 15.53 65.73
CA GLN B 352 -18.81 15.44 64.32
C GLN B 352 -18.37 16.81 63.83
N GLY B 353 -17.26 16.86 63.11
CA GLY B 353 -16.75 18.14 62.60
C GLY B 353 -16.04 18.96 63.65
N HIS B 354 -15.82 18.34 64.81
CA HIS B 354 -15.12 18.96 65.94
C HIS B 354 -13.99 18.05 66.43
N GLU B 355 -13.65 17.05 65.62
CA GLU B 355 -12.71 16.01 66.03
C GLU B 355 -11.33 16.58 66.32
N PRO B 356 -10.74 16.25 67.48
CA PRO B 356 -9.40 16.69 67.85
C PRO B 356 -8.33 15.92 67.07
N PRO B 357 -7.15 16.52 66.88
CA PRO B 357 -6.08 15.86 66.13
C PRO B 357 -5.73 14.49 66.71
N THR B 358 -5.85 14.37 68.03
CA THR B 358 -5.55 13.13 68.75
C THR B 358 -6.46 11.95 68.37
N PHE B 359 -7.68 12.26 67.94
CA PHE B 359 -8.63 11.27 67.41
C PHE B 359 -8.43 11.05 65.91
N THR B 360 -8.29 12.15 65.19
CA THR B 360 -8.17 12.17 63.74
C THR B 360 -6.97 11.36 63.24
N GLY B 361 -5.91 11.32 64.06
CA GLY B 361 -4.66 10.65 63.71
C GLY B 361 -4.75 9.16 63.41
N TRP B 362 -5.76 8.50 63.99
CA TRP B 362 -5.94 7.07 63.79
C TRP B 362 -6.55 6.71 62.43
N PHE B 363 -6.79 7.72 61.60
CA PHE B 363 -7.39 7.54 60.27
C PHE B 363 -6.44 7.97 59.17
N LEU B 364 -6.41 7.21 58.08
CA LEU B 364 -5.55 7.52 56.95
C LEU B 364 -6.15 8.60 56.07
N GLY B 365 -5.41 9.69 55.91
CA GLY B 365 -5.96 10.91 55.36
C GLY B 365 -6.98 11.45 56.34
N TRP B 366 -7.74 12.44 55.91
CA TRP B 366 -8.82 13.00 56.68
C TRP B 366 -9.27 14.26 55.98
N ASP B 367 -10.40 14.18 55.28
CA ASP B 367 -11.08 15.37 54.78
C ASP B 367 -11.48 16.14 56.02
N SER B 368 -10.73 17.21 56.27
CA SER B 368 -10.72 17.87 57.58
C SER B 368 -12.05 18.52 57.95
N GLY C 52 14.85 -22.35 12.85
CA GLY C 52 15.52 -21.62 11.75
C GLY C 52 14.80 -20.34 11.34
N LYS C 53 15.11 -19.25 12.05
CA LYS C 53 14.48 -17.94 11.82
C LYS C 53 14.90 -17.38 10.48
N VAL C 54 13.98 -16.70 9.79
CA VAL C 54 14.29 -16.12 8.47
C VAL C 54 14.02 -14.62 8.46
N GLU C 55 14.99 -13.84 7.98
CA GLU C 55 14.86 -12.39 7.84
C GLU C 55 15.26 -11.98 6.44
N ILE C 56 14.45 -11.11 5.83
CA ILE C 56 14.73 -10.65 4.47
C ILE C 56 14.80 -9.13 4.40
N TRP C 57 15.82 -8.65 3.71
CA TRP C 57 16.01 -7.24 3.48
C TRP C 57 16.17 -6.95 1.99
N ARG C 58 15.51 -5.87 1.55
CA ARG C 58 15.66 -5.30 0.22
C ARG C 58 16.81 -4.30 0.29
N VAL C 59 17.70 -4.36 -0.70
CA VAL C 59 18.83 -3.44 -0.79
C VAL C 59 18.34 -2.09 -1.33
N GLU C 60 18.57 -1.01 -0.57
CA GLU C 60 18.05 0.31 -0.94
C GLU C 60 19.00 1.45 -0.55
N ASN C 61 19.49 2.14 -1.59
CA ASN C 61 20.56 3.13 -1.46
C ASN C 61 21.89 2.44 -1.11
N ASN C 62 22.29 2.49 0.16
CA ASN C 62 23.42 1.66 0.61
C ASN C 62 23.18 1.00 1.96
N GLY C 63 22.04 0.32 2.06
CA GLY C 63 21.63 -0.26 3.32
C GLY C 63 20.47 -1.21 3.13
N ARG C 64 19.97 -1.72 4.26
CA ARG C 64 18.94 -2.73 4.23
C ARG C 64 17.62 -2.15 4.72
N ILE C 65 16.56 -2.42 3.97
CA ILE C 65 15.22 -2.09 4.40
C ILE C 65 14.46 -3.39 4.58
N GLN C 66 13.87 -3.58 5.76
CA GLN C 66 13.10 -4.78 6.07
C GLN C 66 11.97 -4.99 5.06
N VAL C 67 11.91 -6.17 4.47
CA VAL C 67 10.85 -6.47 3.53
C VAL C 67 9.63 -6.97 4.29
N ASP C 68 8.45 -6.60 3.82
CA ASP C 68 7.16 -6.96 4.43
C ASP C 68 7.07 -8.47 4.67
N GLN C 69 6.71 -8.83 5.90
CA GLN C 69 6.58 -10.23 6.33
C GLN C 69 5.64 -11.07 5.43
N ASN C 70 4.50 -10.48 5.06
CA ASN C 70 3.57 -11.08 4.08
C ASN C 70 4.16 -11.23 2.68
N SER C 71 5.12 -10.37 2.34
CA SER C 71 5.68 -10.33 1.00
C SER C 71 6.89 -11.26 0.83
N TYR C 72 7.08 -12.18 1.78
CA TYR C 72 8.20 -13.13 1.70
C TYR C 72 8.02 -14.07 0.52
N GLY C 73 8.97 -14.03 -0.41
CA GLY C 73 8.89 -14.79 -1.64
C GLY C 73 8.60 -13.90 -2.84
N GLU C 74 8.11 -12.69 -2.56
CA GLU C 74 7.90 -11.66 -3.59
C GLU C 74 9.14 -10.78 -3.71
N PHE C 75 9.82 -10.90 -4.86
CA PHE C 75 11.05 -10.16 -5.15
C PHE C 75 10.90 -9.31 -6.40
N TYR C 76 11.56 -8.16 -6.44
CA TYR C 76 11.62 -7.36 -7.66
C TYR C 76 12.84 -7.77 -8.49
N GLY C 77 12.62 -7.93 -9.80
CA GLY C 77 13.66 -8.38 -10.71
C GLY C 77 14.90 -7.49 -10.81
N GLY C 78 14.72 -6.19 -10.61
CA GLY C 78 15.83 -5.25 -10.73
C GLY C 78 16.52 -4.93 -9.42
N ASP C 79 16.34 -5.82 -8.44
CA ASP C 79 16.83 -5.59 -7.09
C ASP C 79 17.63 -6.75 -6.50
N CYS C 80 18.37 -6.44 -5.44
CA CYS C 80 19.08 -7.45 -4.66
C CYS C 80 18.51 -7.53 -3.25
N TYR C 81 18.51 -8.74 -2.69
CA TYR C 81 17.96 -8.98 -1.39
C TYR C 81 18.96 -9.71 -0.52
N ILE C 82 18.93 -9.43 0.78
CA ILE C 82 19.77 -10.13 1.73
C ILE C 82 18.90 -11.00 2.63
N ILE C 83 19.03 -12.31 2.47
CA ILE C 83 18.25 -13.26 3.24
C ILE C 83 19.14 -13.87 4.33
N LEU C 84 18.72 -13.69 5.58
CA LEU C 84 19.47 -14.21 6.74
C LEU C 84 18.74 -15.38 7.37
N TYR C 85 19.43 -16.52 7.40
CA TYR C 85 18.91 -17.70 8.06
C TYR C 85 19.72 -17.97 9.31
N THR C 86 19.04 -17.99 10.45
CA THR C 86 19.69 -18.26 11.72
C THR C 86 19.16 -19.55 12.36
N TYR C 87 20.09 -20.46 12.61
CA TYR C 87 19.86 -21.65 13.44
C TYR C 87 20.73 -21.47 14.67
N PRO C 88 20.27 -21.97 15.85
CA PRO C 88 20.93 -21.62 17.12
C PRO C 88 22.47 -21.70 17.14
N ARG C 89 23.04 -22.45 16.20
CA ARG C 89 24.49 -22.68 16.14
C ARG C 89 25.09 -22.45 14.74
N GLY C 90 25.02 -21.21 14.26
CA GLY C 90 25.53 -20.85 12.94
C GLY C 90 24.56 -19.98 12.15
N GLN C 91 25.04 -19.42 11.03
CA GLN C 91 24.27 -18.47 10.23
C GLN C 91 24.50 -18.73 8.75
N ILE C 92 23.48 -18.47 7.94
CA ILE C 92 23.63 -18.48 6.49
C ILE C 92 23.06 -17.18 5.89
N ILE C 93 23.88 -16.50 5.09
CA ILE C 93 23.44 -15.32 4.36
C ILE C 93 23.32 -15.65 2.87
N TYR C 94 22.10 -15.68 2.37
CA TYR C 94 21.87 -15.76 0.94
C TYR C 94 21.73 -14.36 0.40
N THR C 95 22.60 -14.00 -0.54
CA THR C 95 22.52 -12.74 -1.24
C THR C 95 21.83 -12.95 -2.58
N TRP C 96 20.54 -12.64 -2.64
CA TRP C 96 19.75 -12.85 -3.85
C TRP C 96 19.91 -11.66 -4.79
N GLN C 97 20.46 -11.92 -5.97
CA GLN C 97 20.72 -10.89 -6.97
C GLN C 97 19.81 -11.05 -8.16
N GLY C 98 19.02 -10.03 -8.43
CA GLY C 98 18.05 -10.07 -9.52
C GLY C 98 18.75 -10.05 -10.86
N ALA C 99 18.23 -10.82 -11.81
CA ALA C 99 18.79 -10.90 -13.15
C ALA C 99 18.88 -9.54 -13.83
N ASN C 100 18.02 -8.60 -13.41
CA ASN C 100 18.01 -7.25 -13.98
C ASN C 100 18.67 -6.21 -13.11
N ALA C 101 19.25 -6.67 -12.01
CA ALA C 101 19.96 -5.76 -11.14
C ALA C 101 21.17 -5.21 -11.88
N THR C 102 21.36 -3.90 -11.75
CA THR C 102 22.54 -3.24 -12.29
C THR C 102 23.77 -3.66 -11.50
N ARG C 103 24.93 -3.65 -12.16
CA ARG C 103 26.20 -4.05 -11.53
C ARG C 103 26.51 -3.21 -10.30
N ASP C 104 25.95 -2.00 -10.26
CA ASP C 104 26.03 -1.13 -9.09
C ASP C 104 25.36 -1.75 -7.86
N GLU C 105 24.18 -2.32 -8.06
CA GLU C 105 23.45 -3.00 -6.99
C GLU C 105 24.16 -4.29 -6.57
N LEU C 106 24.73 -5.01 -7.53
CA LEU C 106 25.46 -6.25 -7.28
C LEU C 106 26.65 -6.04 -6.36
N THR C 107 27.31 -4.89 -6.50
CA THR C 107 28.44 -4.51 -5.64
C THR C 107 27.99 -4.08 -4.25
N THR C 108 26.89 -3.31 -4.19
CA THR C 108 26.33 -2.87 -2.91
C THR C 108 25.81 -4.06 -2.12
N SER C 109 25.16 -5.00 -2.80
CA SER C 109 24.66 -6.21 -2.14
C SER C 109 25.79 -7.00 -1.52
N ALA C 110 26.89 -7.17 -2.26
CA ALA C 110 28.05 -7.88 -1.74
C ALA C 110 28.69 -7.14 -0.58
N PHE C 111 28.76 -5.82 -0.69
CA PHE C 111 29.29 -4.96 0.37
C PHE C 111 28.45 -5.08 1.64
N LEU C 112 27.13 -5.18 1.48
CA LEU C 112 26.22 -5.18 2.61
C LEU C 112 26.13 -6.52 3.34
N THR C 113 26.35 -7.61 2.62
CA THR C 113 26.41 -8.93 3.26
C THR C 113 27.70 -9.08 4.06
N VAL C 114 28.76 -8.43 3.60
CA VAL C 114 30.01 -8.33 4.35
C VAL C 114 29.76 -7.53 5.62
N GLN C 115 29.09 -6.39 5.48
CA GLN C 115 28.68 -5.58 6.63
C GLN C 115 27.84 -6.38 7.63
N LEU C 116 26.86 -7.13 7.11
CA LEU C 116 26.01 -7.97 7.94
C LEU C 116 26.80 -9.07 8.63
N ASP C 117 27.65 -9.77 7.87
CA ASP C 117 28.43 -10.88 8.41
C ASP C 117 29.38 -10.43 9.53
N ARG C 118 30.02 -9.28 9.32
CA ARG C 118 30.95 -8.71 10.27
C ARG C 118 30.27 -8.31 11.57
N SER C 119 29.02 -7.89 11.48
CA SER C 119 28.26 -7.49 12.67
C SER C 119 27.73 -8.71 13.45
N LEU C 120 27.76 -9.88 12.83
CA LEU C 120 27.37 -11.14 13.48
C LEU C 120 28.58 -11.90 14.02
N GLY C 121 29.78 -11.39 13.78
CA GLY C 121 31.00 -12.00 14.27
C GLY C 121 31.90 -12.55 13.18
N GLY C 122 31.37 -12.63 11.96
CA GLY C 122 32.09 -13.18 10.82
C GLY C 122 31.96 -14.69 10.71
N GLN C 123 31.02 -15.24 11.44
CA GLN C 123 30.87 -16.69 11.50
C GLN C 123 30.00 -17.20 10.37
N ALA C 124 29.27 -16.29 9.72
CA ALA C 124 28.23 -16.65 8.76
C ALA C 124 28.78 -17.19 7.44
N VAL C 125 28.09 -18.21 6.92
CA VAL C 125 28.34 -18.69 5.57
C VAL C 125 27.66 -17.71 4.61
N GLN C 126 28.36 -17.36 3.53
CA GLN C 126 27.83 -16.44 2.56
C GLN C 126 27.64 -17.14 1.22
N ILE C 127 26.44 -17.06 0.68
CA ILE C 127 26.11 -17.70 -0.60
C ILE C 127 25.49 -16.70 -1.56
N ARG C 128 26.18 -16.47 -2.68
CA ARG C 128 25.74 -15.55 -3.71
C ARG C 128 24.73 -16.24 -4.64
N VAL C 129 23.48 -15.81 -4.56
CA VAL C 129 22.40 -16.43 -5.33
C VAL C 129 21.95 -15.53 -6.48
N SER C 130 22.18 -15.99 -7.71
CA SER C 130 21.61 -15.39 -8.91
C SER C 130 20.14 -15.77 -9.00
N GLN C 131 19.35 -14.90 -9.61
CA GLN C 131 17.93 -15.17 -9.86
C GLN C 131 17.77 -16.48 -10.63
N GLY C 132 16.88 -17.35 -10.15
CA GLY C 132 16.65 -18.65 -10.77
C GLY C 132 17.78 -19.63 -10.56
N LYS C 133 18.64 -19.35 -9.59
CA LYS C 133 19.79 -20.18 -9.28
C LYS C 133 19.89 -20.46 -7.78
N GLU C 134 18.74 -20.44 -7.10
CA GLU C 134 18.67 -20.71 -5.66
C GLU C 134 18.95 -22.17 -5.36
N PRO C 135 19.90 -22.42 -4.43
CA PRO C 135 20.15 -23.79 -3.96
C PRO C 135 18.97 -24.31 -3.13
N VAL C 136 18.90 -25.63 -2.94
CA VAL C 136 17.75 -26.28 -2.29
C VAL C 136 17.35 -25.68 -0.95
N HIS C 137 18.34 -25.46 -0.08
CA HIS C 137 18.06 -24.99 1.28
C HIS C 137 17.34 -23.65 1.33
N LEU C 138 17.78 -22.70 0.49
CA LEU C 138 17.11 -21.40 0.40
C LEU C 138 15.68 -21.60 -0.05
N LEU C 139 15.49 -22.19 -1.22
CA LEU C 139 14.14 -22.38 -1.76
C LEU C 139 13.19 -22.85 -0.68
N SER C 140 13.61 -23.86 0.08
CA SER C 140 12.79 -24.48 1.13
C SER C 140 12.35 -23.52 2.24
N LEU C 141 13.15 -22.50 2.51
CA LEU C 141 12.78 -21.45 3.48
C LEU C 141 11.33 -21.01 3.26
N PHE C 142 10.99 -20.62 2.03
CA PHE C 142 9.60 -20.37 1.68
C PHE C 142 8.86 -21.70 1.77
N LYS C 143 7.85 -21.76 2.63
CA LYS C 143 7.21 -23.03 3.02
C LYS C 143 6.38 -23.66 1.89
N ASP C 144 7.06 -24.16 0.86
CA ASP C 144 6.39 -24.66 -0.34
C ASP C 144 5.37 -23.64 -0.83
N LYS C 145 5.86 -22.45 -1.16
CA LYS C 145 5.03 -21.43 -1.78
C LYS C 145 5.88 -20.67 -2.84
N PRO C 146 5.26 -20.32 -3.98
CA PRO C 146 6.01 -19.87 -5.16
C PRO C 146 6.76 -18.57 -4.99
N LEU C 147 7.86 -18.44 -5.72
CA LEU C 147 8.53 -17.16 -5.91
C LEU C 147 7.72 -16.30 -6.85
N ILE C 148 7.71 -15.00 -6.57
CA ILE C 148 7.21 -14.04 -7.52
C ILE C 148 8.41 -13.18 -7.92
N ILE C 149 8.49 -12.82 -9.19
CA ILE C 149 9.51 -11.87 -9.63
C ILE C 149 8.88 -10.75 -10.46
N TYR C 150 8.92 -9.52 -9.94
CA TYR C 150 8.35 -8.38 -10.62
C TYR C 150 9.37 -7.62 -11.47
N PRO C 165 -0.26 -0.78 -15.53
CA PRO C 165 -1.61 -1.20 -15.20
C PRO C 165 -1.97 -2.57 -15.79
N THR C 166 -1.52 -2.84 -17.01
CA THR C 166 -1.67 -4.17 -17.62
C THR C 166 -0.39 -4.95 -17.39
N ARG C 167 -0.53 -6.18 -16.89
CA ARG C 167 0.63 -6.99 -16.48
C ARG C 167 0.50 -8.45 -16.90
N LEU C 168 1.63 -9.04 -17.29
CA LEU C 168 1.66 -10.45 -17.69
C LEU C 168 2.69 -11.22 -16.87
N PHE C 169 2.25 -12.32 -16.25
CA PHE C 169 3.11 -13.17 -15.43
C PHE C 169 3.22 -14.57 -16.01
N GLN C 170 4.44 -15.09 -16.06
CA GLN C 170 4.70 -16.44 -16.54
C GLN C 170 4.92 -17.42 -15.38
N VAL C 171 4.13 -18.49 -15.34
CA VAL C 171 4.21 -19.47 -14.26
C VAL C 171 4.83 -20.79 -14.72
N ARG C 172 5.95 -21.17 -14.10
CA ARG C 172 6.65 -22.39 -14.49
C ARG C 172 7.15 -23.23 -13.31
N ARG C 173 6.98 -24.53 -13.43
CA ARG C 173 7.60 -25.50 -12.54
C ARG C 173 8.32 -26.56 -13.38
N ASN C 174 9.58 -26.83 -13.07
CA ASN C 174 10.27 -27.96 -13.68
C ASN C 174 10.96 -28.89 -12.68
N LEU C 175 10.72 -30.19 -12.83
CA LEU C 175 11.30 -31.24 -11.99
C LEU C 175 11.27 -30.89 -10.51
N ALA C 176 10.06 -30.86 -9.94
CA ALA C 176 9.80 -30.37 -8.58
C ALA C 176 10.41 -28.99 -8.32
N SER C 177 11.47 -28.95 -7.49
CA SER C 177 12.16 -27.71 -7.11
C SER C 177 11.25 -26.66 -6.44
N ILE C 178 10.60 -25.82 -7.25
CA ILE C 178 9.65 -24.81 -6.76
C ILE C 178 8.98 -24.11 -7.93
N THR C 179 7.75 -23.66 -7.72
CA THR C 179 7.01 -22.94 -8.76
C THR C 179 7.53 -21.51 -8.87
N ARG C 180 7.93 -21.10 -10.06
CA ARG C 180 8.44 -19.75 -10.29
C ARG C 180 7.46 -18.91 -11.10
N ILE C 181 7.09 -17.75 -10.56
CA ILE C 181 6.21 -16.82 -11.25
C ILE C 181 6.99 -15.58 -11.63
N VAL C 182 7.04 -15.30 -12.93
CA VAL C 182 7.90 -14.21 -13.43
C VAL C 182 7.15 -13.24 -14.33
N GLU C 183 7.20 -11.96 -13.98
CA GLU C 183 6.62 -10.91 -14.81
C GLU C 183 7.40 -10.78 -16.11
N VAL C 184 6.65 -10.69 -17.21
CA VAL C 184 7.23 -10.62 -18.56
C VAL C 184 6.65 -9.44 -19.36
N ASP C 185 7.25 -9.16 -20.53
CA ASP C 185 6.72 -8.15 -21.46
C ASP C 185 5.29 -8.49 -21.83
N VAL C 186 4.46 -7.46 -21.99
CA VAL C 186 3.04 -7.65 -22.34
C VAL C 186 2.81 -7.88 -23.84
N ASP C 187 3.60 -8.77 -24.44
CA ASP C 187 3.43 -9.15 -25.84
C ASP C 187 2.88 -10.55 -25.99
N ALA C 188 2.33 -10.85 -27.15
CA ALA C 188 1.81 -12.18 -27.44
C ALA C 188 2.93 -13.19 -27.57
N ASN C 189 4.09 -12.76 -28.04
CA ASN C 189 5.23 -13.66 -28.18
C ASN C 189 5.99 -13.90 -26.88
N SER C 190 5.43 -13.41 -25.77
CA SER C 190 5.91 -13.75 -24.44
C SER C 190 5.27 -15.07 -24.04
N LEU C 191 4.16 -15.41 -24.70
CA LEU C 191 3.44 -16.63 -24.41
C LEU C 191 4.27 -17.88 -24.69
N ASN C 192 3.91 -18.95 -23.98
CA ASN C 192 4.67 -20.19 -24.02
C ASN C 192 3.79 -21.38 -23.76
N SER C 193 3.71 -22.27 -24.74
CA SER C 193 2.83 -23.44 -24.68
C SER C 193 3.07 -24.36 -23.48
N ASN C 194 4.27 -24.29 -22.91
CA ASN C 194 4.62 -25.18 -21.80
C ASN C 194 4.18 -24.67 -20.42
N ASP C 195 3.95 -23.36 -20.31
CA ASP C 195 3.66 -22.75 -19.02
C ASP C 195 2.24 -22.15 -18.94
N VAL C 196 1.88 -21.66 -17.75
CA VAL C 196 0.60 -20.98 -17.53
C VAL C 196 0.89 -19.48 -17.38
N PHE C 197 -0.05 -18.66 -17.84
CA PHE C 197 0.14 -17.21 -17.79
C PHE C 197 -1.04 -16.53 -17.11
N VAL C 198 -0.75 -15.43 -16.40
CA VAL C 198 -1.79 -14.59 -15.80
C VAL C 198 -1.71 -13.20 -16.42
N LEU C 199 -2.78 -12.78 -17.06
CA LEU C 199 -2.86 -11.45 -17.66
C LEU C 199 -3.75 -10.59 -16.78
N LYS C 200 -3.15 -9.68 -16.02
CA LYS C 200 -3.91 -8.75 -15.20
C LYS C 200 -4.26 -7.51 -16.02
N LEU C 201 -5.56 -7.21 -16.09
CA LEU C 201 -6.06 -6.04 -16.78
C LEU C 201 -6.22 -4.87 -15.80
N PRO C 202 -6.29 -3.63 -16.30
CA PRO C 202 -6.34 -2.44 -15.44
C PRO C 202 -7.58 -2.36 -14.54
N GLN C 203 -8.64 -3.06 -14.92
CA GLN C 203 -9.91 -3.03 -14.18
C GLN C 203 -9.96 -4.02 -13.01
N ASN C 204 -8.81 -4.61 -12.67
CA ASN C 204 -8.73 -5.66 -11.65
C ASN C 204 -9.50 -6.92 -12.01
N SER C 205 -9.30 -7.37 -13.25
CA SER C 205 -9.81 -8.64 -13.72
C SER C 205 -8.80 -9.15 -14.73
N GLY C 206 -9.04 -10.31 -15.32
CA GLY C 206 -8.13 -10.82 -16.33
C GLY C 206 -8.26 -12.28 -16.70
N TYR C 207 -7.20 -12.81 -17.30
CA TYR C 207 -7.20 -14.17 -17.83
C TYR C 207 -6.08 -15.00 -17.25
N ILE C 208 -6.37 -16.27 -16.96
CA ILE C 208 -5.37 -17.28 -16.75
C ILE C 208 -5.33 -18.12 -18.02
N TRP C 209 -4.21 -18.05 -18.74
CA TRP C 209 -4.05 -18.75 -20.01
C TRP C 209 -3.23 -20.02 -19.79
N VAL C 210 -3.89 -21.18 -19.86
CA VAL C 210 -3.22 -22.48 -19.68
C VAL C 210 -2.65 -23.00 -20.99
N GLY C 211 -1.33 -23.13 -21.04
CA GLY C 211 -0.64 -23.73 -22.18
C GLY C 211 -0.98 -25.19 -22.34
N LYS C 212 -0.75 -25.72 -23.54
CA LYS C 212 -1.11 -27.10 -23.86
C LYS C 212 -0.33 -28.15 -23.09
N GLY C 213 0.92 -27.84 -22.77
CA GLY C 213 1.78 -28.75 -22.03
C GLY C 213 2.09 -28.27 -20.61
N ALA C 214 1.08 -27.71 -19.95
CA ALA C 214 1.25 -27.14 -18.61
C ALA C 214 0.80 -28.09 -17.52
N SER C 215 1.53 -28.09 -16.41
CA SER C 215 1.22 -28.94 -15.26
C SER C 215 0.14 -28.34 -14.36
N GLN C 216 -0.49 -29.20 -13.55
CA GLN C 216 -1.50 -28.77 -12.58
C GLN C 216 -0.88 -27.85 -11.51
N GLU C 217 0.38 -28.14 -11.15
CA GLU C 217 1.11 -27.34 -10.18
C GLU C 217 1.29 -25.92 -10.70
N GLU C 218 1.46 -25.80 -12.02
CA GLU C 218 1.61 -24.50 -12.66
C GLU C 218 0.31 -23.72 -12.64
N GLU C 219 -0.81 -24.42 -12.73
CA GLU C 219 -2.10 -23.77 -12.65
C GLU C 219 -2.32 -23.23 -11.24
N LYS C 220 -1.89 -23.98 -10.23
CA LYS C 220 -1.98 -23.55 -8.82
C LYS C 220 -1.15 -22.31 -8.54
N GLY C 221 0.05 -22.25 -9.13
CA GLY C 221 0.89 -21.06 -9.03
C GLY C 221 0.19 -19.85 -9.63
N ALA C 222 -0.38 -20.03 -10.82
CA ALA C 222 -1.16 -18.99 -11.49
C ALA C 222 -2.24 -18.44 -10.55
N GLU C 223 -3.03 -19.35 -10.01
CA GLU C 223 -4.12 -19.01 -9.10
C GLU C 223 -3.63 -18.27 -7.85
N TYR C 224 -2.36 -18.50 -7.49
CA TYR C 224 -1.77 -17.83 -6.34
C TYR C 224 -1.41 -16.37 -6.61
N VAL C 225 -0.77 -16.10 -7.77
CA VAL C 225 -0.43 -14.73 -8.15
C VAL C 225 -1.70 -13.90 -8.28
N ALA C 226 -2.71 -14.51 -8.89
CA ALA C 226 -4.01 -13.88 -9.07
C ALA C 226 -4.49 -13.28 -7.76
N SER C 227 -4.40 -14.05 -6.68
CA SER C 227 -4.86 -13.62 -5.36
C SER C 227 -3.96 -12.55 -4.74
N VAL C 228 -2.67 -12.58 -5.08
CA VAL C 228 -1.73 -11.55 -4.62
C VAL C 228 -2.00 -10.21 -5.31
N LEU C 229 -2.42 -10.26 -6.57
CA LEU C 229 -2.74 -9.08 -7.37
C LEU C 229 -4.19 -8.61 -7.18
N LYS C 230 -4.95 -9.35 -6.37
CA LYS C 230 -6.39 -9.10 -6.18
C LYS C 230 -7.08 -9.02 -7.54
N CYS C 231 -6.92 -10.07 -8.32
CA CYS C 231 -7.34 -10.11 -9.72
C CYS C 231 -8.40 -11.20 -9.98
N LYS C 232 -9.52 -10.78 -10.55
CA LYS C 232 -10.66 -11.66 -10.84
C LYS C 232 -10.48 -12.33 -12.20
N THR C 233 -10.09 -13.60 -12.19
CA THR C 233 -9.62 -14.27 -13.41
C THR C 233 -10.64 -15.16 -14.09
N LEU C 234 -10.57 -15.19 -15.42
CA LEU C 234 -11.29 -16.15 -16.24
C LEU C 234 -10.27 -17.13 -16.83
N ARG C 235 -10.55 -18.42 -16.75
CA ARG C 235 -9.61 -19.43 -17.23
C ARG C 235 -9.86 -19.80 -18.69
N ILE C 236 -8.84 -19.54 -19.51
CA ILE C 236 -8.90 -19.85 -20.93
C ILE C 236 -7.75 -20.79 -21.32
N GLN C 237 -7.98 -21.62 -22.32
CA GLN C 237 -7.00 -22.61 -22.74
C GLN C 237 -6.37 -22.24 -24.08
N GLU C 238 -5.12 -22.66 -24.28
CA GLU C 238 -4.42 -22.44 -25.55
C GLU C 238 -5.21 -23.06 -26.71
N GLY C 239 -5.49 -22.24 -27.72
CA GLY C 239 -6.32 -22.65 -28.86
C GLY C 239 -7.77 -22.23 -28.71
N GLU C 240 -8.18 -21.99 -27.46
CA GLU C 240 -9.56 -21.60 -27.14
C GLU C 240 -9.65 -20.18 -26.58
N GLU C 241 -8.67 -19.35 -26.93
CA GLU C 241 -8.64 -17.96 -26.49
C GLU C 241 -9.79 -17.18 -27.11
N PRO C 242 -10.51 -16.39 -26.29
CA PRO C 242 -11.50 -15.45 -26.83
C PRO C 242 -10.74 -14.32 -27.53
N GLU C 243 -11.46 -13.44 -28.23
CA GLU C 243 -10.79 -12.41 -29.02
C GLU C 243 -10.33 -11.20 -28.20
N GLU C 244 -10.87 -10.99 -27.01
CA GLU C 244 -10.42 -9.88 -26.16
C GLU C 244 -9.08 -10.15 -25.48
N PHE C 245 -8.74 -11.44 -25.34
CA PHE C 245 -7.43 -11.82 -24.79
C PHE C 245 -6.30 -11.29 -25.67
N TRP C 246 -6.45 -11.43 -26.98
CA TRP C 246 -5.47 -10.95 -27.95
C TRP C 246 -5.41 -9.43 -28.01
N ASN C 247 -6.57 -8.78 -27.88
CA ASN C 247 -6.66 -7.32 -27.88
C ASN C 247 -5.90 -6.69 -26.71
N SER C 248 -5.91 -7.37 -25.57
CA SER C 248 -5.28 -6.88 -24.36
C SER C 248 -3.76 -7.05 -24.40
N LEU C 249 -3.30 -8.02 -25.20
CA LEU C 249 -1.86 -8.22 -25.44
C LEU C 249 -1.37 -7.38 -26.62
N GLY C 250 -2.30 -6.63 -27.22
CA GLY C 250 -1.98 -5.77 -28.35
C GLY C 250 -1.84 -6.53 -29.67
N GLY C 251 -2.72 -7.50 -29.89
CA GLY C 251 -2.74 -8.27 -31.13
C GLY C 251 -2.21 -9.69 -30.97
N LYS C 252 -2.73 -10.60 -31.80
CA LYS C 252 -2.29 -11.99 -31.81
C LYS C 252 -1.03 -12.12 -32.66
N LYS C 253 0.04 -12.64 -32.07
CA LYS C 253 1.33 -12.82 -32.75
C LYS C 253 1.76 -14.29 -32.75
N ASP C 254 2.99 -14.55 -33.21
CA ASP C 254 3.58 -15.88 -33.13
C ASP C 254 4.53 -16.00 -31.93
N TYR C 255 4.17 -16.88 -31.01
CA TYR C 255 4.88 -17.01 -29.73
C TYR C 255 5.71 -18.28 -29.62
N GLN C 256 6.26 -18.50 -28.42
CA GLN C 256 7.17 -19.60 -28.14
C GLN C 256 6.43 -20.94 -28.12
N THR C 257 6.56 -21.71 -29.21
CA THR C 257 5.88 -23.00 -29.36
C THR C 257 6.77 -24.05 -30.02
N SER C 258 6.41 -25.32 -29.84
CA SER C 258 7.13 -26.46 -30.44
C SER C 258 6.34 -27.76 -30.24
N PRO C 259 6.74 -28.84 -30.94
CA PRO C 259 6.13 -30.16 -30.73
C PRO C 259 6.39 -30.76 -29.35
N LEU C 260 7.42 -30.28 -28.65
CA LEU C 260 7.76 -30.80 -27.32
C LEU C 260 7.51 -29.78 -26.20
N LEU C 261 7.10 -28.57 -26.59
CA LEU C 261 6.67 -27.56 -25.64
C LEU C 261 5.17 -27.67 -25.36
N GLU C 262 4.53 -28.65 -25.99
CA GLU C 262 3.11 -28.93 -25.77
C GLU C 262 2.93 -30.23 -24.99
N THR C 263 4.01 -30.68 -24.35
CA THR C 263 3.96 -31.81 -23.42
C THR C 263 4.49 -31.36 -22.06
N GLN C 264 4.19 -32.10 -21.00
CA GLN C 264 4.84 -31.87 -19.72
C GLN C 264 6.30 -32.33 -19.85
N ALA C 265 7.18 -31.37 -20.14
CA ALA C 265 8.55 -31.63 -20.57
C ALA C 265 9.38 -32.48 -19.60
N GLU C 266 8.88 -32.66 -18.38
CA GLU C 266 9.54 -33.47 -17.35
C GLU C 266 10.12 -34.77 -17.91
N ASP C 267 9.41 -35.35 -18.89
CA ASP C 267 9.84 -36.55 -19.60
C ASP C 267 11.33 -36.51 -19.99
N HIS C 268 11.81 -35.34 -20.43
CA HIS C 268 13.22 -35.16 -20.73
C HIS C 268 13.69 -33.70 -20.57
N PRO C 269 14.40 -33.40 -19.46
CA PRO C 269 14.79 -32.03 -19.16
C PRO C 269 15.77 -31.48 -20.19
N PRO C 270 15.57 -30.21 -20.60
CA PRO C 270 16.56 -29.48 -21.39
C PRO C 270 17.83 -29.23 -20.59
N ARG C 271 19.00 -29.43 -21.22
CA ARG C 271 20.29 -29.28 -20.57
C ARG C 271 21.18 -28.28 -21.33
N LEU C 272 21.79 -27.37 -20.59
CA LEU C 272 22.60 -26.29 -21.17
C LEU C 272 24.08 -26.42 -20.83
N TYR C 273 24.92 -26.25 -21.84
CA TYR C 273 26.37 -26.38 -21.68
C TYR C 273 27.08 -25.12 -22.14
N GLY C 274 28.17 -24.80 -21.44
CA GLY C 274 29.04 -23.69 -21.82
C GLY C 274 30.29 -24.21 -22.51
N CYS C 275 30.46 -23.86 -23.78
CA CYS C 275 31.61 -24.29 -24.56
C CYS C 275 32.55 -23.11 -24.78
N SER C 276 33.76 -23.23 -24.24
CA SER C 276 34.76 -22.17 -24.29
C SER C 276 36.16 -22.71 -24.53
N ASN C 277 37.08 -21.82 -24.94
CA ASN C 277 38.49 -22.15 -25.04
C ASN C 277 39.39 -21.08 -24.40
N LYS C 278 38.82 -20.30 -23.48
CA LYS C 278 39.56 -19.24 -22.81
C LYS C 278 40.71 -19.75 -21.94
N THR C 279 40.64 -21.03 -21.56
CA THR C 279 41.67 -21.68 -20.75
C THR C 279 42.75 -22.35 -21.60
N GLY C 280 42.72 -22.12 -22.90
CA GLY C 280 43.68 -22.69 -23.83
C GLY C 280 43.12 -23.87 -24.57
N ARG C 281 42.84 -24.95 -23.84
CA ARG C 281 42.14 -26.10 -24.38
C ARG C 281 40.66 -25.78 -24.51
N PHE C 282 40.00 -26.44 -25.47
CA PHE C 282 38.56 -26.31 -25.64
C PHE C 282 37.84 -27.27 -24.69
N VAL C 283 37.13 -26.71 -23.71
CA VAL C 283 36.39 -27.53 -22.74
C VAL C 283 34.88 -27.23 -22.73
N ILE C 284 34.09 -28.29 -22.79
CA ILE C 284 32.64 -28.17 -22.67
C ILE C 284 32.26 -28.55 -21.26
N GLU C 285 31.56 -27.64 -20.57
CA GLU C 285 31.07 -27.92 -19.23
C GLU C 285 29.59 -27.57 -19.07
N GLU C 286 28.89 -28.39 -18.29
CA GLU C 286 27.45 -28.25 -18.11
C GLU C 286 27.11 -27.13 -17.14
N ILE C 287 26.06 -26.38 -17.44
CA ILE C 287 25.51 -25.40 -16.51
C ILE C 287 24.66 -26.14 -15.46
N PRO C 288 25.02 -25.99 -14.17
CA PRO C 288 24.31 -26.73 -13.12
C PRO C 288 23.01 -26.07 -12.66
N GLY C 289 22.03 -26.89 -12.29
CA GLY C 289 20.75 -26.44 -11.76
C GLY C 289 19.78 -25.95 -12.82
N GLU C 290 18.82 -25.12 -12.40
CA GLU C 290 17.97 -24.39 -13.33
C GLU C 290 18.88 -23.43 -14.09
N PHE C 291 18.65 -23.27 -15.39
CA PHE C 291 19.41 -22.29 -16.13
C PHE C 291 18.51 -21.17 -16.64
N THR C 292 19.11 -20.01 -16.87
CA THR C 292 18.38 -18.86 -17.38
C THR C 292 19.19 -18.11 -18.41
N GLN C 293 18.60 -17.03 -18.91
CA GLN C 293 19.20 -16.19 -19.96
C GLN C 293 20.63 -15.72 -19.62
N ASP C 294 20.87 -15.32 -18.38
CA ASP C 294 22.17 -14.79 -17.98
C ASP C 294 23.26 -15.86 -17.90
N ASP C 295 22.88 -17.12 -18.02
CA ASP C 295 23.84 -18.22 -18.05
C ASP C 295 24.52 -18.33 -19.41
N LEU C 296 23.92 -17.71 -20.42
CA LEU C 296 24.46 -17.69 -21.77
C LEU C 296 25.65 -16.76 -21.82
N ALA C 297 26.85 -17.35 -21.83
CA ALA C 297 28.11 -16.60 -21.79
C ALA C 297 28.28 -15.79 -23.07
N GLU C 298 28.09 -14.48 -22.93
CA GLU C 298 28.15 -13.54 -24.05
C GLU C 298 29.38 -13.73 -24.97
N ASP C 299 30.49 -14.21 -24.41
CA ASP C 299 31.76 -14.32 -25.15
C ASP C 299 32.16 -15.75 -25.52
N ASP C 300 31.20 -16.67 -25.45
CA ASP C 300 31.45 -18.09 -25.75
C ASP C 300 30.32 -18.70 -26.58
N VAL C 301 30.33 -20.03 -26.66
CA VAL C 301 29.29 -20.76 -27.38
C VAL C 301 28.51 -21.61 -26.38
N MET C 302 27.18 -21.62 -26.54
CA MET C 302 26.31 -22.39 -25.65
C MET C 302 25.59 -23.50 -26.38
N LEU C 303 25.62 -24.70 -25.79
CA LEU C 303 24.87 -25.85 -26.28
C LEU C 303 23.62 -26.07 -25.47
N LEU C 304 22.47 -26.01 -26.12
CA LEU C 304 21.20 -26.36 -25.47
C LEU C 304 20.61 -27.61 -26.10
N ASP C 305 20.75 -28.72 -25.39
CA ASP C 305 20.14 -29.99 -25.80
C ASP C 305 18.69 -29.99 -25.33
N ALA C 306 17.79 -29.69 -26.26
CA ALA C 306 16.35 -29.69 -26.01
C ALA C 306 15.75 -31.04 -26.35
N TRP C 307 16.62 -32.05 -26.50
CA TRP C 307 16.24 -33.44 -26.78
C TRP C 307 15.72 -33.65 -28.20
N GLU C 308 14.62 -32.99 -28.52
CA GLU C 308 14.02 -33.00 -29.86
C GLU C 308 14.86 -32.20 -30.85
N GLN C 309 15.79 -31.41 -30.31
CA GLN C 309 16.52 -30.42 -31.08
C GLN C 309 17.76 -30.05 -30.29
N ILE C 310 18.85 -29.76 -30.99
CA ILE C 310 20.04 -29.24 -30.33
C ILE C 310 20.37 -27.85 -30.86
N PHE C 311 20.41 -26.88 -29.96
CA PHE C 311 20.73 -25.51 -30.33
C PHE C 311 22.18 -25.18 -30.02
N ILE C 312 22.83 -24.49 -30.95
CA ILE C 312 24.15 -23.94 -30.71
C ILE C 312 24.03 -22.43 -30.74
N TRP C 313 24.07 -21.82 -29.56
CA TRP C 313 23.94 -20.39 -29.41
C TRP C 313 25.32 -19.75 -29.46
N ILE C 314 25.53 -18.89 -30.46
CA ILE C 314 26.81 -18.19 -30.66
C ILE C 314 26.79 -16.77 -30.10
N GLY C 315 27.63 -16.52 -29.10
CA GLY C 315 27.80 -15.20 -28.52
C GLY C 315 28.52 -14.28 -29.47
N LYS C 316 28.27 -12.97 -29.34
CA LYS C 316 28.87 -11.98 -30.21
C LYS C 316 30.41 -11.93 -30.18
N ASP C 317 31.03 -12.59 -29.20
CA ASP C 317 32.49 -12.53 -29.01
C ASP C 317 33.18 -13.89 -28.96
N ALA C 318 32.53 -14.91 -29.52
CA ALA C 318 33.07 -16.26 -29.51
C ALA C 318 34.13 -16.47 -30.61
N ASN C 319 35.09 -17.36 -30.34
CA ASN C 319 36.04 -17.82 -31.35
C ASN C 319 35.30 -18.53 -32.47
N GLU C 320 35.93 -18.60 -33.63
CA GLU C 320 35.45 -19.47 -34.68
C GLU C 320 35.68 -20.93 -34.33
N VAL C 321 36.74 -21.20 -33.56
CA VAL C 321 37.02 -22.58 -33.12
C VAL C 321 36.00 -23.02 -32.07
N GLU C 322 35.61 -22.09 -31.21
CA GLU C 322 34.57 -22.35 -30.22
C GLU C 322 33.27 -22.77 -30.90
N LYS C 323 32.92 -22.05 -31.96
CA LYS C 323 31.71 -22.34 -32.74
C LYS C 323 31.79 -23.73 -33.37
N LYS C 324 32.95 -24.03 -33.96
CA LYS C 324 33.10 -25.20 -34.81
C LYS C 324 33.28 -26.52 -34.08
N GLU C 325 34.05 -26.53 -33.02
CA GLU C 325 34.23 -27.77 -32.25
C GLU C 325 33.11 -27.98 -31.21
N SER C 326 32.20 -27.01 -31.11
CA SER C 326 30.93 -27.21 -30.41
C SER C 326 29.93 -27.82 -31.38
N LEU C 327 30.25 -27.74 -32.66
CA LEU C 327 29.46 -28.39 -33.68
C LEU C 327 29.91 -29.85 -33.76
N LYS C 328 31.23 -30.04 -33.92
CA LYS C 328 31.85 -31.36 -33.94
C LYS C 328 31.37 -32.22 -32.77
N SER C 329 31.43 -31.64 -31.57
CA SER C 329 30.99 -32.30 -30.35
C SER C 329 29.52 -32.66 -30.41
N ALA C 330 28.70 -31.72 -30.88
CA ALA C 330 27.26 -31.94 -30.99
C ALA C 330 26.88 -33.04 -31.98
N LYS C 331 27.74 -33.28 -32.97
CA LYS C 331 27.55 -34.37 -33.92
C LYS C 331 27.77 -35.74 -33.27
N MET C 332 28.97 -35.96 -32.72
CA MET C 332 29.30 -37.25 -32.08
C MET C 332 28.59 -37.44 -30.73
N TYR C 333 28.02 -36.34 -30.22
CA TYR C 333 27.07 -36.36 -29.10
C TYR C 333 25.97 -37.38 -29.37
N LEU C 334 25.42 -37.34 -30.59
CA LEU C 334 24.30 -38.17 -31.02
C LEU C 334 24.64 -39.66 -31.04
N THR C 345 17.65 -36.04 -35.71
CA THR C 345 17.60 -35.03 -34.65
C THR C 345 18.30 -33.74 -35.09
N PRO C 346 17.50 -32.69 -35.40
CA PRO C 346 18.00 -31.41 -35.91
C PRO C 346 19.04 -30.76 -35.01
N ILE C 347 19.91 -29.95 -35.62
CA ILE C 347 20.93 -29.23 -34.89
C ILE C 347 21.04 -27.82 -35.48
N VAL C 348 20.35 -26.89 -34.81
CA VAL C 348 20.15 -25.54 -35.32
C VAL C 348 21.16 -24.58 -34.73
N ILE C 349 21.81 -23.79 -35.59
CA ILE C 349 22.80 -22.81 -35.13
C ILE C 349 22.16 -21.43 -35.01
N ILE C 350 22.36 -20.82 -33.85
CA ILE C 350 21.65 -19.60 -33.45
C ILE C 350 22.59 -18.45 -33.09
N LYS C 351 22.34 -17.29 -33.69
CA LYS C 351 23.12 -16.08 -33.38
C LYS C 351 22.47 -15.30 -32.23
N GLN C 352 23.31 -14.64 -31.44
CA GLN C 352 22.85 -13.84 -30.30
C GLN C 352 21.98 -12.67 -30.78
N GLY C 353 20.90 -12.39 -30.05
CA GLY C 353 19.97 -11.32 -30.41
C GLY C 353 19.04 -11.70 -31.55
N HIS C 354 19.32 -12.87 -32.13
CA HIS C 354 18.55 -13.43 -33.23
C HIS C 354 17.90 -14.75 -32.87
N GLU C 355 17.61 -14.93 -31.58
CA GLU C 355 17.09 -16.19 -31.11
C GLU C 355 15.63 -16.38 -31.53
N PRO C 356 15.32 -17.54 -32.14
CA PRO C 356 13.96 -17.90 -32.54
C PRO C 356 13.09 -18.24 -31.32
N PRO C 357 11.76 -18.08 -31.43
CA PRO C 357 10.87 -18.39 -30.31
C PRO C 357 11.01 -19.82 -29.82
N THR C 358 11.34 -20.73 -30.74
CA THR C 358 11.51 -22.15 -30.44
C THR C 358 12.68 -22.44 -29.47
N PHE C 359 13.68 -21.56 -29.47
CA PHE C 359 14.83 -21.62 -28.57
C PHE C 359 14.55 -20.84 -27.29
N THR C 360 13.97 -19.66 -27.46
CA THR C 360 13.66 -18.76 -26.37
C THR C 360 12.70 -19.37 -25.35
N GLY C 361 11.83 -20.26 -25.80
CA GLY C 361 10.82 -20.88 -24.96
C GLY C 361 11.32 -21.68 -23.77
N TRP C 362 12.53 -22.22 -23.88
CA TRP C 362 13.11 -23.04 -22.82
C TRP C 362 13.63 -22.22 -21.64
N PHE C 363 13.50 -20.90 -21.74
CA PHE C 363 13.96 -20.00 -20.69
C PHE C 363 12.77 -19.32 -20.04
N LEU C 364 12.69 -19.47 -18.72
CA LEU C 364 11.65 -18.80 -17.97
C LEU C 364 11.87 -17.31 -18.08
N GLY C 365 10.86 -16.61 -18.55
CA GLY C 365 10.99 -15.20 -18.87
C GLY C 365 11.72 -15.07 -20.18
N TRP C 366 12.51 -14.02 -20.30
CA TRP C 366 13.31 -13.71 -21.48
C TRP C 366 12.98 -12.30 -21.93
N ASP C 367 13.84 -11.38 -21.51
CA ASP C 367 13.77 -9.99 -21.92
C ASP C 367 14.54 -9.87 -23.23
N SER C 368 13.82 -9.55 -24.31
CA SER C 368 14.45 -9.44 -25.62
C SER C 368 15.34 -8.20 -25.75
N SER C 369 15.03 -7.18 -24.95
CA SER C 369 15.79 -5.91 -24.97
C SER C 369 17.11 -5.97 -24.19
N LYS C 370 17.54 -7.18 -23.82
CA LYS C 370 18.86 -7.38 -23.26
C LYS C 370 19.92 -7.57 -24.34
N TRP C 371 19.52 -8.09 -25.49
CA TRP C 371 20.37 -8.18 -26.69
C TRP C 371 19.57 -8.53 -27.94
N GLY D 52 -17.84 20.52 -15.96
CA GLY D 52 -18.11 19.99 -14.59
C GLY D 52 -17.55 18.59 -14.40
N LYS D 53 -16.61 18.46 -13.46
CA LYS D 53 -15.99 17.18 -13.15
C LYS D 53 -16.73 16.50 -12.00
N VAL D 54 -16.84 15.19 -12.09
CA VAL D 54 -17.51 14.37 -11.08
C VAL D 54 -16.68 13.11 -10.80
N GLU D 55 -16.45 12.83 -9.53
CA GLU D 55 -15.76 11.61 -9.11
C GLU D 55 -16.58 10.88 -8.07
N ILE D 56 -16.70 9.57 -8.22
CA ILE D 56 -17.47 8.75 -7.26
C ILE D 56 -16.62 7.62 -6.69
N TRP D 57 -16.69 7.49 -5.36
CA TRP D 57 -15.99 6.42 -4.65
C TRP D 57 -16.95 5.57 -3.83
N ARG D 58 -16.61 4.30 -3.69
CA ARG D 58 -17.31 3.35 -2.83
C ARG D 58 -16.60 3.36 -1.48
N VAL D 59 -17.35 3.16 -0.39
CA VAL D 59 -16.75 3.17 0.95
C VAL D 59 -16.07 1.84 1.35
N ASN D 62 -11.99 0.11 4.52
CA ASN D 62 -11.73 1.41 5.13
C ASN D 62 -10.92 2.36 4.23
N GLY D 63 -11.62 3.00 3.29
CA GLY D 63 -11.00 3.90 2.34
C GLY D 63 -11.91 4.08 1.14
N ARG D 64 -11.54 5.00 0.25
CA ARG D 64 -12.31 5.26 -0.96
C ARG D 64 -11.80 4.43 -2.14
N ILE D 65 -12.72 3.76 -2.83
CA ILE D 65 -12.39 2.96 -4.00
C ILE D 65 -13.27 3.40 -5.17
N GLN D 66 -12.65 3.54 -6.34
CA GLN D 66 -13.27 4.15 -7.53
C GLN D 66 -14.41 3.32 -8.12
N VAL D 67 -15.57 3.94 -8.28
CA VAL D 67 -16.70 3.26 -8.90
C VAL D 67 -16.61 3.36 -10.43
N ASP D 68 -17.01 2.27 -11.10
CA ASP D 68 -16.96 2.18 -12.57
C ASP D 68 -17.63 3.39 -13.23
N GLN D 69 -16.92 4.00 -14.19
CA GLN D 69 -17.39 5.18 -14.91
C GLN D 69 -18.76 4.98 -15.58
N ASN D 70 -18.95 3.81 -16.20
CA ASN D 70 -20.25 3.42 -16.77
C ASN D 70 -21.35 3.24 -15.72
N SER D 71 -20.96 2.90 -14.50
CA SER D 71 -21.91 2.60 -13.43
C SER D 71 -22.30 3.84 -12.62
N TYR D 72 -22.05 5.03 -13.17
CA TYR D 72 -22.41 6.29 -12.50
C TYR D 72 -23.93 6.42 -12.44
N GLY D 73 -24.45 6.50 -11.22
CA GLY D 73 -25.90 6.52 -11.00
C GLY D 73 -26.42 5.19 -10.48
N GLU D 74 -25.61 4.14 -10.61
CA GLU D 74 -25.92 2.83 -10.04
C GLU D 74 -25.31 2.70 -8.64
N PHE D 75 -26.17 2.67 -7.63
CA PHE D 75 -25.73 2.60 -6.23
C PHE D 75 -26.29 1.35 -5.55
N TYR D 76 -25.54 0.80 -4.60
CA TYR D 76 -26.07 -0.28 -3.78
C TYR D 76 -26.74 0.29 -2.55
N GLY D 77 -27.92 -0.24 -2.23
CA GLY D 77 -28.68 0.19 -1.07
C GLY D 77 -27.99 0.01 0.27
N GLY D 78 -27.15 -1.04 0.40
CA GLY D 78 -26.43 -1.35 1.64
C GLY D 78 -25.06 -0.70 1.77
N ASP D 79 -24.82 0.30 0.92
CA ASP D 79 -23.51 0.96 0.86
C ASP D 79 -23.58 2.49 0.92
N CYS D 80 -22.44 3.09 1.26
CA CYS D 80 -22.27 4.53 1.22
C CYS D 80 -21.29 4.93 0.14
N TYR D 81 -21.54 6.08 -0.48
CA TYR D 81 -20.71 6.56 -1.58
C TYR D 81 -20.30 7.99 -1.32
N ILE D 82 -19.10 8.34 -1.78
CA ILE D 82 -18.61 9.71 -1.69
C ILE D 82 -18.52 10.29 -3.09
N ILE D 83 -19.37 11.28 -3.34
CA ILE D 83 -19.43 11.94 -4.63
C ILE D 83 -18.77 13.31 -4.53
N LEU D 84 -17.71 13.50 -5.31
CA LEU D 84 -16.98 14.76 -5.35
C LEU D 84 -17.27 15.56 -6.61
N TYR D 85 -17.80 16.76 -6.43
CA TYR D 85 -18.05 17.67 -7.53
C TYR D 85 -17.07 18.84 -7.43
N THR D 86 -16.26 19.03 -8.47
CA THR D 86 -15.30 20.13 -8.52
C THR D 86 -15.69 21.08 -9.66
N TYR D 87 -15.97 22.35 -9.31
CA TYR D 87 -16.54 23.31 -10.28
C TYR D 87 -15.98 24.73 -10.10
N PRO D 88 -16.10 25.57 -11.15
CA PRO D 88 -15.67 26.97 -11.19
C PRO D 88 -15.46 27.65 -9.83
N ARG D 89 -16.48 27.62 -8.96
CA ARG D 89 -16.36 28.24 -7.63
C ARG D 89 -15.65 27.34 -6.63
N GLY D 90 -16.34 26.33 -6.10
CA GLY D 90 -15.78 25.54 -5.02
C GLY D 90 -15.75 24.03 -5.20
N GLN D 91 -15.73 23.31 -4.08
CA GLN D 91 -15.89 21.88 -4.08
C GLN D 91 -17.19 21.54 -3.37
N ILE D 92 -17.85 20.49 -3.82
CA ILE D 92 -19.00 19.94 -3.10
C ILE D 92 -18.81 18.46 -2.92
N ILE D 93 -18.94 18.00 -1.67
CA ILE D 93 -18.91 16.56 -1.37
C ILE D 93 -20.29 16.08 -0.97
N TYR D 94 -20.89 15.27 -1.83
CA TYR D 94 -22.12 14.58 -1.47
C TYR D 94 -21.77 13.21 -0.90
N THR D 95 -22.19 12.98 0.34
CA THR D 95 -22.02 11.68 0.99
C THR D 95 -23.34 10.91 0.88
N TRP D 96 -23.42 10.03 -0.11
CA TRP D 96 -24.63 9.27 -0.35
C TRP D 96 -24.67 8.04 0.57
N GLN D 97 -25.68 8.00 1.44
CA GLN D 97 -25.84 6.93 2.41
C GLN D 97 -27.04 6.07 2.08
N GLY D 98 -26.78 4.79 1.82
CA GLY D 98 -27.83 3.85 1.47
C GLY D 98 -28.78 3.57 2.62
N ALA D 99 -30.07 3.47 2.31
CA ALA D 99 -31.12 3.24 3.29
C ALA D 99 -30.87 1.96 4.09
N ASN D 100 -30.09 1.05 3.52
CA ASN D 100 -29.73 -0.22 4.17
C ASN D 100 -28.29 -0.35 4.67
N ALA D 101 -27.44 0.66 4.44
CA ALA D 101 -26.06 0.66 4.95
C ALA D 101 -26.03 0.43 6.46
N THR D 102 -25.09 -0.38 6.93
CA THR D 102 -24.92 -0.59 8.36
C THR D 102 -24.33 0.67 9.00
N ARG D 103 -24.62 0.88 10.29
CA ARG D 103 -24.17 2.08 11.00
C ARG D 103 -22.64 2.19 11.00
N ASP D 104 -21.98 1.04 10.84
CA ASP D 104 -20.53 0.97 10.68
C ASP D 104 -20.05 1.71 9.42
N GLU D 105 -20.76 1.49 8.32
CA GLU D 105 -20.48 2.17 7.06
C GLU D 105 -20.80 3.66 7.15
N LEU D 106 -21.89 3.99 7.84
CA LEU D 106 -22.30 5.39 8.03
C LEU D 106 -21.23 6.22 8.75
N THR D 107 -20.54 5.59 9.70
CA THR D 107 -19.46 6.25 10.43
C THR D 107 -18.20 6.37 9.57
N THR D 108 -17.90 5.33 8.79
CA THR D 108 -16.72 5.33 7.93
C THR D 108 -16.91 6.35 6.82
N SER D 109 -18.11 6.45 6.27
CA SER D 109 -18.41 7.42 5.24
C SER D 109 -18.21 8.85 5.74
N ALA D 110 -18.73 9.13 6.93
CA ALA D 110 -18.53 10.44 7.56
C ALA D 110 -17.06 10.74 7.84
N PHE D 111 -16.34 9.73 8.34
CA PHE D 111 -14.89 9.82 8.57
C PHE D 111 -14.12 10.12 7.29
N LEU D 112 -14.55 9.51 6.19
CA LEU D 112 -13.82 9.61 4.92
C LEU D 112 -14.05 10.92 4.18
N THR D 113 -15.23 11.51 4.36
CA THR D 113 -15.52 12.83 3.77
C THR D 113 -14.78 13.92 4.53
N VAL D 114 -14.57 13.71 5.82
CA VAL D 114 -13.70 14.56 6.62
C VAL D 114 -12.26 14.45 6.10
N GLN D 115 -11.79 13.22 5.89
CA GLN D 115 -10.49 12.97 5.29
C GLN D 115 -10.34 13.63 3.93
N LEU D 116 -11.38 13.52 3.11
CA LEU D 116 -11.38 14.14 1.78
C LEU D 116 -11.36 15.67 1.87
N ASP D 117 -12.24 16.22 2.72
CA ASP D 117 -12.34 17.67 2.86
C ASP D 117 -11.05 18.30 3.36
N ARG D 118 -10.39 17.62 4.30
CA ARG D 118 -9.14 18.09 4.89
C ARG D 118 -7.99 18.08 3.89
N SER D 119 -8.03 17.15 2.94
CA SER D 119 -7.01 17.06 1.90
C SER D 119 -7.22 18.09 0.79
N LEU D 120 -8.40 18.70 0.76
CA LEU D 120 -8.73 19.76 -0.20
C LEU D 120 -8.54 21.16 0.40
N GLY D 121 -8.21 21.21 1.69
CA GLY D 121 -7.97 22.48 2.38
C GLY D 121 -9.01 22.79 3.45
N GLY D 122 -10.09 22.03 3.46
CA GLY D 122 -11.20 22.27 4.37
C GLY D 122 -12.17 23.26 3.76
N GLN D 123 -12.03 23.46 2.44
CA GLN D 123 -12.83 24.45 1.68
C GLN D 123 -14.15 23.89 1.18
N ALA D 124 -14.25 22.56 1.14
CA ALA D 124 -15.39 21.88 0.50
C ALA D 124 -16.69 21.97 1.30
N VAL D 125 -17.79 22.13 0.59
CA VAL D 125 -19.11 22.05 1.20
C VAL D 125 -19.42 20.57 1.33
N GLN D 126 -19.97 20.18 2.48
CA GLN D 126 -20.31 18.79 2.74
C GLN D 126 -21.82 18.64 2.87
N ILE D 127 -22.39 17.73 2.08
CA ILE D 127 -23.83 17.48 2.11
C ILE D 127 -24.13 16.00 2.32
N ARG D 128 -24.79 15.70 3.44
CA ARG D 128 -25.15 14.33 3.78
C ARG D 128 -26.44 13.94 3.09
N VAL D 129 -26.33 13.02 2.12
CA VAL D 129 -27.49 12.62 1.34
C VAL D 129 -27.97 11.22 1.72
N SER D 130 -29.18 11.15 2.26
CA SER D 130 -29.89 9.89 2.46
C SER D 130 -30.42 9.38 1.13
N GLN D 131 -30.52 8.06 1.01
CA GLN D 131 -31.08 7.43 -0.18
C GLN D 131 -32.48 7.98 -0.47
N GLY D 132 -32.71 8.35 -1.74
CA GLY D 132 -34.01 8.86 -2.17
C GLY D 132 -34.24 10.31 -1.81
N LYS D 133 -33.21 10.96 -1.27
CA LYS D 133 -33.28 12.37 -0.87
C LYS D 133 -32.23 13.19 -1.61
N GLU D 134 -31.96 12.81 -2.86
CA GLU D 134 -30.91 13.44 -3.66
C GLU D 134 -31.30 14.86 -4.02
N PRO D 135 -30.44 15.84 -3.66
CA PRO D 135 -30.66 17.25 -3.96
C PRO D 135 -31.01 17.54 -5.43
N VAL D 136 -31.40 18.78 -5.69
CA VAL D 136 -31.64 19.27 -7.05
C VAL D 136 -30.41 19.02 -7.94
N HIS D 137 -29.27 19.56 -7.52
CA HIS D 137 -28.00 19.45 -8.24
C HIS D 137 -27.55 17.99 -8.48
N LEU D 138 -27.31 17.24 -7.40
CA LEU D 138 -26.74 15.88 -7.47
C LEU D 138 -27.26 15.00 -8.61
N LEU D 139 -28.54 15.16 -8.96
CA LEU D 139 -29.14 14.41 -10.05
C LEU D 139 -28.73 14.96 -11.42
N SER D 140 -28.38 16.24 -11.47
CA SER D 140 -27.89 16.86 -12.71
C SER D 140 -26.54 16.27 -13.13
N LEU D 141 -25.84 15.66 -12.17
CA LEU D 141 -24.47 15.16 -12.36
C LEU D 141 -24.34 14.01 -13.36
N PHE D 142 -25.31 13.11 -13.36
CA PHE D 142 -25.24 11.92 -14.19
C PHE D 142 -25.85 12.23 -15.54
N LYS D 143 -24.97 12.48 -16.50
CA LYS D 143 -25.34 13.16 -17.74
C LYS D 143 -26.54 12.52 -18.43
N ASP D 144 -27.73 13.04 -18.10
CA ASP D 144 -28.98 12.73 -18.79
C ASP D 144 -29.36 11.26 -18.78
N LYS D 145 -28.42 10.42 -18.30
CA LYS D 145 -28.70 9.03 -17.99
C LYS D 145 -29.13 8.97 -16.53
N PRO D 146 -30.24 8.29 -16.23
CA PRO D 146 -30.81 8.37 -14.89
C PRO D 146 -29.94 7.67 -13.85
N LEU D 147 -30.24 7.94 -12.58
CA LEU D 147 -29.60 7.29 -11.45
C LEU D 147 -30.49 6.14 -10.96
N ILE D 148 -29.93 4.93 -10.93
CA ILE D 148 -30.66 3.73 -10.50
C ILE D 148 -30.28 3.37 -9.08
N ILE D 149 -31.27 3.23 -8.21
CA ILE D 149 -31.03 2.82 -6.81
C ILE D 149 -31.44 1.37 -6.60
N TYR D 150 -30.47 0.51 -6.27
CA TYR D 150 -30.75 -0.89 -5.93
C TYR D 150 -30.83 -1.07 -4.42
N PRO D 165 -33.72 -13.02 -7.79
CA PRO D 165 -33.85 -13.31 -9.21
C PRO D 165 -35.02 -12.57 -9.85
N THR D 166 -36.14 -12.45 -9.13
CA THR D 166 -37.28 -11.65 -9.58
C THR D 166 -37.18 -10.28 -8.94
N ARG D 167 -37.31 -9.23 -9.75
CA ARG D 167 -37.09 -7.86 -9.27
C ARG D 167 -38.12 -6.87 -9.83
N LEU D 168 -38.52 -5.91 -8.99
CA LEU D 168 -39.45 -4.87 -9.41
C LEU D 168 -38.88 -3.47 -9.20
N PHE D 169 -38.86 -2.67 -10.27
CA PHE D 169 -38.36 -1.30 -10.23
C PHE D 169 -39.47 -0.26 -10.50
N GLN D 170 -39.52 0.79 -9.68
CA GLN D 170 -40.50 1.86 -9.84
C GLN D 170 -39.86 3.07 -10.50
N VAL D 171 -40.45 3.53 -11.60
CA VAL D 171 -39.89 4.66 -12.33
C VAL D 171 -40.75 5.91 -12.20
N ARG D 172 -40.18 6.97 -11.66
CA ARG D 172 -40.92 8.21 -11.43
C ARG D 172 -40.16 9.48 -11.80
N ARG D 173 -40.87 10.40 -12.44
CA ARG D 173 -40.40 11.75 -12.66
C ARG D 173 -41.46 12.73 -12.19
N ASN D 174 -41.07 13.71 -11.39
CA ASN D 174 -41.98 14.81 -11.05
C ASN D 174 -41.38 16.20 -11.17
N LEU D 175 -42.17 17.14 -11.69
CA LEU D 175 -41.84 18.57 -11.69
C LEU D 175 -40.37 18.84 -12.06
N ALA D 176 -39.99 18.41 -13.25
CA ALA D 176 -38.60 18.43 -13.74
C ALA D 176 -37.70 17.50 -12.93
N SER D 177 -36.90 18.09 -12.03
CA SER D 177 -35.91 17.36 -11.23
C SER D 177 -35.14 16.29 -12.01
N ILE D 178 -35.65 15.07 -12.02
CA ILE D 178 -35.06 14.00 -12.80
C ILE D 178 -35.90 12.75 -12.66
N THR D 179 -35.81 11.88 -13.67
CA THR D 179 -36.36 10.54 -13.58
C THR D 179 -35.53 9.74 -12.58
N ARG D 180 -36.19 9.33 -11.49
CA ARG D 180 -35.57 8.49 -10.48
C ARG D 180 -36.08 7.07 -10.67
N ILE D 181 -35.18 6.11 -10.74
CA ILE D 181 -35.57 4.72 -10.86
C ILE D 181 -35.21 4.00 -9.56
N VAL D 182 -36.21 3.39 -8.92
CA VAL D 182 -36.01 2.81 -7.59
C VAL D 182 -36.51 1.38 -7.50
N GLU D 183 -35.63 0.47 -7.10
CA GLU D 183 -36.00 -0.92 -6.85
C GLU D 183 -36.92 -1.03 -5.63
N VAL D 184 -38.01 -1.78 -5.81
CA VAL D 184 -39.05 -1.95 -4.78
C VAL D 184 -39.34 -3.43 -4.51
N ASP D 185 -40.10 -3.71 -3.45
CA ASP D 185 -40.58 -5.06 -3.14
C ASP D 185 -41.36 -5.62 -4.33
N VAL D 186 -41.22 -6.92 -4.57
CA VAL D 186 -41.89 -7.58 -5.69
C VAL D 186 -43.35 -7.94 -5.39
N ASP D 187 -44.09 -6.99 -4.82
CA ASP D 187 -45.52 -7.18 -4.56
C ASP D 187 -46.38 -6.34 -5.52
N ALA D 188 -47.64 -6.74 -5.65
CA ALA D 188 -48.60 -6.01 -6.48
C ALA D 188 -48.93 -4.65 -5.87
N ASN D 189 -48.92 -4.56 -4.55
CA ASN D 189 -49.19 -3.29 -3.88
C ASN D 189 -47.99 -2.34 -3.82
N SER D 190 -46.93 -2.70 -4.54
CA SER D 190 -45.82 -1.79 -4.77
C SER D 190 -46.18 -0.92 -5.97
N LEU D 191 -47.14 -1.40 -6.76
CA LEU D 191 -47.57 -0.73 -7.98
C LEU D 191 -48.21 0.59 -7.68
N ASN D 192 -48.30 1.37 -8.74
CA ASN D 192 -48.75 2.72 -8.62
C ASN D 192 -49.18 3.26 -9.97
N SER D 193 -50.46 3.65 -10.04
CA SER D 193 -51.07 4.12 -11.28
C SER D 193 -50.35 5.31 -11.92
N ASN D 194 -49.59 6.04 -11.11
CA ASN D 194 -48.96 7.27 -11.59
C ASN D 194 -47.60 7.04 -12.25
N ASP D 195 -46.98 5.89 -11.95
CA ASP D 195 -45.62 5.63 -12.41
C ASP D 195 -45.53 4.42 -13.36
N VAL D 196 -44.34 4.19 -13.90
CA VAL D 196 -44.07 3.03 -14.75
C VAL D 196 -43.24 2.03 -13.95
N PHE D 197 -43.45 0.74 -14.20
CA PHE D 197 -42.73 -0.31 -13.47
C PHE D 197 -42.04 -1.25 -14.40
N VAL D 198 -40.90 -1.77 -13.96
CA VAL D 198 -40.21 -2.84 -14.69
C VAL D 198 -40.14 -4.08 -13.80
N LEU D 199 -40.70 -5.18 -14.29
CA LEU D 199 -40.66 -6.46 -13.58
C LEU D 199 -39.69 -7.39 -14.29
N LYS D 200 -38.51 -7.55 -13.71
CA LYS D 200 -37.53 -8.49 -14.25
C LYS D 200 -37.79 -9.89 -13.72
N LEU D 201 -37.96 -10.83 -14.64
CA LEU D 201 -38.15 -12.25 -14.31
C LEU D 201 -36.79 -12.96 -14.33
N PRO D 202 -36.71 -14.15 -13.69
CA PRO D 202 -35.43 -14.87 -13.55
C PRO D 202 -34.82 -15.34 -14.88
N GLN D 203 -35.65 -15.48 -15.91
CA GLN D 203 -35.20 -15.95 -17.22
C GLN D 203 -34.60 -14.84 -18.13
N ASN D 204 -34.35 -13.67 -17.54
CA ASN D 204 -33.89 -12.48 -18.30
C ASN D 204 -34.91 -11.99 -19.32
N SER D 205 -36.15 -11.89 -18.89
CA SER D 205 -37.22 -11.27 -19.65
C SER D 205 -38.16 -10.62 -18.65
N GLY D 206 -39.24 -10.01 -19.11
CA GLY D 206 -40.20 -9.41 -18.20
C GLY D 206 -41.18 -8.41 -18.79
N TYR D 207 -41.73 -7.59 -17.92
CA TYR D 207 -42.78 -6.64 -18.29
C TYR D 207 -42.41 -5.22 -17.89
N ILE D 208 -42.74 -4.27 -18.77
CA ILE D 208 -42.82 -2.87 -18.42
C ILE D 208 -44.31 -2.56 -18.28
N TRP D 209 -44.72 -2.23 -17.07
CA TRP D 209 -46.11 -1.96 -16.74
C TRP D 209 -46.30 -0.45 -16.69
N VAL D 210 -46.87 0.09 -17.76
CA VAL D 210 -47.12 1.51 -17.84
C VAL D 210 -48.40 1.86 -17.10
N GLY D 211 -48.25 2.66 -16.05
CA GLY D 211 -49.41 3.18 -15.31
C GLY D 211 -50.24 4.12 -16.16
N LYS D 212 -51.49 4.33 -15.76
CA LYS D 212 -52.43 5.13 -16.55
C LYS D 212 -52.06 6.61 -16.62
N GLY D 213 -51.40 7.11 -15.58
CA GLY D 213 -50.98 8.50 -15.54
C GLY D 213 -49.48 8.68 -15.60
N ALA D 214 -48.83 7.87 -16.43
CA ALA D 214 -47.37 7.87 -16.53
C ALA D 214 -46.87 8.68 -17.73
N SER D 215 -45.77 9.38 -17.53
CA SER D 215 -45.17 10.22 -18.58
C SER D 215 -44.32 9.41 -19.54
N GLN D 216 -44.07 9.97 -20.73
CA GLN D 216 -43.21 9.35 -21.72
C GLN D 216 -41.77 9.26 -21.22
N GLU D 217 -41.35 10.28 -20.47
CA GLU D 217 -40.02 10.30 -19.87
C GLU D 217 -39.83 9.13 -18.92
N GLU D 218 -40.91 8.74 -18.25
CA GLU D 218 -40.89 7.63 -17.33
C GLU D 218 -40.76 6.29 -18.06
N GLU D 219 -41.36 6.22 -19.24
CA GLU D 219 -41.25 5.03 -20.06
C GLU D 219 -39.79 4.87 -20.56
N LYS D 220 -39.16 5.99 -20.90
CA LYS D 220 -37.74 6.00 -21.30
C LYS D 220 -36.81 5.53 -20.19
N GLY D 221 -37.08 5.95 -18.96
CA GLY D 221 -36.35 5.47 -17.81
C GLY D 221 -36.48 3.95 -17.62
N ALA D 222 -37.71 3.46 -17.71
CA ALA D 222 -38.01 2.04 -17.68
C ALA D 222 -37.14 1.30 -18.68
N GLU D 223 -37.18 1.74 -19.94
CA GLU D 223 -36.42 1.12 -21.03
C GLU D 223 -34.92 1.14 -20.77
N TYR D 224 -34.47 2.12 -19.99
CA TYR D 224 -33.06 2.24 -19.61
C TYR D 224 -32.63 1.19 -18.57
N VAL D 225 -33.41 1.02 -17.52
CA VAL D 225 -33.12 -0.02 -16.50
C VAL D 225 -33.10 -1.39 -17.15
N ALA D 226 -34.09 -1.64 -18.01
CA ALA D 226 -34.19 -2.88 -18.76
C ALA D 226 -32.86 -3.26 -19.39
N SER D 227 -32.22 -2.29 -20.05
CA SER D 227 -30.95 -2.52 -20.72
C SER D 227 -29.79 -2.74 -19.75
N VAL D 228 -29.86 -2.11 -18.58
CA VAL D 228 -28.82 -2.26 -17.56
C VAL D 228 -28.95 -3.65 -16.97
N LEU D 229 -30.20 -4.08 -16.84
CA LEU D 229 -30.53 -5.39 -16.31
C LEU D 229 -30.41 -6.46 -17.40
N LYS D 230 -30.18 -6.05 -18.64
CA LYS D 230 -30.15 -6.95 -19.79
C LYS D 230 -31.44 -7.77 -19.85
N CYS D 231 -32.56 -7.06 -19.87
CA CYS D 231 -33.86 -7.66 -19.70
C CYS D 231 -34.75 -7.43 -20.92
N LYS D 232 -35.28 -8.51 -21.47
CA LYS D 232 -36.11 -8.49 -22.68
C LYS D 232 -37.58 -8.24 -22.29
N THR D 233 -38.05 -7.02 -22.50
CA THR D 233 -39.34 -6.59 -21.94
C THR D 233 -40.52 -6.61 -22.91
N LEU D 234 -41.69 -6.90 -22.37
CA LEU D 234 -42.96 -6.75 -23.08
C LEU D 234 -43.70 -5.60 -22.42
N ARG D 235 -44.25 -4.70 -23.22
CA ARG D 235 -44.94 -3.54 -22.68
C ARG D 235 -46.42 -3.82 -22.51
N ILE D 236 -46.87 -3.74 -21.26
CA ILE D 236 -48.27 -3.90 -20.93
C ILE D 236 -48.78 -2.61 -20.28
N GLN D 237 -50.06 -2.32 -20.47
CA GLN D 237 -50.65 -1.09 -19.98
C GLN D 237 -51.58 -1.37 -18.81
N GLU D 238 -51.73 -0.39 -17.91
CA GLU D 238 -52.64 -0.51 -16.78
C GLU D 238 -54.07 -0.74 -17.26
N GLY D 239 -54.69 -1.79 -16.76
CA GLY D 239 -56.03 -2.21 -17.19
C GLY D 239 -56.00 -3.32 -18.22
N GLU D 240 -54.86 -3.45 -18.91
CA GLU D 240 -54.67 -4.44 -19.97
C GLU D 240 -53.61 -5.47 -19.61
N GLU D 241 -53.41 -5.69 -18.31
CA GLU D 241 -52.42 -6.65 -17.82
C GLU D 241 -52.87 -8.06 -18.16
N PRO D 242 -51.94 -8.89 -18.70
CA PRO D 242 -52.22 -10.30 -18.87
C PRO D 242 -52.24 -10.94 -17.49
N GLU D 243 -52.63 -12.21 -17.42
CA GLU D 243 -52.80 -12.84 -16.11
C GLU D 243 -51.50 -13.34 -15.49
N GLU D 244 -50.44 -13.50 -16.28
CA GLU D 244 -49.16 -13.93 -15.71
C GLU D 244 -48.40 -12.80 -15.01
N PHE D 245 -48.74 -11.55 -15.35
CA PHE D 245 -48.16 -10.39 -14.69
C PHE D 245 -48.54 -10.40 -13.21
N TRP D 246 -49.79 -10.71 -12.91
CA TRP D 246 -50.27 -10.77 -11.53
C TRP D 246 -49.70 -11.97 -10.78
N ASN D 247 -49.53 -13.09 -11.47
CA ASN D 247 -48.93 -14.29 -10.88
C ASN D 247 -47.50 -14.08 -10.41
N SER D 248 -46.77 -13.26 -11.17
CA SER D 248 -45.37 -12.99 -10.88
C SER D 248 -45.20 -12.01 -9.72
N LEU D 249 -46.22 -11.19 -9.48
CA LEU D 249 -46.26 -10.29 -8.33
C LEU D 249 -46.87 -10.99 -7.11
N GLY D 250 -47.27 -12.25 -7.28
CA GLY D 250 -47.87 -13.02 -6.21
C GLY D 250 -49.33 -12.69 -5.94
N GLY D 251 -50.08 -12.46 -7.03
CA GLY D 251 -51.51 -12.17 -6.93
C GLY D 251 -51.85 -10.72 -7.20
N LYS D 252 -53.05 -10.51 -7.75
CA LYS D 252 -53.56 -9.16 -7.99
C LYS D 252 -54.09 -8.61 -6.68
N LYS D 253 -53.32 -7.68 -6.12
CA LYS D 253 -53.65 -7.04 -4.86
C LYS D 253 -54.19 -5.66 -5.18
N ASP D 254 -54.89 -5.04 -4.23
CA ASP D 254 -55.25 -3.65 -4.34
C ASP D 254 -54.01 -2.76 -4.15
N TYR D 255 -53.83 -1.82 -5.08
CA TYR D 255 -52.69 -0.90 -5.11
C TYR D 255 -53.18 0.51 -5.44
N GLN D 256 -52.31 1.49 -5.20
CA GLN D 256 -52.61 2.90 -5.50
C GLN D 256 -53.30 3.12 -6.85
N THR D 257 -54.41 3.86 -6.83
CA THR D 257 -55.20 4.14 -8.03
C THR D 257 -55.87 5.51 -7.91
N SER D 258 -55.26 6.52 -8.52
CA SER D 258 -55.70 7.91 -8.33
C SER D 258 -55.37 8.81 -9.53
N PRO D 259 -56.24 9.79 -9.82
CA PRO D 259 -55.97 10.79 -10.85
C PRO D 259 -55.08 11.93 -10.34
N PRO D 269 -51.10 17.93 -6.49
CA PRO D 269 -49.99 17.13 -5.98
C PRO D 269 -50.14 16.78 -4.49
N PRO D 270 -49.66 15.59 -4.08
CA PRO D 270 -49.69 15.19 -2.65
C PRO D 270 -48.68 15.97 -1.81
N ARG D 271 -49.08 16.36 -0.59
CA ARG D 271 -48.28 17.22 0.26
C ARG D 271 -48.16 16.65 1.67
N LEU D 272 -46.93 16.64 2.19
CA LEU D 272 -46.63 16.02 3.49
C LEU D 272 -46.20 17.06 4.54
N TYR D 273 -46.78 16.93 5.74
CA TYR D 273 -46.53 17.86 6.84
C TYR D 273 -46.03 17.12 8.07
N GLY D 274 -45.13 17.78 8.80
CA GLY D 274 -44.65 17.28 10.08
C GLY D 274 -45.32 18.01 11.22
N CYS D 275 -46.09 17.28 12.01
CA CYS D 275 -46.79 17.85 13.16
C CYS D 275 -46.12 17.40 14.45
N SER D 276 -45.60 18.38 15.20
CA SER D 276 -44.84 18.12 16.43
C SER D 276 -45.12 19.16 17.50
N ASN D 277 -44.80 18.81 18.75
CA ASN D 277 -44.87 19.76 19.86
C ASN D 277 -43.59 19.74 20.72
N LYS D 278 -42.48 19.34 20.11
CA LYS D 278 -41.20 19.24 20.83
C LYS D 278 -40.63 20.62 21.18
N THR D 279 -40.98 21.62 20.39
CA THR D 279 -40.59 23.02 20.63
C THR D 279 -41.50 23.70 21.64
N GLY D 280 -42.39 22.93 22.25
CA GLY D 280 -43.31 23.45 23.25
C GLY D 280 -44.71 23.65 22.69
N ARG D 281 -44.81 24.60 21.75
CA ARG D 281 -46.04 24.81 21.00
C ARG D 281 -46.17 23.71 19.96
N PHE D 282 -47.41 23.41 19.58
CA PHE D 282 -47.68 22.46 18.51
C PHE D 282 -47.63 23.16 17.15
N VAL D 283 -46.62 22.82 16.35
CA VAL D 283 -46.46 23.41 15.02
C VAL D 283 -46.51 22.39 13.88
N ILE D 284 -47.31 22.70 12.86
CA ILE D 284 -47.36 21.89 11.66
C ILE D 284 -46.54 22.58 10.58
N GLU D 285 -45.56 21.85 10.04
CA GLU D 285 -44.75 22.37 8.96
C GLU D 285 -44.64 21.40 7.80
N GLU D 286 -44.63 21.94 6.58
CA GLU D 286 -44.61 21.13 5.37
C GLU D 286 -43.22 20.60 5.07
N ILE D 287 -43.17 19.35 4.60
CA ILE D 287 -41.92 18.76 4.09
C ILE D 287 -41.69 19.30 2.68
N PRO D 288 -40.53 19.94 2.45
CA PRO D 288 -40.26 20.55 1.15
C PRO D 288 -39.71 19.58 0.12
N GLY D 289 -40.06 19.82 -1.15
CA GLY D 289 -39.56 19.04 -2.28
C GLY D 289 -40.21 17.68 -2.42
N GLU D 290 -39.43 16.72 -2.92
CA GLU D 290 -39.83 15.33 -2.96
C GLU D 290 -39.76 14.82 -1.53
N PHE D 291 -40.72 14.01 -1.12
CA PHE D 291 -40.64 13.40 0.19
C PHE D 291 -40.48 11.89 0.08
N THR D 292 -39.89 11.29 1.11
CA THR D 292 -39.73 9.84 1.16
C THR D 292 -39.99 9.30 2.54
N GLN D 293 -39.85 7.98 2.66
CA GLN D 293 -40.10 7.24 3.90
C GLN D 293 -39.40 7.83 5.13
N ASP D 294 -38.14 8.24 4.96
CA ASP D 294 -37.34 8.75 6.08
C ASP D 294 -37.77 10.14 6.56
N ASP D 295 -38.67 10.78 5.81
CA ASP D 295 -39.21 12.08 6.21
C ASP D 295 -40.26 11.91 7.28
N LEU D 296 -40.78 10.70 7.42
CA LEU D 296 -41.78 10.37 8.44
C LEU D 296 -41.11 10.33 9.80
N ALA D 297 -41.34 11.39 10.58
CA ALA D 297 -40.72 11.56 11.88
C ALA D 297 -41.23 10.50 12.84
N GLU D 298 -40.37 9.52 13.12
CA GLU D 298 -40.69 8.39 13.99
C GLU D 298 -41.30 8.83 15.31
N ASP D 299 -40.87 10.00 15.78
CA ASP D 299 -41.29 10.50 17.10
C ASP D 299 -42.36 11.59 17.05
N ASP D 300 -43.00 11.77 15.89
CA ASP D 300 -44.04 12.79 15.72
C ASP D 300 -45.22 12.26 14.92
N VAL D 301 -46.08 13.19 14.49
CA VAL D 301 -47.23 12.84 13.66
C VAL D 301 -47.08 13.47 12.28
N MET D 302 -47.39 12.70 11.24
CA MET D 302 -47.29 13.19 9.87
C MET D 302 -48.65 13.27 9.20
N LEU D 303 -48.89 14.41 8.53
CA LEU D 303 -50.09 14.61 7.73
C LEU D 303 -49.74 14.47 6.26
N LEU D 304 -50.39 13.52 5.58
CA LEU D 304 -50.26 13.42 4.14
C LEU D 304 -51.60 13.73 3.47
N ASP D 305 -51.68 14.91 2.87
CA ASP D 305 -52.85 15.31 2.10
C ASP D 305 -52.72 14.77 0.69
N ALA D 306 -53.38 13.64 0.44
CA ALA D 306 -53.39 13.00 -0.86
C ALA D 306 -54.57 13.50 -1.70
N TRP D 307 -55.15 14.62 -1.27
CA TRP D 307 -56.25 15.30 -1.96
C TRP D 307 -57.58 14.53 -1.85
N GLU D 308 -57.61 13.32 -2.41
CA GLU D 308 -58.77 12.42 -2.34
C GLU D 308 -58.94 11.85 -0.94
N GLN D 309 -57.91 12.01 -0.11
CA GLN D 309 -57.81 11.35 1.17
C GLN D 309 -56.77 12.08 2.01
N ILE D 310 -57.00 12.14 3.31
CA ILE D 310 -55.99 12.71 4.22
C ILE D 310 -55.55 11.64 5.20
N PHE D 311 -54.24 11.36 5.19
CA PHE D 311 -53.66 10.38 6.09
C PHE D 311 -52.99 11.05 7.29
N ILE D 312 -53.22 10.49 8.47
CA ILE D 312 -52.52 10.90 9.66
C ILE D 312 -51.66 9.73 10.12
N TRP D 313 -50.36 9.85 9.88
CA TRP D 313 -49.41 8.80 10.20
C TRP D 313 -48.84 9.06 11.59
N ILE D 314 -49.09 8.11 12.49
CA ILE D 314 -48.64 8.22 13.88
C ILE D 314 -47.35 7.41 14.14
N GLY D 315 -46.29 8.13 14.49
CA GLY D 315 -45.02 7.51 14.85
C GLY D 315 -45.13 6.82 16.19
N LYS D 316 -44.28 5.82 16.40
CA LYS D 316 -44.29 5.01 17.63
C LYS D 316 -43.99 5.82 18.91
N ASP D 317 -43.49 7.04 18.75
CA ASP D 317 -43.07 7.86 19.89
C ASP D 317 -43.76 9.23 20.01
N ALA D 318 -44.92 9.36 19.36
CA ALA D 318 -45.64 10.62 19.35
C ALA D 318 -46.45 10.82 20.64
N ASN D 319 -46.64 12.07 21.04
CA ASN D 319 -47.55 12.43 22.11
C ASN D 319 -48.97 12.06 21.73
N GLU D 320 -49.82 11.91 22.72
CA GLU D 320 -51.24 11.79 22.48
C GLU D 320 -51.80 13.14 22.02
N VAL D 321 -51.22 14.23 22.50
CA VAL D 321 -51.66 15.57 22.09
C VAL D 321 -51.29 15.83 20.63
N GLU D 322 -50.10 15.36 20.24
CA GLU D 322 -49.63 15.47 18.86
C GLU D 322 -50.62 14.79 17.91
N LYS D 323 -51.08 13.61 18.30
CA LYS D 323 -52.05 12.84 17.54
C LYS D 323 -53.35 13.61 17.40
N LYS D 324 -53.86 14.14 18.51
CA LYS D 324 -55.17 14.79 18.54
C LYS D 324 -55.20 16.20 17.95
N GLU D 325 -54.08 16.91 17.99
CA GLU D 325 -54.01 18.26 17.42
C GLU D 325 -53.78 18.27 15.91
N SER D 326 -53.10 17.25 15.41
CA SER D 326 -52.93 17.06 13.98
C SER D 326 -54.23 16.53 13.41
N LEU D 327 -54.91 15.70 14.20
CA LEU D 327 -56.25 15.21 13.91
C LEU D 327 -57.22 16.38 13.84
N LYS D 328 -57.11 17.33 14.77
CA LYS D 328 -57.88 18.57 14.74
C LYS D 328 -57.55 19.40 13.51
N SER D 329 -56.25 19.66 13.31
CA SER D 329 -55.77 20.59 12.28
C SER D 329 -55.84 20.05 10.85
N ALA D 330 -56.45 18.88 10.68
CA ALA D 330 -56.71 18.32 9.35
C ALA D 330 -58.19 18.45 9.02
N LYS D 331 -59.03 18.49 10.06
CA LYS D 331 -60.47 18.60 9.90
C LYS D 331 -60.90 20.02 9.46
N MET D 332 -59.95 20.77 8.90
CA MET D 332 -60.23 22.06 8.27
C MET D 332 -60.49 21.87 6.77
N TYR D 333 -59.58 21.17 6.10
CA TYR D 333 -59.63 21.00 4.65
C TYR D 333 -60.74 20.05 4.20
N LEU D 334 -61.97 20.55 4.23
CA LEU D 334 -63.14 19.73 3.92
C LEU D 334 -63.91 20.30 2.73
N THR D 345 -64.57 14.04 1.97
CA THR D 345 -63.17 13.64 1.90
C THR D 345 -62.72 12.89 3.17
N PRO D 346 -62.44 11.58 3.02
CA PRO D 346 -62.01 10.69 4.11
C PRO D 346 -60.74 11.17 4.81
N ILE D 347 -60.61 10.77 6.08
CA ILE D 347 -59.46 11.14 6.89
C ILE D 347 -59.05 9.92 7.73
N VAL D 348 -58.08 9.17 7.20
CA VAL D 348 -57.70 7.86 7.73
C VAL D 348 -56.50 7.97 8.65
N ILE D 349 -56.62 7.37 9.84
CA ILE D 349 -55.52 7.39 10.82
C ILE D 349 -54.69 6.12 10.74
N ILE D 350 -53.38 6.29 10.63
CA ILE D 350 -52.46 5.22 10.29
C ILE D 350 -51.32 5.05 11.32
N LYS D 351 -51.15 3.81 11.77
CA LYS D 351 -50.07 3.48 12.70
C LYS D 351 -48.79 3.11 11.96
N GLN D 352 -47.65 3.45 12.55
CA GLN D 352 -46.35 3.13 11.97
C GLN D 352 -46.19 1.62 11.85
N GLY D 353 -45.70 1.17 10.70
CA GLY D 353 -45.46 -0.26 10.46
C GLY D 353 -46.68 -1.04 10.03
N HIS D 354 -47.79 -0.34 9.84
CA HIS D 354 -49.04 -0.93 9.39
C HIS D 354 -49.65 -0.24 8.18
N GLU D 355 -48.89 0.66 7.57
CA GLU D 355 -49.37 1.51 6.49
C GLU D 355 -50.01 0.72 5.35
N PRO D 356 -51.21 1.15 4.91
CA PRO D 356 -51.92 0.52 3.81
C PRO D 356 -51.26 0.86 2.46
N PRO D 357 -51.44 -0.01 1.45
CA PRO D 357 -50.83 0.22 0.13
C PRO D 357 -51.24 1.57 -0.46
N THR D 358 -52.45 2.01 -0.15
CA THR D 358 -52.99 3.27 -0.64
C THR D 358 -52.22 4.51 -0.13
N PHE D 359 -51.59 4.38 1.04
CA PHE D 359 -50.74 5.43 1.61
C PHE D 359 -49.30 5.27 1.13
N THR D 360 -48.83 4.03 1.15
CA THR D 360 -47.46 3.66 0.78
C THR D 360 -47.10 4.03 -0.66
N GLY D 361 -48.11 4.07 -1.53
CA GLY D 361 -47.91 4.35 -2.95
C GLY D 361 -47.35 5.72 -3.28
N TRP D 362 -47.57 6.70 -2.41
CA TRP D 362 -47.12 8.07 -2.66
C TRP D 362 -45.64 8.23 -2.40
N PHE D 363 -45.02 7.13 -1.98
CA PHE D 363 -43.60 7.08 -1.70
C PHE D 363 -42.86 6.25 -2.75
N LEU D 364 -41.80 6.82 -3.29
CA LEU D 364 -40.97 6.15 -4.27
C LEU D 364 -40.08 5.18 -3.52
N GLY D 365 -40.53 3.94 -3.41
CA GLY D 365 -39.75 2.92 -2.73
C GLY D 365 -40.03 2.90 -1.25
N TRP D 366 -40.70 1.85 -0.82
CA TRP D 366 -41.04 1.65 0.57
C TRP D 366 -40.31 0.42 1.10
N ASP D 367 -39.56 0.59 2.18
CA ASP D 367 -38.99 -0.56 2.87
C ASP D 367 -39.93 -0.97 4.00
N SER D 368 -40.77 -1.96 3.72
CA SER D 368 -41.81 -2.41 4.65
C SER D 368 -41.25 -2.94 5.96
N SER D 369 -39.98 -3.35 5.94
CA SER D 369 -39.29 -3.85 7.12
C SER D 369 -38.20 -2.87 7.59
N LYS D 370 -38.42 -1.58 7.33
CA LYS D 370 -37.55 -0.51 7.87
C LYS D 370 -37.73 -0.46 9.38
N TRP D 371 -38.99 -0.38 9.81
CA TRP D 371 -39.33 -0.24 11.22
C TRP D 371 -39.48 -1.60 11.88
N GLY E 52 -7.03 -24.44 17.90
CA GLY E 52 -8.33 -23.74 17.67
C GLY E 52 -8.15 -22.26 17.47
N LYS E 53 -7.65 -21.88 16.28
CA LYS E 53 -7.39 -20.48 15.95
C LYS E 53 -8.38 -19.98 14.91
N VAL E 54 -8.97 -18.81 15.19
CA VAL E 54 -10.12 -18.33 14.43
C VAL E 54 -9.91 -16.89 13.98
N GLU E 55 -10.16 -16.64 12.70
CA GLU E 55 -10.09 -15.30 12.13
C GLU E 55 -11.37 -15.00 11.39
N ILE E 56 -11.92 -13.81 11.61
CA ILE E 56 -13.15 -13.40 10.93
C ILE E 56 -12.93 -12.10 10.16
N TRP E 57 -13.33 -12.12 8.89
CA TRP E 57 -13.30 -10.92 8.08
C TRP E 57 -14.71 -10.56 7.63
N ARG E 58 -14.90 -9.27 7.38
CA ARG E 58 -16.15 -8.77 6.84
C ARG E 58 -15.92 -8.60 5.33
N VAL E 59 -16.83 -9.13 4.52
CA VAL E 59 -16.70 -9.09 3.07
C VAL E 59 -16.96 -7.69 2.49
N ASN E 62 -14.85 -5.50 -2.19
CA ASN E 62 -13.60 -5.61 -2.95
C ASN E 62 -12.37 -5.91 -2.10
N GLY E 63 -12.58 -6.59 -0.97
CA GLY E 63 -11.48 -6.97 -0.08
C GLY E 63 -11.97 -7.49 1.26
N ARG E 64 -11.02 -7.82 2.14
CA ARG E 64 -11.31 -8.31 3.48
C ARG E 64 -11.00 -7.28 4.57
N ILE E 65 -12.03 -6.92 5.35
CA ILE E 65 -11.86 -6.01 6.46
C ILE E 65 -11.92 -6.79 7.76
N GLN E 66 -10.85 -6.73 8.54
CA GLN E 66 -10.76 -7.42 9.82
C GLN E 66 -11.89 -6.98 10.74
N VAL E 67 -12.66 -7.95 11.23
CA VAL E 67 -13.74 -7.64 12.17
C VAL E 67 -13.19 -7.56 13.59
N ASP E 68 -13.74 -6.62 14.37
CA ASP E 68 -13.32 -6.39 15.74
C ASP E 68 -13.29 -7.69 16.56
N GLN E 69 -12.17 -7.92 17.24
CA GLN E 69 -11.96 -9.13 18.06
C GLN E 69 -13.05 -9.35 19.11
N ASN E 70 -13.48 -8.26 19.76
CA ASN E 70 -14.60 -8.30 20.70
C ASN E 70 -15.94 -8.61 20.05
N SER E 71 -16.07 -8.26 18.77
CA SER E 71 -17.33 -8.42 18.04
C SER E 71 -17.48 -9.79 17.37
N TYR E 72 -16.65 -10.76 17.77
CA TYR E 72 -16.72 -12.12 17.21
C TYR E 72 -18.04 -12.78 17.60
N GLY E 73 -18.84 -13.12 16.59
CA GLY E 73 -20.17 -13.67 16.81
C GLY E 73 -21.24 -12.65 16.49
N GLU E 74 -20.86 -11.38 16.40
CA GLU E 74 -21.77 -10.32 15.97
C GLU E 74 -21.66 -10.11 14.46
N PHE E 75 -22.72 -10.45 13.75
CA PHE E 75 -22.76 -10.36 12.30
C PHE E 75 -23.89 -9.44 11.86
N TYR E 76 -23.70 -8.76 10.72
CA TYR E 76 -24.79 -8.00 10.10
C TYR E 76 -25.54 -8.88 9.11
N GLY E 77 -26.86 -8.84 9.19
CA GLY E 77 -27.72 -9.67 8.35
C GLY E 77 -27.60 -9.38 6.88
N GLY E 78 -27.35 -8.11 6.55
CA GLY E 78 -27.19 -7.71 5.17
C GLY E 78 -25.78 -7.90 4.64
N ASP E 79 -24.98 -8.70 5.36
CA ASP E 79 -23.56 -8.86 5.04
C ASP E 79 -23.10 -10.31 4.96
N CYS E 80 -21.95 -10.51 4.30
CA CYS E 80 -21.28 -11.79 4.25
C CYS E 80 -19.95 -11.73 5.01
N TYR E 81 -19.59 -12.84 5.65
CA TYR E 81 -18.39 -12.91 6.45
C TYR E 81 -17.56 -14.13 6.06
N ILE E 82 -16.25 -13.98 6.13
CA ILE E 82 -15.36 -15.10 5.87
C ILE E 82 -14.69 -15.50 7.18
N ILE E 83 -15.02 -16.70 7.65
CA ILE E 83 -14.47 -17.24 8.88
C ILE E 83 -13.42 -18.30 8.56
N LEU E 84 -12.20 -18.06 9.01
CA LEU E 84 -11.08 -18.96 8.78
C LEU E 84 -10.69 -19.70 10.05
N TYR E 85 -10.81 -21.03 10.00
CA TYR E 85 -10.38 -21.88 11.10
C TYR E 85 -9.11 -22.62 10.68
N THR E 86 -8.04 -22.43 11.45
CA THR E 86 -6.77 -23.10 11.19
C THR E 86 -6.39 -24.04 12.34
N GLN E 91 -7.17 -26.59 6.98
CA GLN E 91 -7.88 -25.31 7.06
C GLN E 91 -9.35 -25.51 6.76
N ILE E 92 -10.20 -24.73 7.41
CA ILE E 92 -11.63 -24.68 7.05
C ILE E 92 -12.06 -23.23 6.87
N ILE E 93 -12.67 -22.94 5.73
CA ILE E 93 -13.24 -21.61 5.48
C ILE E 93 -14.76 -21.69 5.51
N TYR E 94 -15.35 -21.07 6.51
CA TYR E 94 -16.80 -20.90 6.52
C TYR E 94 -17.13 -19.55 5.91
N THR E 95 -17.93 -19.58 4.85
CA THR E 95 -18.42 -18.36 4.23
C THR E 95 -19.83 -18.09 4.73
N TRP E 96 -19.95 -17.21 5.71
CA TRP E 96 -21.24 -16.90 6.31
C TRP E 96 -21.98 -15.85 5.48
N GLN E 97 -23.13 -16.24 4.94
CA GLN E 97 -23.92 -15.37 4.09
C GLN E 97 -25.20 -14.98 4.80
N GLY E 98 -25.37 -13.67 4.99
CA GLY E 98 -26.55 -13.15 5.66
C GLY E 98 -27.81 -13.32 4.83
N ALA E 99 -28.90 -13.65 5.50
CA ALA E 99 -30.19 -13.85 4.85
C ALA E 99 -30.66 -12.63 4.05
N ASN E 100 -30.16 -11.46 4.42
CA ASN E 100 -30.49 -10.22 3.72
C ASN E 100 -29.42 -9.69 2.77
N ALA E 101 -28.36 -10.47 2.59
CA ALA E 101 -27.30 -10.07 1.70
C ALA E 101 -27.80 -10.02 0.26
N THR E 102 -27.42 -8.95 -0.45
CA THR E 102 -27.74 -8.83 -1.87
C THR E 102 -26.91 -9.85 -2.65
N ARG E 103 -27.43 -10.29 -3.80
CA ARG E 103 -26.74 -11.27 -4.65
C ARG E 103 -25.35 -10.79 -5.08
N ASP E 104 -25.17 -9.47 -5.11
CA ASP E 104 -23.87 -8.85 -5.35
C ASP E 104 -22.84 -9.23 -4.28
N GLU E 105 -23.27 -9.20 -3.02
CA GLU E 105 -22.41 -9.60 -1.90
C GLU E 105 -22.13 -11.11 -1.92
N LEU E 106 -23.15 -11.89 -2.27
CA LEU E 106 -23.04 -13.35 -2.37
C LEU E 106 -21.96 -13.78 -3.36
N THR E 107 -21.84 -13.03 -4.45
CA THR E 107 -20.83 -13.29 -5.48
C THR E 107 -19.44 -12.86 -5.00
N THR E 108 -19.37 -11.70 -4.34
CA THR E 108 -18.09 -11.19 -3.84
C THR E 108 -17.56 -12.10 -2.73
N SER E 109 -18.45 -12.58 -1.87
CA SER E 109 -18.06 -13.50 -0.80
C SER E 109 -17.47 -14.78 -1.37
N ALA E 110 -18.11 -15.34 -2.38
CA ALA E 110 -17.62 -16.55 -3.05
C ALA E 110 -16.28 -16.30 -3.74
N PHE E 111 -16.16 -15.14 -4.39
CA PHE E 111 -14.91 -14.73 -5.04
C PHE E 111 -13.78 -14.59 -4.04
N LEU E 112 -14.09 -14.07 -2.85
CA LEU E 112 -13.08 -13.78 -1.84
C LEU E 112 -12.59 -15.01 -1.08
N THR E 113 -13.46 -16.01 -0.91
CA THR E 113 -13.04 -17.27 -0.29
C THR E 113 -12.15 -18.07 -1.24
N VAL E 114 -12.39 -17.90 -2.54
CA VAL E 114 -11.52 -18.46 -3.57
C VAL E 114 -10.16 -17.78 -3.49
N GLN E 115 -10.16 -16.45 -3.38
CA GLN E 115 -8.95 -15.68 -3.17
C GLN E 115 -8.20 -16.11 -1.92
N LEU E 116 -8.93 -16.30 -0.83
CA LEU E 116 -8.36 -16.75 0.44
C LEU E 116 -7.78 -18.17 0.33
N ASP E 117 -8.55 -19.08 -0.25
CA ASP E 117 -8.13 -20.48 -0.40
C ASP E 117 -6.87 -20.61 -1.26
N ARG E 118 -6.82 -19.86 -2.35
CA ARG E 118 -5.68 -19.87 -3.25
C ARG E 118 -4.40 -19.33 -2.60
N SER E 119 -4.55 -18.40 -1.67
CA SER E 119 -3.40 -17.83 -0.96
C SER E 119 -2.90 -18.75 0.15
N LEU E 120 -3.70 -19.75 0.50
CA LEU E 120 -3.31 -20.76 1.50
C LEU E 120 -2.79 -22.05 0.86
N GLY E 121 -2.83 -22.09 -0.47
CA GLY E 121 -2.33 -23.24 -1.22
C GLY E 121 -3.40 -24.03 -1.95
N GLY E 122 -4.66 -23.74 -1.62
CA GLY E 122 -5.79 -24.46 -2.21
C GLY E 122 -6.13 -25.72 -1.44
N GLN E 123 -5.62 -25.84 -0.22
CA GLN E 123 -5.81 -27.03 0.62
C GLN E 123 -7.06 -26.97 1.48
N ALA E 124 -7.62 -25.76 1.60
CA ALA E 124 -8.70 -25.50 2.55
C ALA E 124 -10.04 -26.10 2.14
N VAL E 125 -10.78 -26.58 3.13
CA VAL E 125 -12.16 -27.01 2.92
C VAL E 125 -13.01 -25.75 2.93
N GLN E 126 -13.95 -25.67 2.00
CA GLN E 126 -14.82 -24.51 1.88
C GLN E 126 -16.26 -24.91 2.15
N ILE E 127 -16.89 -24.20 3.09
CA ILE E 127 -18.27 -24.48 3.49
C ILE E 127 -19.13 -23.23 3.42
N ARG E 128 -20.13 -23.26 2.55
CA ARG E 128 -21.02 -22.12 2.35
C ARG E 128 -22.13 -22.16 3.40
N VAL E 129 -22.09 -21.19 4.31
CA VAL E 129 -23.06 -21.16 5.41
C VAL E 129 -24.08 -20.06 5.24
N SER E 130 -25.35 -20.46 5.06
CA SER E 130 -26.48 -19.55 5.10
C SER E 130 -26.76 -19.16 6.55
N GLN E 131 -27.28 -17.95 6.74
CA GLN E 131 -27.69 -17.48 8.06
C GLN E 131 -28.66 -18.45 8.72
N GLY E 132 -28.40 -18.76 9.98
CA GLY E 132 -29.26 -19.63 10.79
C GLY E 132 -29.13 -21.10 10.43
N LYS E 133 -28.28 -21.38 9.45
CA LYS E 133 -28.10 -22.71 8.90
C LYS E 133 -26.69 -23.22 9.17
N GLU E 134 -26.06 -22.64 10.20
CA GLU E 134 -24.69 -22.93 10.60
C GLU E 134 -24.46 -24.41 10.94
N PRO E 135 -23.41 -25.03 10.35
CA PRO E 135 -23.14 -26.44 10.57
C PRO E 135 -22.57 -26.71 11.96
N VAL E 136 -22.50 -27.99 12.31
CA VAL E 136 -22.02 -28.45 13.62
C VAL E 136 -20.83 -27.66 14.21
N HIS E 137 -19.80 -27.47 13.40
CA HIS E 137 -18.50 -26.98 13.87
C HIS E 137 -18.39 -25.47 14.04
N LEU E 138 -19.05 -24.69 13.17
CA LEU E 138 -18.94 -23.23 13.20
C LEU E 138 -19.56 -22.58 14.45
N LEU E 139 -20.50 -23.30 15.08
CA LEU E 139 -21.11 -22.81 16.31
C LEU E 139 -20.15 -22.94 17.49
N SER E 140 -19.46 -24.08 17.56
CA SER E 140 -18.53 -24.39 18.65
C SER E 140 -17.39 -23.38 18.73
N LEU E 141 -17.07 -22.79 17.58
CA LEU E 141 -16.04 -21.76 17.47
C LEU E 141 -16.35 -20.50 18.29
N PHE E 142 -17.64 -20.26 18.57
CA PHE E 142 -18.03 -19.15 19.46
C PHE E 142 -18.10 -19.63 20.90
N LYS E 143 -17.04 -19.30 21.65
CA LYS E 143 -16.79 -19.82 22.98
C LYS E 143 -17.83 -19.32 24.01
N ASP E 144 -18.93 -20.05 24.13
CA ASP E 144 -20.02 -19.75 25.08
C ASP E 144 -20.58 -18.32 25.00
N LYS E 145 -20.21 -17.61 23.94
CA LYS E 145 -20.83 -16.34 23.61
C LYS E 145 -21.81 -16.60 22.46
N PRO E 146 -23.02 -16.01 22.55
CA PRO E 146 -24.06 -16.31 21.58
C PRO E 146 -23.83 -15.58 20.27
N LEU E 147 -24.51 -16.08 19.24
CA LEU E 147 -24.54 -15.49 17.90
C LEU E 147 -25.54 -14.36 17.89
N ILE E 148 -25.10 -13.18 17.47
CA ILE E 148 -25.96 -12.00 17.39
C ILE E 148 -26.01 -11.52 15.96
N ILE E 149 -27.23 -11.35 15.43
CA ILE E 149 -27.40 -10.88 14.05
C ILE E 149 -28.22 -9.58 13.99
N TYR E 150 -27.77 -8.67 13.14
CA TYR E 150 -28.45 -7.40 12.92
C TYR E 150 -29.08 -7.35 11.54
N PRO E 165 -32.84 4.07 16.27
CA PRO E 165 -32.63 4.37 17.69
C PRO E 165 -33.39 3.43 18.60
N THR E 166 -34.61 3.04 18.20
CA THR E 166 -35.38 2.03 18.92
C THR E 166 -35.16 0.68 18.21
N ARG E 167 -34.82 -0.35 19.00
CA ARG E 167 -34.45 -1.66 18.42
C ARG E 167 -35.04 -2.82 19.19
N LEU E 168 -35.45 -3.86 18.47
CA LEU E 168 -35.99 -5.06 19.10
C LEU E 168 -35.20 -6.30 18.69
N PHE E 169 -34.77 -7.09 19.67
CA PHE E 169 -33.99 -8.31 19.42
C PHE E 169 -34.72 -9.55 19.95
N GLN E 170 -34.78 -10.59 19.13
CA GLN E 170 -35.40 -11.86 19.51
C GLN E 170 -34.35 -12.90 19.93
N VAL E 171 -34.48 -13.42 21.14
CA VAL E 171 -33.52 -14.40 21.66
C VAL E 171 -34.11 -15.80 21.71
N ARG E 172 -33.47 -16.73 21.00
CA ARG E 172 -33.96 -18.11 20.95
C ARG E 172 -32.87 -19.18 21.06
N ARG E 173 -33.16 -20.21 21.85
CA ARG E 173 -32.36 -21.42 21.87
C ARG E 173 -33.27 -22.63 21.69
N ASN E 174 -32.91 -23.51 20.77
CA ASN E 174 -33.61 -24.80 20.64
C ASN E 174 -32.69 -26.00 20.52
N LEU E 175 -33.08 -27.11 21.17
CA LEU E 175 -32.34 -28.38 21.07
C LEU E 175 -30.81 -28.18 21.18
N ALA E 176 -30.38 -27.52 22.26
CA ALA E 176 -28.97 -27.17 22.50
C ALA E 176 -28.41 -26.21 21.44
N SER E 177 -27.62 -26.75 20.50
CA SER E 177 -26.97 -25.95 19.45
C SER E 177 -26.26 -24.72 20.02
N ILE E 178 -26.85 -23.54 19.82
CA ILE E 178 -26.35 -22.29 20.39
C ILE E 178 -27.50 -21.31 20.56
N THR E 179 -27.35 -20.36 21.49
CA THR E 179 -28.32 -19.29 21.67
C THR E 179 -28.24 -18.31 20.51
N ARG E 180 -29.36 -18.07 19.84
CA ARG E 180 -29.40 -17.12 18.73
C ARG E 180 -30.14 -15.82 19.08
N ILE E 181 -29.48 -14.70 18.82
CA ILE E 181 -30.09 -13.39 19.06
C ILE E 181 -30.28 -12.68 17.72
N VAL E 182 -31.52 -12.34 17.40
CA VAL E 182 -31.82 -11.77 16.10
C VAL E 182 -32.63 -10.48 16.19
N GLU E 183 -32.12 -9.42 15.58
CA GLU E 183 -32.84 -8.16 15.48
C GLU E 183 -34.07 -8.30 14.58
N VAL E 184 -35.20 -7.76 15.05
CA VAL E 184 -36.48 -7.89 14.38
C VAL E 184 -37.16 -6.52 14.25
N ASP E 185 -38.24 -6.46 13.47
CA ASP E 185 -39.05 -5.24 13.35
C ASP E 185 -39.55 -4.79 14.72
N VAL E 186 -39.62 -3.48 14.93
CA VAL E 186 -40.07 -2.93 16.21
C VAL E 186 -41.60 -2.88 16.34
N ASP E 187 -42.25 -4.00 16.02
CA ASP E 187 -43.70 -4.13 16.18
C ASP E 187 -44.05 -5.07 17.33
N ALA E 188 -45.28 -4.95 17.82
CA ALA E 188 -45.79 -5.81 18.89
C ALA E 188 -45.99 -7.25 18.40
N ASN E 189 -46.35 -7.39 17.12
CA ASN E 189 -46.52 -8.72 16.53
C ASN E 189 -45.21 -9.39 16.11
N SER E 190 -44.09 -8.78 16.48
CA SER E 190 -42.80 -9.43 16.38
C SER E 190 -42.59 -10.30 17.61
N LEU E 191 -43.34 -10.01 18.68
CA LEU E 191 -43.24 -10.74 19.93
C LEU E 191 -43.63 -12.21 19.78
N ASN E 192 -43.08 -13.04 20.65
CA ASN E 192 -43.26 -14.49 20.57
C ASN E 192 -43.19 -15.10 21.97
N SER E 193 -44.28 -15.75 22.37
CA SER E 193 -44.41 -16.34 23.71
C SER E 193 -43.31 -17.35 24.08
N ASN E 194 -42.66 -17.92 23.08
CA ASN E 194 -41.66 -18.95 23.31
C ASN E 194 -40.25 -18.41 23.58
N ASP E 195 -40.01 -17.17 23.18
CA ASP E 195 -38.67 -16.60 23.26
C ASP E 195 -38.59 -15.38 24.19
N VAL E 196 -37.37 -14.88 24.41
CA VAL E 196 -37.14 -13.65 25.18
C VAL E 196 -36.80 -12.52 24.21
N PHE E 197 -37.22 -11.30 24.55
CA PHE E 197 -36.98 -10.13 23.70
C PHE E 197 -36.29 -9.00 24.46
N VAL E 198 -35.45 -8.26 23.75
CA VAL E 198 -34.82 -7.05 24.29
C VAL E 198 -35.25 -5.85 23.47
N LEU E 199 -35.91 -4.91 24.13
CA LEU E 199 -36.35 -3.67 23.48
C LEU E 199 -35.44 -2.54 23.93
N LYS E 200 -34.52 -2.12 23.06
CA LYS E 200 -33.65 -0.99 23.36
C LYS E 200 -34.33 0.31 22.96
N LEU E 201 -34.44 1.22 23.92
CA LEU E 201 -35.02 2.53 23.70
C LEU E 201 -33.91 3.53 23.39
N PRO E 202 -34.26 4.68 22.78
CA PRO E 202 -33.27 5.67 22.34
C PRO E 202 -32.43 6.27 23.47
N GLN E 203 -32.95 6.24 24.69
CA GLN E 203 -32.29 6.85 25.85
C GLN E 203 -31.25 5.93 26.51
N ASN E 204 -30.91 4.83 25.84
CA ASN E 204 -30.02 3.80 26.38
C ASN E 204 -30.56 3.11 27.63
N SER E 205 -31.83 2.69 27.54
CA SER E 205 -32.49 1.90 28.56
C SER E 205 -33.49 1.04 27.82
N GLY E 206 -34.24 0.21 28.54
CA GLY E 206 -35.27 -0.60 27.90
C GLY E 206 -35.80 -1.77 28.70
N TYR E 207 -36.40 -2.71 27.97
CA TYR E 207 -37.07 -3.85 28.59
C TYR E 207 -36.52 -5.16 28.07
N ILE E 208 -36.38 -6.13 28.98
CA ILE E 208 -36.26 -7.54 28.62
C ILE E 208 -37.63 -8.19 28.87
N TRP E 209 -38.26 -8.63 27.77
CA TRP E 209 -39.60 -9.21 27.83
C TRP E 209 -39.49 -10.72 27.79
N VAL E 210 -39.70 -11.36 28.94
CA VAL E 210 -39.62 -12.82 29.03
C VAL E 210 -40.96 -13.44 28.65
N GLY E 211 -40.95 -14.19 27.55
CA GLY E 211 -42.11 -14.96 27.13
C GLY E 211 -42.44 -16.05 28.13
N LYS E 212 -43.68 -16.53 28.07
CA LYS E 212 -44.19 -17.51 29.03
C LYS E 212 -43.52 -18.88 28.92
N GLY E 213 -43.06 -19.22 27.71
CA GLY E 213 -42.39 -20.50 27.47
C GLY E 213 -40.93 -20.35 27.13
N ALA E 214 -40.26 -19.41 27.79
CA ALA E 214 -38.86 -19.11 27.52
C ALA E 214 -37.91 -19.79 28.50
N SER E 215 -36.76 -20.24 27.97
CA SER E 215 -35.74 -20.91 28.78
C SER E 215 -34.84 -19.93 29.52
N GLN E 216 -34.19 -20.41 30.57
CA GLN E 216 -33.23 -19.63 31.34
C GLN E 216 -32.04 -19.22 30.47
N GLU E 217 -31.64 -20.12 29.56
CA GLU E 217 -30.54 -19.87 28.63
C GLU E 217 -30.87 -18.68 27.73
N GLU E 218 -32.15 -18.55 27.39
CA GLU E 218 -32.62 -17.45 26.56
C GLU E 218 -32.58 -16.15 27.32
N GLU E 219 -32.81 -16.20 28.63
CA GLU E 219 -32.74 -15.00 29.46
C GLU E 219 -31.29 -14.53 29.57
N LYS E 220 -30.36 -15.48 29.66
CA LYS E 220 -28.92 -15.17 29.67
C LYS E 220 -28.45 -14.50 28.37
N GLY E 221 -28.92 -15.00 27.24
CA GLY E 221 -28.64 -14.38 25.95
C GLY E 221 -29.14 -12.94 25.91
N ALA E 222 -30.38 -12.72 26.37
CA ALA E 222 -30.97 -11.40 26.47
C ALA E 222 -30.05 -10.46 27.24
N GLU E 223 -29.67 -10.88 28.44
CA GLU E 223 -28.77 -10.11 29.30
C GLU E 223 -27.42 -9.81 28.65
N TYR E 224 -27.02 -10.66 27.70
CA TYR E 224 -25.75 -10.47 26.98
C TYR E 224 -25.85 -9.36 25.93
N VAL E 225 -26.90 -9.37 25.12
CA VAL E 225 -27.11 -8.32 24.12
C VAL E 225 -27.21 -6.98 24.81
N ALA E 226 -27.96 -6.93 25.91
CA ALA E 226 -28.11 -5.73 26.72
C ALA E 226 -26.77 -5.08 27.00
N SER E 227 -25.79 -5.88 27.42
CA SER E 227 -24.46 -5.38 27.73
C SER E 227 -23.67 -4.94 26.50
N VAL E 228 -23.95 -5.57 25.35
CA VAL E 228 -23.30 -5.20 24.09
C VAL E 228 -23.84 -3.86 23.59
N LEU E 229 -25.16 -3.69 23.71
CA LEU E 229 -25.84 -2.45 23.32
C LEU E 229 -25.68 -1.34 24.38
N LYS E 230 -25.02 -1.67 25.49
CA LYS E 230 -24.89 -0.75 26.63
C LYS E 230 -26.25 -0.22 27.05
N CYS E 231 -27.15 -1.16 27.33
CA CYS E 231 -28.56 -0.86 27.56
C CYS E 231 -28.99 -1.26 28.98
N LYS E 232 -29.57 -0.31 29.70
CA LYS E 232 -30.03 -0.49 31.08
C LYS E 232 -31.45 -1.05 31.09
N THR E 233 -31.57 -2.35 31.38
CA THR E 233 -32.83 -3.06 31.17
C THR E 233 -33.68 -3.27 32.41
N LEU E 234 -35.00 -3.25 32.22
CA LEU E 234 -35.96 -3.66 33.24
C LEU E 234 -36.60 -4.97 32.76
N ARG E 235 -36.69 -5.95 33.65
CA ARG E 235 -37.25 -7.25 33.28
C ARG E 235 -38.76 -7.32 33.52
N ILE E 236 -39.49 -7.55 32.43
CA ILE E 236 -40.94 -7.71 32.47
C ILE E 236 -41.33 -9.07 31.90
N GLN E 237 -42.44 -9.60 32.38
CA GLN E 237 -42.88 -10.94 31.99
C GLN E 237 -44.13 -10.86 31.12
N GLU E 238 -44.29 -11.82 30.21
CA GLU E 238 -45.49 -11.93 29.39
C GLU E 238 -46.74 -12.00 30.25
N GLY E 239 -47.68 -11.09 29.99
CA GLY E 239 -48.90 -10.97 30.79
C GLY E 239 -48.82 -9.88 31.85
N GLU E 240 -47.59 -9.53 32.23
CA GLU E 240 -47.32 -8.52 33.24
C GLU E 240 -46.62 -7.29 32.68
N GLU E 241 -46.82 -7.04 31.38
CA GLU E 241 -46.22 -5.89 30.71
C GLU E 241 -46.84 -4.59 31.25
N PRO E 242 -45.99 -3.60 31.56
CA PRO E 242 -46.50 -2.27 31.88
C PRO E 242 -47.03 -1.64 30.61
N GLU E 243 -47.66 -0.47 30.71
CA GLU E 243 -48.30 0.11 29.53
C GLU E 243 -47.33 0.87 28.62
N GLU E 244 -46.16 1.25 29.13
CA GLU E 244 -45.18 1.94 28.28
C GLU E 244 -44.45 0.99 27.33
N PHE E 245 -44.42 -0.29 27.68
CA PHE E 245 -43.84 -1.30 26.81
C PHE E 245 -44.59 -1.37 25.47
N TRP E 246 -45.91 -1.32 25.54
CA TRP E 246 -46.76 -1.36 24.34
C TRP E 246 -46.67 -0.08 23.54
N ASN E 247 -46.55 1.06 24.22
CA ASN E 247 -46.39 2.36 23.57
C ASN E 247 -45.12 2.47 22.74
N SER E 248 -44.06 1.81 23.21
CA SER E 248 -42.77 1.85 22.55
C SER E 248 -42.72 0.93 21.33
N LEU E 249 -43.58 -0.09 21.32
CA LEU E 249 -43.73 -0.98 20.16
C LEU E 249 -44.78 -0.43 19.19
N GLY E 250 -45.36 0.72 19.54
CA GLY E 250 -46.39 1.36 18.72
C GLY E 250 -47.75 0.70 18.84
N GLY E 251 -48.14 0.35 20.06
CA GLY E 251 -49.44 -0.24 20.32
C GLY E 251 -49.40 -1.74 20.59
N LYS E 252 -50.34 -2.21 21.41
CA LYS E 252 -50.49 -3.63 21.70
C LYS E 252 -51.26 -4.28 20.56
N LYS E 253 -50.58 -5.13 19.79
CA LYS E 253 -51.19 -5.78 18.62
C LYS E 253 -51.23 -7.28 18.82
N ASP E 254 -52.00 -7.97 17.96
CA ASP E 254 -52.06 -9.42 17.98
C ASP E 254 -50.73 -10.03 17.52
N TYR E 255 -50.04 -10.68 18.45
CA TYR E 255 -48.80 -11.40 18.17
C TYR E 255 -49.02 -12.91 18.21
N GLN E 256 -47.95 -13.66 18.44
CA GLN E 256 -48.00 -15.11 18.45
C GLN E 256 -48.08 -15.61 19.88
N THR E 257 -49.26 -16.07 20.28
CA THR E 257 -49.51 -16.46 21.67
C THR E 257 -50.58 -17.54 21.81
N SER E 258 -50.87 -18.24 20.71
CA SER E 258 -51.85 -19.32 20.71
C SER E 258 -51.41 -20.45 21.65
N PRO E 259 -52.34 -21.01 22.44
CA PRO E 259 -52.11 -21.92 23.56
C PRO E 259 -50.75 -22.62 23.65
N LEU E 260 -50.35 -23.36 22.61
CA LEU E 260 -49.12 -24.16 22.64
C LEU E 260 -47.87 -23.37 23.03
N LEU E 261 -47.74 -22.16 22.49
CA LEU E 261 -46.58 -21.31 22.74
C LEU E 261 -46.46 -20.77 24.17
N GLU E 262 -47.60 -20.64 24.86
CA GLU E 262 -47.66 -20.13 26.23
C GLU E 262 -46.76 -20.92 27.20
N THR E 263 -47.29 -22.03 27.75
CA THR E 263 -46.48 -22.94 28.57
C THR E 263 -45.29 -23.46 27.75
N GLN E 264 -44.18 -23.74 28.41
CA GLN E 264 -42.90 -24.01 27.72
C GLN E 264 -42.97 -25.10 26.64
N ALA E 265 -44.07 -25.86 26.63
CA ALA E 265 -44.29 -26.98 25.71
C ALA E 265 -43.63 -26.84 24.34
N GLU E 266 -42.64 -27.70 24.11
CA GLU E 266 -42.05 -27.90 22.78
C GLU E 266 -42.21 -29.39 22.46
N ASP E 267 -43.30 -29.96 22.98
CA ASP E 267 -43.56 -31.40 22.95
C ASP E 267 -43.72 -31.94 21.52
N HIS E 268 -44.29 -31.14 20.64
CA HIS E 268 -44.15 -31.37 19.21
C HIS E 268 -43.68 -30.06 18.54
N PRO E 269 -42.35 -29.95 18.29
CA PRO E 269 -41.76 -28.78 17.65
C PRO E 269 -42.25 -28.61 16.20
N PRO E 270 -42.15 -27.38 15.66
CA PRO E 270 -42.53 -27.11 14.27
C PRO E 270 -41.63 -27.82 13.27
N ARG E 271 -42.23 -28.29 12.18
CA ARG E 271 -41.49 -28.95 11.11
C ARG E 271 -41.89 -28.40 9.75
N LEU E 272 -40.89 -28.11 8.92
CA LEU E 272 -41.10 -27.49 7.61
C LEU E 272 -40.74 -28.42 6.46
N TYR E 273 -41.63 -28.49 5.48
CA TYR E 273 -41.45 -29.37 4.32
C TYR E 273 -41.48 -28.59 3.03
N GLY E 274 -40.67 -29.01 2.07
CA GLY E 274 -40.68 -28.45 0.71
C GLY E 274 -41.42 -29.36 -0.26
N CYS E 275 -42.54 -28.88 -0.78
CA CYS E 275 -43.34 -29.65 -1.72
C CYS E 275 -43.18 -29.10 -3.13
N SER E 276 -42.65 -29.94 -4.03
CA SER E 276 -42.33 -29.55 -5.39
C SER E 276 -42.63 -30.64 -6.39
N ASN E 277 -42.71 -30.27 -7.67
CA ASN E 277 -42.84 -31.24 -8.75
C ASN E 277 -41.90 -30.94 -9.91
N LYS E 278 -40.81 -30.24 -9.61
CA LYS E 278 -39.83 -29.87 -10.63
C LYS E 278 -39.10 -31.06 -11.22
N THR E 279 -39.14 -32.18 -10.51
CA THR E 279 -38.50 -33.40 -10.96
C THR E 279 -39.45 -34.32 -11.71
N GLY E 280 -40.65 -33.82 -12.02
CA GLY E 280 -41.65 -34.60 -12.74
C GLY E 280 -42.71 -35.14 -11.82
N ARG E 281 -42.31 -36.05 -10.93
CA ARG E 281 -43.17 -36.55 -9.88
C ARG E 281 -43.29 -35.49 -8.79
N PHE E 282 -44.41 -35.51 -8.07
CA PHE E 282 -44.60 -34.63 -6.93
C PHE E 282 -43.98 -35.23 -5.67
N VAL E 283 -42.91 -34.61 -5.17
CA VAL E 283 -42.23 -35.12 -3.97
C VAL E 283 -42.21 -34.12 -2.82
N ILE E 284 -42.58 -34.59 -1.63
CA ILE E 284 -42.50 -33.78 -0.42
C ILE E 284 -41.25 -34.20 0.34
N GLU E 285 -40.39 -33.24 0.63
CA GLU E 285 -39.19 -33.50 1.41
C GLU E 285 -39.02 -32.49 2.54
N GLU E 286 -38.52 -32.98 3.68
CA GLU E 286 -38.38 -32.17 4.87
C GLU E 286 -37.13 -31.29 4.79
N ILE E 287 -37.28 -30.06 5.29
CA ILE E 287 -36.15 -29.15 5.45
C ILE E 287 -35.37 -29.55 6.71
N PRO E 288 -34.08 -29.86 6.56
CA PRO E 288 -33.30 -30.34 7.71
C PRO E 288 -32.75 -29.22 8.58
N GLY E 289 -32.65 -29.50 9.88
CA GLY E 289 -32.06 -28.56 10.86
C GLY E 289 -32.99 -27.45 11.28
N GLU E 290 -32.42 -26.35 11.76
CA GLU E 290 -33.16 -25.11 12.00
C GLU E 290 -33.60 -24.62 10.63
N PHE E 291 -34.82 -24.10 10.53
CA PHE E 291 -35.25 -23.49 9.28
C PHE E 291 -35.46 -22.00 9.43
N THR E 292 -35.34 -21.28 8.32
CA THR E 292 -35.57 -19.85 8.30
C THR E 292 -36.33 -19.41 7.06
N GLN E 293 -36.55 -18.11 6.96
CA GLN E 293 -37.31 -17.49 5.89
C GLN E 293 -36.82 -17.89 4.49
N ASP E 294 -35.50 -17.94 4.31
CA ASP E 294 -34.91 -18.25 3.00
C ASP E 294 -35.07 -19.71 2.57
N ASP E 295 -35.52 -20.56 3.50
CA ASP E 295 -35.82 -21.95 3.18
C ASP E 295 -37.13 -22.09 2.41
N LEU E 296 -37.97 -21.06 2.48
CA LEU E 296 -39.23 -21.02 1.77
C LEU E 296 -38.99 -20.83 0.28
N ALA E 297 -39.13 -21.92 -0.47
CA ALA E 297 -38.83 -21.94 -1.89
C ALA E 297 -39.82 -21.07 -2.64
N GLU E 298 -39.35 -19.91 -3.07
CA GLU E 298 -40.16 -18.93 -3.78
C GLU E 298 -40.97 -19.56 -4.93
N ASP E 299 -40.43 -20.64 -5.53
CA ASP E 299 -41.04 -21.29 -6.71
C ASP E 299 -41.75 -22.62 -6.42
N ASP E 300 -42.03 -22.90 -5.15
CA ASP E 300 -42.68 -24.14 -4.75
C ASP E 300 -43.70 -23.89 -3.63
N VAL E 301 -44.16 -24.97 -3.01
CA VAL E 301 -45.11 -24.89 -1.92
C VAL E 301 -44.47 -25.42 -0.65
N MET E 302 -44.68 -24.73 0.46
CA MET E 302 -44.09 -25.10 1.73
C MET E 302 -45.16 -25.50 2.75
N LEU E 303 -44.94 -26.64 3.39
CA LEU E 303 -45.79 -27.11 4.50
C LEU E 303 -45.12 -26.84 5.83
N LEU E 304 -45.76 -26.04 6.67
CA LEU E 304 -45.29 -25.86 8.04
C LEU E 304 -46.29 -26.47 9.01
N ASP E 305 -45.93 -27.62 9.57
CA ASP E 305 -46.72 -28.26 10.62
C ASP E 305 -46.34 -27.63 11.97
N ALA E 306 -47.18 -26.71 12.42
CA ALA E 306 -47.01 -26.04 13.70
C ALA E 306 -47.76 -26.79 14.80
N TRP E 307 -48.13 -28.03 14.50
CA TRP E 307 -48.84 -28.92 15.44
C TRP E 307 -50.27 -28.50 15.71
N GLU E 308 -50.44 -27.32 16.29
CA GLU E 308 -51.76 -26.74 16.56
C GLU E 308 -52.44 -26.28 15.27
N GLN E 309 -51.66 -26.22 14.20
CA GLN E 309 -52.06 -25.60 12.95
C GLN E 309 -51.14 -26.08 11.86
N ILE E 310 -51.67 -26.26 10.65
CA ILE E 310 -50.84 -26.58 9.50
C ILE E 310 -50.93 -25.47 8.46
N PHE E 311 -49.78 -24.90 8.13
CA PHE E 311 -49.70 -23.83 7.14
C PHE E 311 -49.24 -24.36 5.79
N ILE E 312 -49.91 -23.91 4.74
CA ILE E 312 -49.48 -24.17 3.37
C ILE E 312 -49.09 -22.83 2.76
N TRP E 313 -47.79 -22.61 2.64
CA TRP E 313 -47.22 -21.39 2.10
C TRP E 313 -47.00 -21.54 0.61
N ILE E 314 -47.71 -20.74 -0.18
CA ILE E 314 -47.62 -20.79 -1.63
C ILE E 314 -46.69 -19.70 -2.19
N GLY E 315 -45.61 -20.14 -2.83
CA GLY E 315 -44.67 -19.24 -3.48
C GLY E 315 -45.27 -18.64 -4.73
N LYS E 316 -44.81 -17.46 -5.09
CA LYS E 316 -45.33 -16.73 -6.26
C LYS E 316 -45.21 -17.50 -7.59
N ASP E 317 -44.44 -18.59 -7.57
CA ASP E 317 -44.14 -19.35 -8.79
C ASP E 317 -44.46 -20.84 -8.71
N ALA E 318 -45.35 -21.22 -7.81
CA ALA E 318 -45.73 -22.62 -7.64
C ALA E 318 -46.75 -23.06 -8.68
N ASN E 319 -46.70 -24.34 -9.06
CA ASN E 319 -47.75 -24.96 -9.88
C ASN E 319 -49.07 -24.91 -9.14
N GLU E 320 -50.16 -25.02 -9.89
CA GLU E 320 -51.45 -25.28 -9.30
C GLU E 320 -51.53 -26.69 -8.74
N VAL E 321 -50.84 -27.63 -9.37
CA VAL E 321 -50.82 -29.01 -8.88
C VAL E 321 -50.03 -29.11 -7.58
N GLU E 322 -48.92 -28.37 -7.49
CA GLU E 322 -48.14 -28.29 -6.26
C GLU E 322 -49.00 -27.82 -5.10
N LYS E 323 -49.80 -26.79 -5.34
CA LYS E 323 -50.71 -26.25 -4.34
C LYS E 323 -51.70 -27.31 -3.90
N LYS E 324 -52.30 -27.97 -4.89
CA LYS E 324 -53.38 -28.90 -4.63
C LYS E 324 -52.90 -30.25 -4.13
N GLU E 325 -51.67 -30.65 -4.49
CA GLU E 325 -51.09 -31.91 -3.98
C GLU E 325 -50.50 -31.79 -2.58
N SER E 326 -50.03 -30.59 -2.22
CA SER E 326 -49.70 -30.29 -0.82
C SER E 326 -50.95 -30.45 0.04
N LEU E 327 -51.97 -29.67 -0.29
CA LEU E 327 -53.30 -29.70 0.33
C LEU E 327 -53.74 -31.10 0.70
N LYS E 328 -53.66 -32.01 -0.28
CA LYS E 328 -54.03 -33.41 -0.09
C LYS E 328 -53.12 -34.12 0.91
N SER E 329 -51.82 -33.90 0.75
CA SER E 329 -50.80 -34.57 1.56
C SER E 329 -50.86 -34.14 3.01
N ALA E 330 -51.43 -32.95 3.24
CA ALA E 330 -51.58 -32.39 4.58
C ALA E 330 -52.87 -32.89 5.25
N LYS E 331 -53.88 -33.21 4.45
CA LYS E 331 -55.13 -33.79 4.93
C LYS E 331 -54.91 -35.24 5.34
N MET E 332 -54.07 -35.93 4.57
CA MET E 332 -53.61 -37.29 4.86
C MET E 332 -52.76 -37.28 6.12
N TYR E 333 -51.79 -36.37 6.15
CA TYR E 333 -50.95 -36.11 7.32
C TYR E 333 -51.75 -35.88 8.62
N LEU E 334 -53.00 -35.46 8.47
CA LEU E 334 -53.89 -35.23 9.61
C LEU E 334 -54.70 -36.46 9.95
N GLU E 335 -55.07 -37.21 8.93
CA GLU E 335 -55.89 -38.41 9.08
C GLU E 335 -55.10 -39.52 9.79
N THR E 336 -53.79 -39.38 9.79
CA THR E 336 -52.88 -40.34 10.42
C THR E 336 -51.78 -39.63 11.23
N ASP E 337 -51.82 -39.84 12.54
CA ASP E 337 -50.83 -39.31 13.47
C ASP E 337 -51.08 -39.94 14.84
N PRO E 338 -50.12 -40.74 15.36
CA PRO E 338 -50.30 -41.51 16.61
C PRO E 338 -50.55 -40.65 17.85
N SER E 339 -50.49 -39.33 17.68
CA SER E 339 -50.86 -38.36 18.70
C SER E 339 -52.12 -37.60 18.25
N GLY E 340 -53.20 -38.36 18.01
CA GLY E 340 -54.49 -37.82 17.60
C GLY E 340 -54.47 -36.91 16.37
N ARG E 341 -55.51 -36.08 16.27
CA ARG E 341 -55.60 -35.07 15.20
C ARG E 341 -55.82 -33.67 15.79
N ASP E 342 -55.86 -33.58 17.12
CA ASP E 342 -56.13 -32.35 17.88
C ASP E 342 -57.29 -31.50 17.34
N LYS E 343 -58.50 -31.95 17.65
CA LYS E 343 -59.78 -31.35 17.18
C LYS E 343 -59.78 -30.98 15.68
N ARG E 344 -59.52 -32.00 14.85
CA ARG E 344 -59.39 -31.83 13.39
C ARG E 344 -58.11 -31.08 12.97
N THR E 345 -57.75 -30.06 13.74
CA THR E 345 -56.60 -29.17 13.50
C THR E 345 -56.72 -28.34 12.22
N PRO E 346 -56.80 -26.99 12.38
CA PRO E 346 -56.92 -26.08 11.25
C PRO E 346 -55.81 -26.25 10.22
N ILE E 347 -56.12 -25.89 8.98
CA ILE E 347 -55.17 -25.99 7.88
C ILE E 347 -55.30 -24.74 7.00
N VAL E 348 -54.44 -23.76 7.28
CA VAL E 348 -54.55 -22.42 6.70
C VAL E 348 -53.63 -22.27 5.49
N ILE E 349 -54.19 -21.77 4.40
CA ILE E 349 -53.43 -21.55 3.16
C ILE E 349 -52.95 -20.10 3.07
N ILE E 350 -51.64 -19.94 2.84
CA ILE E 350 -50.95 -18.67 2.96
C ILE E 350 -50.21 -18.26 1.68
N LYS E 351 -50.47 -17.03 1.22
CA LYS E 351 -49.79 -16.49 0.05
C LYS E 351 -48.51 -15.78 0.44
N GLN E 352 -47.52 -15.84 -0.45
CA GLN E 352 -46.22 -15.22 -0.21
C GLN E 352 -46.38 -13.71 -0.11
N GLY E 353 -45.69 -13.12 0.86
CA GLY E 353 -45.76 -11.67 1.11
C GLY E 353 -46.99 -11.30 1.91
N HIS E 354 -47.90 -12.25 2.02
CA HIS E 354 -49.09 -12.10 2.85
C HIS E 354 -49.13 -13.13 3.97
N GLU E 355 -48.00 -13.30 4.65
CA GLU E 355 -47.92 -14.23 5.77
C GLU E 355 -48.42 -13.56 7.07
N PRO E 356 -49.35 -14.22 7.77
CA PRO E 356 -49.88 -13.72 9.05
C PRO E 356 -48.85 -13.85 10.16
N PRO E 357 -48.96 -13.01 11.21
CA PRO E 357 -48.02 -13.06 12.33
C PRO E 357 -47.97 -14.45 12.97
N THR E 358 -49.10 -15.15 12.96
CA THR E 358 -49.22 -16.49 13.54
C THR E 358 -48.36 -17.55 12.83
N PHE E 359 -48.04 -17.32 11.56
CA PHE E 359 -47.16 -18.19 10.78
C PHE E 359 -45.72 -17.69 10.89
N THR E 360 -45.56 -16.38 10.78
CA THR E 360 -44.26 -15.72 10.80
C THR E 360 -43.49 -15.97 12.10
N GLY E 361 -44.22 -16.16 13.20
CA GLY E 361 -43.62 -16.36 14.52
C GLY E 361 -42.71 -17.57 14.69
N TRP E 362 -42.93 -18.61 13.87
CA TRP E 362 -42.15 -19.84 13.94
C TRP E 362 -40.76 -19.72 13.31
N PHE E 363 -40.49 -18.56 12.70
CA PHE E 363 -39.19 -18.27 12.13
C PHE E 363 -38.47 -17.30 13.06
N LEU E 364 -37.18 -17.51 13.24
CA LEU E 364 -36.38 -16.59 14.03
C LEU E 364 -36.01 -15.40 13.16
N GLY E 365 -36.80 -14.34 13.28
CA GLY E 365 -36.57 -13.12 12.50
C GLY E 365 -37.09 -13.21 11.08
N TRP E 366 -37.96 -12.28 10.73
CA TRP E 366 -38.61 -12.24 9.43
C TRP E 366 -38.40 -10.88 8.78
N ASP E 367 -37.66 -10.85 7.66
CA ASP E 367 -37.51 -9.61 6.88
C ASP E 367 -38.71 -9.48 5.94
N SER E 368 -39.62 -8.57 6.30
CA SER E 368 -40.87 -8.39 5.57
C SER E 368 -40.64 -7.94 4.13
N SER E 369 -39.74 -6.98 3.96
CA SER E 369 -39.42 -6.40 2.65
C SER E 369 -38.50 -7.27 1.79
N LYS E 370 -38.41 -8.57 2.09
CA LYS E 370 -37.55 -9.49 1.35
C LYS E 370 -38.10 -9.78 -0.05
N TRP E 371 -39.38 -10.14 -0.12
CA TRP E 371 -40.01 -10.38 -1.40
C TRP E 371 -40.58 -9.06 -1.93
N GLY F 52 6.13 25.74 -17.72
CA GLY F 52 6.37 25.64 -16.25
C GLY F 52 6.11 24.26 -15.65
N LYS F 53 6.78 23.25 -16.21
CA LYS F 53 6.64 21.85 -15.76
C LYS F 53 7.46 21.59 -14.50
N VAL F 54 6.93 20.73 -13.62
CA VAL F 54 7.69 20.27 -12.46
C VAL F 54 7.74 18.74 -12.45
N GLU F 55 8.94 18.19 -12.29
CA GLU F 55 9.13 16.75 -12.19
C GLU F 55 9.97 16.43 -10.96
N ILE F 56 9.55 15.43 -10.20
CA ILE F 56 10.25 15.02 -8.98
C ILE F 56 10.63 13.54 -9.02
N TRP F 57 11.87 13.26 -8.66
CA TRP F 57 12.36 11.87 -8.55
C TRP F 57 12.95 11.57 -7.19
N ARG F 58 12.48 10.49 -6.56
CA ARG F 58 13.14 9.96 -5.38
C ARG F 58 14.47 9.36 -5.83
N VAL F 59 15.53 9.59 -5.07
CA VAL F 59 16.81 8.94 -5.36
C VAL F 59 16.85 7.56 -4.76
N GLU F 60 16.51 6.57 -5.58
CA GLU F 60 16.52 5.16 -5.19
C GLU F 60 17.72 4.51 -5.83
N ASN F 61 18.24 3.49 -5.14
CA ASN F 61 19.62 3.01 -5.28
C ASN F 61 20.63 3.86 -6.07
N ASN F 62 20.64 3.73 -7.39
CA ASN F 62 21.53 4.53 -8.25
C ASN F 62 20.88 5.12 -9.50
N GLY F 63 19.58 5.43 -9.37
CA GLY F 63 18.84 6.06 -10.45
C GLY F 63 17.75 6.94 -9.88
N ARG F 64 17.00 7.58 -10.75
CA ARG F 64 15.87 8.41 -10.35
C ARG F 64 14.58 7.63 -10.55
N ILE F 65 13.78 7.55 -9.48
CA ILE F 65 12.51 6.85 -9.55
C ILE F 65 11.35 7.82 -9.32
N GLN F 66 10.45 7.88 -10.30
CA GLN F 66 9.36 8.86 -10.32
C GLN F 66 8.55 8.83 -9.04
N VAL F 67 8.42 9.98 -8.40
CA VAL F 67 7.64 10.07 -7.18
C VAL F 67 6.17 10.29 -7.53
N ASP F 68 5.30 9.68 -6.75
CA ASP F 68 3.85 9.76 -6.95
C ASP F 68 3.39 11.22 -7.09
N GLN F 69 2.62 11.48 -8.14
CA GLN F 69 2.09 12.82 -8.44
C GLN F 69 1.30 13.43 -7.28
N ASN F 70 0.46 12.63 -6.62
CA ASN F 70 -0.26 13.03 -5.40
C ASN F 70 0.67 13.31 -4.21
N SER F 71 1.82 12.65 -4.19
CA SER F 71 2.76 12.77 -3.08
C SER F 71 3.76 13.92 -3.23
N TYR F 72 3.48 14.86 -4.13
CA TYR F 72 4.34 16.02 -4.33
C TYR F 72 4.35 16.90 -3.08
N GLY F 73 5.52 17.04 -2.48
CA GLY F 73 5.65 17.78 -1.24
C GLY F 73 5.90 16.87 -0.06
N GLU F 74 5.60 15.59 -0.25
CA GLU F 74 5.91 14.56 0.74
C GLU F 74 7.27 13.95 0.47
N PHE F 75 8.21 14.22 1.37
CA PHE F 75 9.60 13.77 1.26
C PHE F 75 9.99 12.92 2.46
N TYR F 76 10.85 11.93 2.24
CA TYR F 76 11.43 11.20 3.35
C TYR F 76 12.70 11.89 3.83
N GLY F 77 12.84 12.01 5.15
CA GLY F 77 13.95 12.74 5.75
C GLY F 77 15.28 12.08 5.47
N GLY F 78 15.25 10.76 5.35
CA GLY F 78 16.44 9.98 5.12
C GLY F 78 16.76 9.82 3.64
N ASP F 79 16.18 10.66 2.80
CA ASP F 79 16.31 10.53 1.36
C ASP F 79 16.67 11.83 0.65
N CYS F 80 17.15 11.67 -0.59
CA CYS F 80 17.43 12.80 -1.45
C CYS F 80 16.47 12.78 -2.65
N TYR F 81 16.11 13.96 -3.14
CA TYR F 81 15.19 14.08 -4.26
C TYR F 81 15.73 15.03 -5.31
N ILE F 82 15.43 14.73 -6.57
CA ILE F 82 15.85 15.57 -7.68
C ILE F 82 14.60 16.22 -8.27
N ILE F 83 14.50 17.54 -8.10
CA ILE F 83 13.38 18.29 -8.59
C ILE F 83 13.80 19.07 -9.84
N LEU F 84 13.11 18.78 -10.96
CA LEU F 84 13.39 19.44 -12.24
C LEU F 84 12.31 20.45 -12.60
N TYR F 85 12.72 21.70 -12.73
CA TYR F 85 11.84 22.76 -13.17
C TYR F 85 12.22 23.19 -14.59
N THR F 86 11.28 23.06 -15.51
CA THR F 86 11.50 23.45 -16.90
C THR F 86 10.59 24.59 -17.36
N TYR F 87 11.17 25.56 -18.06
CA TYR F 87 10.44 26.76 -18.50
C TYR F 87 11.13 27.46 -19.70
N PRO F 88 11.08 26.84 -20.90
CA PRO F 88 11.99 26.93 -22.06
C PRO F 88 13.06 28.05 -22.09
N ARG F 89 12.97 28.97 -21.14
CA ARG F 89 13.95 30.04 -20.94
C ARG F 89 15.15 29.51 -20.16
N GLY F 90 15.02 28.28 -19.67
CA GLY F 90 16.10 27.57 -18.97
C GLY F 90 15.61 26.31 -18.27
N GLN F 91 16.52 25.68 -17.54
CA GLN F 91 16.20 24.56 -16.65
C GLN F 91 16.74 24.87 -15.26
N ILE F 92 16.03 24.44 -14.22
CA ILE F 92 16.56 24.48 -12.86
C ILE F 92 16.45 23.10 -12.21
N ILE F 93 17.57 22.61 -11.69
CA ILE F 93 17.57 21.36 -10.93
C ILE F 93 17.79 21.68 -9.45
N TYR F 94 16.76 21.46 -8.64
CA TYR F 94 16.90 21.49 -7.20
C TYR F 94 17.18 20.10 -6.71
N THR F 95 18.33 19.92 -6.06
CA THR F 95 18.69 18.66 -5.42
C THR F 95 18.35 18.73 -3.93
N TRP F 96 17.20 18.19 -3.57
CA TRP F 96 16.76 18.22 -2.18
C TRP F 96 17.40 17.09 -1.37
N GLN F 97 18.18 17.47 -0.36
CA GLN F 97 18.90 16.53 0.47
C GLN F 97 18.31 16.51 1.87
N GLY F 98 17.83 15.35 2.30
CA GLY F 98 17.21 15.19 3.60
C GLY F 98 18.24 15.31 4.70
N ALA F 99 17.85 15.95 5.80
CA ALA F 99 18.73 16.17 6.95
C ALA F 99 19.25 14.85 7.54
N ASN F 100 18.52 13.77 7.28
CA ASN F 100 18.92 12.44 7.73
C ASN F 100 19.52 11.54 6.65
N ALA F 101 19.71 12.12 5.44
CA ALA F 101 20.32 11.37 4.35
C ALA F 101 21.77 11.00 4.66
N THR F 102 22.12 9.75 4.39
CA THR F 102 23.50 9.30 4.55
C THR F 102 24.38 9.95 3.48
N ARG F 103 25.67 10.12 3.79
CA ARG F 103 26.62 10.76 2.86
C ARG F 103 26.70 10.02 1.53
N ASP F 104 26.38 8.72 1.57
CA ASP F 104 26.26 7.87 0.38
C ASP F 104 25.17 8.37 -0.57
N GLU F 105 24.03 8.75 -0.01
CA GLU F 105 22.93 9.31 -0.78
C GLU F 105 23.27 10.70 -1.33
N LEU F 106 23.96 11.49 -0.51
CA LEU F 106 24.38 12.84 -0.88
C LEU F 106 25.30 12.83 -2.10
N THR F 107 26.13 11.79 -2.22
CA THR F 107 27.02 11.65 -3.37
C THR F 107 26.26 11.17 -4.60
N THR F 108 25.33 10.23 -4.42
CA THR F 108 24.53 9.72 -5.51
C THR F 108 23.62 10.81 -6.08
N SER F 109 23.05 11.61 -5.19
CA SER F 109 22.20 12.73 -5.59
C SER F 109 22.97 13.72 -6.46
N ALA F 110 24.19 14.06 -6.04
CA ALA F 110 25.04 14.97 -6.80
C ALA F 110 25.45 14.36 -8.14
N PHE F 111 25.73 13.07 -8.13
CA PHE F 111 26.07 12.33 -9.34
C PHE F 111 24.91 12.30 -10.33
N LEU F 112 23.70 12.19 -9.80
CA LEU F 112 22.52 12.04 -10.63
C LEU F 112 22.00 13.35 -11.24
N THR F 113 22.24 14.47 -10.54
CA THR F 113 21.89 15.78 -11.09
C THR F 113 22.86 16.16 -12.21
N VAL F 114 24.12 15.73 -12.09
CA VAL F 114 25.10 15.84 -13.16
C VAL F 114 24.63 15.02 -14.38
N GLN F 115 24.21 13.79 -14.14
CA GLN F 115 23.64 12.93 -15.16
C GLN F 115 22.43 13.59 -15.83
N LEU F 116 21.55 14.17 -15.02
CA LEU F 116 20.37 14.85 -15.54
C LEU F 116 20.73 16.10 -16.36
N ASP F 117 21.63 16.91 -15.82
CA ASP F 117 22.04 18.14 -16.48
C ASP F 117 22.70 17.86 -17.83
N ARG F 118 23.55 16.83 -17.87
CA ARG F 118 24.26 16.46 -19.08
C ARG F 118 23.33 15.95 -20.18
N SER F 119 22.21 15.34 -19.77
CA SER F 119 21.24 14.82 -20.72
C SER F 119 20.32 15.92 -21.26
N LEU F 120 20.34 17.08 -20.59
CA LEU F 120 19.58 18.25 -21.04
C LEU F 120 20.43 19.23 -21.87
N GLY F 121 21.73 18.93 -21.97
CA GLY F 121 22.66 19.75 -22.74
C GLY F 121 23.73 20.43 -21.90
N GLY F 122 23.56 20.40 -20.58
CA GLY F 122 24.49 21.05 -19.66
C GLY F 122 24.12 22.50 -19.42
N GLN F 123 22.88 22.83 -19.75
CA GLN F 123 22.43 24.21 -19.67
C GLN F 123 21.80 24.52 -18.32
N ALA F 124 21.49 23.48 -17.55
CA ALA F 124 20.67 23.62 -16.35
C ALA F 124 21.42 24.26 -15.19
N VAL F 125 20.71 25.11 -14.45
CA VAL F 125 21.22 25.64 -13.20
C VAL F 125 21.03 24.56 -12.15
N GLN F 126 22.05 24.36 -11.32
CA GLN F 126 21.98 23.35 -10.28
C GLN F 126 22.00 24.01 -8.90
N ILE F 127 21.02 23.68 -8.07
CA ILE F 127 20.94 24.25 -6.72
C ILE F 127 20.81 23.16 -5.66
N ARG F 128 21.82 23.08 -4.80
CA ARG F 128 21.84 22.09 -3.73
C ARG F 128 21.01 22.57 -2.54
N VAL F 129 19.88 21.90 -2.32
CA VAL F 129 18.97 22.29 -1.25
C VAL F 129 19.02 21.31 -0.07
N SER F 130 19.48 21.81 1.07
CA SER F 130 19.37 21.12 2.35
C SER F 130 17.93 21.18 2.85
N GLN F 131 17.51 20.16 3.58
CA GLN F 131 16.20 20.14 4.22
C GLN F 131 15.98 21.38 5.07
N GLY F 132 14.80 21.99 4.92
CA GLY F 132 14.43 23.18 5.68
C GLY F 132 15.00 24.48 5.12
N LYS F 133 15.83 24.39 4.09
CA LYS F 133 16.47 25.57 3.56
C LYS F 133 16.12 25.75 2.07
N GLU F 134 14.83 25.67 1.76
CA GLU F 134 14.36 25.76 0.37
C GLU F 134 14.33 27.18 -0.14
N PRO F 135 14.86 27.39 -1.35
CA PRO F 135 14.65 28.67 -2.04
C PRO F 135 13.18 28.93 -2.24
N VAL F 136 12.83 30.22 -2.30
CA VAL F 136 11.44 30.66 -2.40
C VAL F 136 10.73 30.11 -3.63
N HIS F 137 11.48 29.97 -4.72
CA HIS F 137 10.94 29.47 -5.97
C HIS F 137 10.52 28.01 -5.86
N LEU F 138 11.38 27.20 -5.23
CA LEU F 138 11.14 25.79 -5.07
C LEU F 138 9.87 25.53 -4.25
N LEU F 139 9.63 26.38 -3.25
CA LEU F 139 8.38 26.34 -2.48
C LEU F 139 7.13 26.80 -3.26
N SER F 140 7.30 27.75 -4.19
CA SER F 140 6.16 28.23 -4.99
C SER F 140 5.72 27.17 -6.00
N LEU F 141 6.49 26.09 -6.08
CA LEU F 141 6.17 24.96 -6.96
C LEU F 141 5.15 24.05 -6.31
N PHE F 142 5.29 23.87 -4.99
CA PHE F 142 4.31 23.12 -4.21
C PHE F 142 3.05 23.98 -4.04
N LYS F 143 1.96 23.56 -4.69
CA LYS F 143 0.73 24.37 -4.83
C LYS F 143 -0.08 24.41 -3.53
N ASP F 144 0.56 24.97 -2.50
CA ASP F 144 -0.01 25.04 -1.14
C ASP F 144 -0.51 23.71 -0.60
N LYS F 145 0.33 22.69 -0.81
CA LYS F 145 0.20 21.43 -0.14
C LYS F 145 1.49 21.33 0.67
N PRO F 146 1.36 21.17 2.00
CA PRO F 146 2.51 21.34 2.88
C PRO F 146 3.59 20.31 2.66
N LEU F 147 4.84 20.73 2.88
CA LEU F 147 5.96 19.79 2.97
C LEU F 147 5.74 18.89 4.16
N ILE F 148 5.39 17.63 3.89
CA ILE F 148 5.34 16.61 4.94
C ILE F 148 6.64 15.84 4.86
N ILE F 149 7.43 15.88 5.94
CA ILE F 149 8.71 15.15 5.97
C ILE F 149 8.69 13.96 6.96
N TYR F 150 8.92 12.77 6.42
CA TYR F 150 8.86 11.53 7.21
C TYR F 150 10.24 11.11 7.72
N PRO F 165 4.39 2.13 14.45
CA PRO F 165 2.93 2.19 14.57
C PRO F 165 2.42 3.47 15.25
N THR F 166 3.12 3.93 16.30
CA THR F 166 2.80 5.19 16.95
C THR F 166 3.72 6.25 16.37
N ARG F 167 3.14 7.38 15.95
CA ARG F 167 3.90 8.41 15.25
C ARG F 167 3.55 9.83 15.72
N LEU F 168 4.55 10.70 15.78
CA LEU F 168 4.33 12.09 16.15
C LEU F 168 4.84 13.08 15.08
N PHE F 169 3.97 13.96 14.64
CA PHE F 169 4.31 14.95 13.62
C PHE F 169 4.25 16.39 14.16
N GLN F 170 5.27 17.19 13.87
CA GLN F 170 5.29 18.58 14.29
C GLN F 170 4.91 19.53 13.15
N VAL F 171 3.90 20.36 13.38
CA VAL F 171 3.41 21.27 12.33
C VAL F 171 3.80 22.74 12.59
N ARG F 172 4.57 23.32 11.68
CA ARG F 172 5.02 24.69 11.86
C ARG F 172 4.92 25.57 10.61
N ARG F 173 4.45 26.80 10.81
CA ARG F 173 4.53 27.83 9.79
C ARG F 173 5.16 29.07 10.41
N ASN F 174 6.16 29.62 9.75
CA ASN F 174 6.71 30.92 10.15
C ASN F 174 6.80 31.92 9.01
N LEU F 175 6.18 33.08 9.22
CA LEU F 175 6.24 34.27 8.32
C LEU F 175 6.12 33.97 6.83
N ALA F 176 4.89 33.67 6.39
CA ALA F 176 4.60 33.21 5.03
C ALA F 176 5.32 31.87 4.72
N SER F 177 6.17 31.86 3.70
CA SER F 177 6.90 30.67 3.23
C SER F 177 5.98 29.46 2.94
N ILE F 178 5.98 28.47 3.82
CA ILE F 178 5.12 27.30 3.66
C ILE F 178 4.87 26.62 5.00
N THR F 179 3.83 25.79 5.07
CA THR F 179 3.64 24.97 6.25
C THR F 179 4.48 23.71 6.17
N ARG F 180 5.40 23.58 7.11
CA ARG F 180 6.23 22.38 7.21
C ARG F 180 5.63 21.45 8.24
N ILE F 181 5.39 20.21 7.81
CA ILE F 181 4.98 19.13 8.71
C ILE F 181 6.14 18.14 8.84
N VAL F 182 6.65 17.95 10.04
CA VAL F 182 7.84 17.14 10.22
C VAL F 182 7.66 16.04 11.27
N GLU F 183 7.91 14.80 10.88
CA GLU F 183 7.84 13.66 11.79
C GLU F 183 8.95 13.79 12.81
N VAL F 184 8.60 13.56 14.07
CA VAL F 184 9.53 13.65 15.22
C VAL F 184 9.53 12.39 16.09
N ASP F 185 10.49 12.31 17.01
CA ASP F 185 10.52 11.23 18.02
C ASP F 185 9.20 11.20 18.81
N VAL F 186 8.76 10.00 19.18
CA VAL F 186 7.49 9.86 19.90
C VAL F 186 7.65 10.08 21.41
N ASP F 187 8.33 11.17 21.79
CA ASP F 187 8.46 11.54 23.20
C ASP F 187 7.64 12.78 23.55
N ALA F 188 7.38 12.96 24.84
CA ALA F 188 6.65 14.11 25.33
C ALA F 188 7.47 15.40 25.16
N ASN F 189 8.79 15.28 25.27
CA ASN F 189 9.65 16.45 25.11
C ASN F 189 9.95 16.81 23.65
N SER F 190 9.21 16.17 22.74
CA SER F 190 9.22 16.57 21.35
C SER F 190 8.19 17.67 21.18
N LEU F 191 7.27 17.78 22.14
CA LEU F 191 6.19 18.77 22.09
C LEU F 191 6.77 20.18 22.19
N ASN F 192 6.04 21.17 21.66
CA ASN F 192 6.50 22.56 21.54
C ASN F 192 5.31 23.51 21.55
N SER F 193 5.28 24.41 22.54
CA SER F 193 4.17 25.33 22.76
C SER F 193 3.82 26.23 21.56
N ASN F 194 4.78 26.43 20.66
CA ASN F 194 4.56 27.29 19.52
C ASN F 194 3.89 26.61 18.32
N ASP F 195 3.96 25.29 18.27
CA ASP F 195 3.47 24.55 17.10
C ASP F 195 2.29 23.63 17.40
N VAL F 196 1.72 23.02 16.36
CA VAL F 196 0.67 22.01 16.51
C VAL F 196 1.24 20.61 16.26
N PHE F 197 0.74 19.62 17.00
CA PHE F 197 1.24 18.23 16.86
C PHE F 197 0.14 17.24 16.54
N VAL F 198 0.48 16.23 15.75
CA VAL F 198 -0.43 15.12 15.48
C VAL F 198 0.19 13.82 16.00
N LEU F 199 -0.50 13.20 16.94
CA LEU F 199 -0.09 11.93 17.49
C LEU F 199 -0.96 10.83 16.89
N LYS F 200 -0.40 10.07 15.96
CA LYS F 200 -1.10 8.93 15.38
C LYS F 200 -0.89 7.67 16.24
N LEU F 201 -1.98 7.08 16.68
CA LEU F 201 -1.94 5.86 17.48
C LEU F 201 -2.08 4.63 16.57
N PRO F 202 -1.68 3.43 17.05
CA PRO F 202 -1.68 2.23 16.21
C PRO F 202 -3.05 1.81 15.70
N GLN F 203 -4.10 2.24 16.40
CA GLN F 203 -5.47 1.86 16.06
C GLN F 203 -6.12 2.74 14.98
N ASN F 204 -5.30 3.57 14.33
CA ASN F 204 -5.77 4.55 13.34
C ASN F 204 -6.70 5.61 13.95
N SER F 205 -6.27 6.16 15.08
CA SER F 205 -6.94 7.28 15.71
C SER F 205 -5.84 8.08 16.40
N GLY F 206 -6.19 9.17 17.06
CA GLY F 206 -5.19 9.96 17.76
C GLY F 206 -5.58 11.35 18.19
N TYR F 207 -4.55 12.16 18.46
CA TYR F 207 -4.75 13.50 18.99
C TYR F 207 -4.08 14.56 18.11
N ILE F 208 -4.76 15.68 17.93
CA ILE F 208 -4.15 16.91 17.46
C ILE F 208 -3.96 17.79 18.69
N TRP F 209 -2.70 18.03 19.04
CA TRP F 209 -2.33 18.80 20.23
C TRP F 209 -1.95 20.21 19.80
N VAL F 210 -2.82 21.18 20.07
CA VAL F 210 -2.56 22.57 19.72
C VAL F 210 -1.76 23.26 20.82
N GLY F 211 -0.56 23.69 20.49
CA GLY F 211 0.27 24.50 21.39
C GLY F 211 -0.36 25.85 21.68
N LYS F 212 0.07 26.48 22.77
CA LYS F 212 -0.54 27.74 23.22
C LYS F 212 -0.29 28.91 22.27
N GLY F 213 0.85 28.89 21.58
CA GLY F 213 1.21 29.94 20.64
C GLY F 213 1.19 29.50 19.20
N ALA F 214 0.19 28.69 18.85
CA ALA F 214 0.11 28.10 17.52
C ALA F 214 -0.87 28.86 16.61
N SER F 215 -0.48 29.00 15.34
CA SER F 215 -1.30 29.66 14.35
C SER F 215 -2.42 28.78 13.81
N GLN F 216 -3.44 29.42 13.23
CA GLN F 216 -4.56 28.72 12.59
C GLN F 216 -4.09 27.94 11.37
N GLU F 217 -3.09 28.48 10.68
CA GLU F 217 -2.50 27.83 9.50
C GLU F 217 -1.82 26.52 9.90
N GLU F 218 -1.26 26.50 11.10
CA GLU F 218 -0.61 25.31 11.65
C GLU F 218 -1.63 24.23 11.99
N GLU F 219 -2.82 24.64 12.43
CA GLU F 219 -3.89 23.71 12.71
C GLU F 219 -4.41 23.09 11.42
N LYS F 220 -4.47 23.88 10.34
CA LYS F 220 -4.84 23.37 9.01
C LYS F 220 -3.85 22.33 8.47
N GLY F 221 -2.56 22.60 8.68
CA GLY F 221 -1.52 21.66 8.33
C GLY F 221 -1.70 20.36 9.07
N ALA F 222 -1.93 20.44 10.37
CA ALA F 222 -2.19 19.28 11.22
C ALA F 222 -3.32 18.45 10.62
N GLU F 223 -4.44 19.11 10.34
CA GLU F 223 -5.62 18.45 9.79
C GLU F 223 -5.36 17.81 8.43
N TYR F 224 -4.35 18.31 7.72
CA TYR F 224 -3.96 17.75 6.44
C TYR F 224 -3.19 16.43 6.57
N VAL F 225 -2.20 16.38 7.47
CA VAL F 225 -1.43 15.15 7.71
C VAL F 225 -2.34 14.05 8.18
N ALA F 226 -3.27 14.41 9.07
CA ALA F 226 -4.25 13.49 9.60
C ALA F 226 -4.93 12.73 8.47
N SER F 227 -5.37 13.46 7.45
CA SER F 227 -6.06 12.86 6.32
C SER F 227 -5.14 12.00 5.45
N VAL F 228 -3.87 12.35 5.40
CA VAL F 228 -2.88 11.58 4.66
C VAL F 228 -2.60 10.24 5.36
N LEU F 229 -2.61 10.27 6.70
CA LEU F 229 -2.36 9.08 7.54
C LEU F 229 -3.63 8.27 7.79
N LYS F 230 -4.76 8.74 7.27
CA LYS F 230 -6.09 8.15 7.52
C LYS F 230 -6.32 7.97 9.01
N CYS F 231 -6.18 9.07 9.73
CA CYS F 231 -6.21 9.08 11.19
C CYS F 231 -7.39 9.89 11.76
N LYS F 232 -8.14 9.26 12.65
CA LYS F 232 -9.33 9.84 13.27
C LYS F 232 -8.93 10.61 14.52
N THR F 233 -8.88 11.93 14.42
CA THR F 233 -8.27 12.75 15.47
C THR F 233 -9.25 13.40 16.45
N LEU F 234 -8.80 13.53 17.69
CA LEU F 234 -9.47 14.32 18.71
C LEU F 234 -8.61 15.55 18.99
N ARG F 235 -9.22 16.73 19.02
CA ARG F 235 -8.46 17.96 19.22
C ARG F 235 -8.31 18.32 20.71
N ILE F 236 -7.05 18.32 21.15
CA ILE F 236 -6.72 18.66 22.53
C ILE F 236 -5.78 19.85 22.58
N GLN F 237 -5.91 20.64 23.64
CA GLN F 237 -5.14 21.87 23.80
C GLN F 237 -4.09 21.74 24.90
N GLU F 238 -2.99 22.45 24.75
CA GLU F 238 -1.92 22.48 25.77
C GLU F 238 -2.47 22.92 27.11
N GLY F 239 -2.23 22.11 28.14
CA GLY F 239 -2.79 22.33 29.47
C GLY F 239 -4.08 21.54 29.73
N GLU F 240 -4.75 21.16 28.66
CA GLU F 240 -6.02 20.41 28.72
C GLU F 240 -5.89 18.99 28.15
N GLU F 241 -4.67 18.46 28.20
CA GLU F 241 -4.43 17.10 27.71
C GLU F 241 -5.11 16.08 28.60
N PRO F 242 -5.80 15.09 27.98
CA PRO F 242 -6.31 13.96 28.75
C PRO F 242 -5.13 13.10 29.17
N GLU F 243 -5.38 12.10 30.00
CA GLU F 243 -4.27 11.32 30.54
C GLU F 243 -3.74 10.24 29.58
N GLU F 244 -4.54 9.84 28.59
CA GLU F 244 -4.07 8.83 27.63
C GLU F 244 -3.10 9.42 26.61
N PHE F 245 -3.16 10.73 26.40
CA PHE F 245 -2.20 11.41 25.52
C PHE F 245 -0.78 11.25 26.04
N TRP F 246 -0.59 11.39 27.35
CA TRP F 246 0.71 11.22 27.96
C TRP F 246 1.18 9.75 27.96
N ASN F 247 0.22 8.83 28.14
CA ASN F 247 0.53 7.40 28.10
C ASN F 247 1.06 6.93 26.76
N SER F 248 0.56 7.55 25.69
CA SER F 248 0.94 7.18 24.33
C SER F 248 2.30 7.75 23.96
N LEU F 249 2.71 8.82 24.62
CA LEU F 249 4.04 9.40 24.44
C LEU F 249 5.05 8.76 25.39
N GLY F 250 4.56 7.82 26.20
CA GLY F 250 5.40 7.11 27.17
C GLY F 250 5.70 7.94 28.39
N GLY F 251 4.70 8.68 28.88
CA GLY F 251 4.82 9.45 30.11
C GLY F 251 4.90 10.95 29.88
N LYS F 252 4.40 11.71 30.85
CA LYS F 252 4.47 13.16 30.81
C LYS F 252 5.84 13.64 31.26
N LYS F 253 6.54 14.32 30.35
CA LYS F 253 7.83 14.93 30.61
C LYS F 253 7.72 16.44 30.45
N ASP F 254 8.68 17.17 31.04
CA ASP F 254 8.80 18.60 30.76
C ASP F 254 9.36 18.79 29.35
N TYR F 255 8.57 19.46 28.51
CA TYR F 255 8.86 19.60 27.08
C TYR F 255 9.31 21.00 26.72
N GLN F 256 9.48 21.24 25.41
CA GLN F 256 9.98 22.51 24.89
C GLN F 256 8.97 23.64 25.10
N THR F 257 9.27 24.55 26.03
CA THR F 257 8.45 25.75 26.25
C THR F 257 9.22 26.96 26.80
N SER F 258 8.59 28.13 26.72
CA SER F 258 9.10 29.38 27.29
C SER F 258 7.98 30.41 27.25
N PRO F 259 8.18 31.59 27.89
CA PRO F 259 7.26 32.70 27.76
C PRO F 259 6.98 33.08 26.30
N LEU F 260 8.03 33.14 25.47
CA LEU F 260 7.84 33.58 24.08
C LEU F 260 7.31 32.49 23.15
N LEU F 261 7.54 31.22 23.51
CA LEU F 261 7.03 30.10 22.72
C LEU F 261 5.55 29.86 23.02
N GLU F 262 5.18 29.92 24.30
CA GLU F 262 3.78 30.02 24.72
C GLU F 262 3.01 31.04 23.87
N THR F 263 3.60 32.23 23.72
CA THR F 263 2.97 33.31 22.97
C THR F 263 3.17 33.10 21.47
N GLN F 264 2.34 33.76 20.66
CA GLN F 264 2.29 33.48 19.23
C GLN F 264 3.11 34.46 18.38
N ALA F 265 3.27 35.69 18.89
CA ALA F 265 3.84 36.84 18.18
C ALA F 265 4.92 36.56 17.12
N GLU F 266 4.81 37.25 16.00
CA GLU F 266 5.84 37.21 14.95
C GLU F 266 6.93 38.25 15.23
N ASP F 267 6.50 39.42 15.71
CA ASP F 267 7.36 40.57 16.02
C ASP F 267 8.85 40.45 15.66
N HIS F 268 9.58 39.68 16.46
CA HIS F 268 11.03 39.57 16.32
C HIS F 268 11.48 38.12 16.07
N PRO F 269 11.30 37.62 14.84
CA PRO F 269 11.62 36.21 14.57
C PRO F 269 13.09 35.90 14.84
N PRO F 270 13.38 34.72 15.43
CA PRO F 270 14.74 34.41 15.88
C PRO F 270 15.73 34.52 14.73
N ARG F 271 16.91 35.04 15.03
CA ARG F 271 17.96 35.18 14.02
C ARG F 271 19.21 34.44 14.47
N LEU F 272 19.77 33.64 13.57
CA LEU F 272 20.91 32.77 13.86
C LEU F 272 22.17 33.23 13.11
N TYR F 273 23.28 33.29 13.84
CA TYR F 273 24.57 33.70 13.29
C TYR F 273 25.64 32.63 13.50
N GLY F 274 26.53 32.50 12.51
CA GLY F 274 27.69 31.63 12.61
C GLY F 274 28.94 32.43 12.91
N CYS F 275 29.53 32.21 14.09
CA CYS F 275 30.74 32.91 14.51
C CYS F 275 31.94 31.95 14.44
N SER F 276 32.90 32.31 13.60
CA SER F 276 34.07 31.48 13.33
C SER F 276 35.34 32.32 13.15
N ASN F 277 36.49 31.67 13.27
CA ASN F 277 37.77 32.30 12.98
C ASN F 277 38.66 31.42 12.09
N LYS F 278 38.03 30.52 11.33
CA LYS F 278 38.77 29.61 10.44
C LYS F 278 39.47 30.32 9.28
N THR F 279 39.00 31.51 8.92
CA THR F 279 39.61 32.34 7.87
C THR F 279 40.71 33.25 8.41
N GLY F 280 41.11 33.03 9.66
CA GLY F 280 42.14 33.83 10.32
C GLY F 280 41.54 34.85 11.27
N ARG F 281 40.85 35.83 10.71
CA ARG F 281 40.07 36.80 11.47
C ARG F 281 38.80 36.15 11.98
N PHE F 282 38.29 36.65 13.10
CA PHE F 282 37.03 36.19 13.66
C PHE F 282 35.87 36.92 13.00
N VAL F 283 35.07 36.20 12.21
CA VAL F 283 33.91 36.80 11.54
C VAL F 283 32.59 36.16 11.94
N ILE F 284 31.61 37.00 12.27
CA ILE F 284 30.24 36.56 12.54
C ILE F 284 29.40 36.81 11.31
N GLU F 285 28.78 35.76 10.79
CA GLU F 285 27.88 35.90 9.64
C GLU F 285 26.53 35.20 9.87
N GLU F 286 25.47 35.82 9.36
CA GLU F 286 24.12 35.35 9.58
C GLU F 286 23.79 34.18 8.67
N ILE F 287 23.04 33.22 9.21
CA ILE F 287 22.51 32.12 8.42
C ILE F 287 21.25 32.61 7.69
N PRO F 288 21.27 32.52 6.34
CA PRO F 288 20.14 33.07 5.58
C PRO F 288 18.95 32.11 5.46
N GLY F 289 17.75 32.68 5.39
CA GLY F 289 16.51 31.92 5.22
C GLY F 289 16.01 31.26 6.49
N GLU F 290 15.21 30.21 6.35
CA GLU F 290 14.84 29.38 7.49
C GLU F 290 16.11 28.69 7.98
N PHE F 291 16.29 28.56 9.28
CA PHE F 291 17.43 27.82 9.79
C PHE F 291 16.98 26.56 10.53
N THR F 292 17.87 25.58 10.57
CA THR F 292 17.59 24.33 11.27
C THR F 292 18.79 23.84 12.02
N GLN F 293 18.62 22.71 12.68
CA GLN F 293 19.65 22.07 13.50
C GLN F 293 21.00 21.90 12.78
N ASP F 294 20.96 21.50 11.52
CA ASP F 294 22.20 21.23 10.77
C ASP F 294 22.96 22.50 10.40
N ASP F 295 22.34 23.66 10.61
CA ASP F 295 23.01 24.94 10.37
C ASP F 295 23.99 25.26 11.50
N LEU F 296 23.83 24.59 12.62
CA LEU F 296 24.72 24.75 13.76
C LEU F 296 26.06 24.11 13.47
N ALA F 297 27.04 24.95 13.16
CA ALA F 297 28.38 24.50 12.78
C ALA F 297 29.06 23.82 13.95
N GLU F 298 29.14 22.49 13.86
CA GLU F 298 29.73 21.65 14.90
C GLU F 298 31.10 22.16 15.39
N ASP F 299 31.86 22.78 14.50
CA ASP F 299 33.23 23.21 14.81
C ASP F 299 33.38 24.71 15.07
N ASP F 300 32.25 25.40 15.29
CA ASP F 300 32.26 26.85 15.54
C ASP F 300 31.28 27.23 16.67
N VAL F 301 31.04 28.53 16.80
CA VAL F 301 30.12 29.05 17.80
C VAL F 301 28.92 29.70 17.08
N MET F 302 27.73 29.42 17.61
CA MET F 302 26.50 29.93 17.02
C MET F 302 25.77 30.89 17.95
N LEU F 303 25.38 32.04 17.42
CA LEU F 303 24.57 33.02 18.14
C LEU F 303 23.12 32.93 17.71
N LEU F 304 22.24 32.66 18.66
CA LEU F 304 20.81 32.70 18.39
C LEU F 304 20.18 33.82 19.19
N ASP F 305 19.83 34.91 18.50
CA ASP F 305 19.12 36.01 19.11
C ASP F 305 17.63 35.68 19.06
N ALA F 306 17.11 35.22 20.21
CA ALA F 306 15.70 34.91 20.36
C ALA F 306 14.92 36.11 20.89
N TRP F 307 15.55 37.29 20.82
CA TRP F 307 14.98 38.57 21.23
C TRP F 307 14.85 38.71 22.75
N GLU F 308 14.06 37.83 23.35
CA GLU F 308 13.88 37.78 24.80
C GLU F 308 15.13 37.21 25.49
N GLN F 309 16.01 36.62 24.70
CA GLN F 309 17.13 35.86 25.21
C GLN F 309 18.15 35.72 24.10
N ILE F 310 19.43 35.73 24.45
CA ILE F 310 20.47 35.45 23.47
C ILE F 310 21.22 34.17 23.85
N PHE F 311 21.21 33.20 22.95
CA PHE F 311 21.93 31.95 23.16
C PHE F 311 23.26 31.93 22.44
N ILE F 312 24.29 31.46 23.13
CA ILE F 312 25.57 31.19 22.51
C ILE F 312 25.80 29.69 22.55
N TRP F 313 25.66 29.06 21.40
CA TRP F 313 25.77 27.60 21.26
C TRP F 313 27.21 27.28 20.90
N ILE F 314 27.88 26.53 21.77
CA ILE F 314 29.28 26.15 21.54
C ILE F 314 29.42 24.74 20.99
N GLY F 315 29.99 24.64 19.79
CA GLY F 315 30.27 23.34 19.17
C GLY F 315 31.41 22.62 19.86
N LYS F 316 31.40 21.29 19.79
CA LYS F 316 32.43 20.47 20.42
C LYS F 316 33.86 20.74 19.95
N ASP F 317 34.01 21.42 18.83
CA ASP F 317 35.34 21.64 18.24
C ASP F 317 35.68 23.11 18.04
N ALA F 318 35.01 23.98 18.78
CA ALA F 318 35.24 25.42 18.67
C ALA F 318 36.48 25.87 19.44
N ASN F 319 37.16 26.91 18.94
CA ASN F 319 38.23 27.59 19.66
C ASN F 319 37.68 28.19 20.95
N GLU F 320 38.58 28.42 21.90
CA GLU F 320 38.23 29.24 23.06
C GLU F 320 38.06 30.70 22.66
N VAL F 321 38.81 31.16 21.66
CA VAL F 321 38.66 32.53 21.17
C VAL F 321 37.32 32.71 20.46
N GLU F 322 36.91 31.67 19.72
CA GLU F 322 35.63 31.68 19.03
C GLU F 322 34.50 31.88 20.03
N LYS F 323 34.57 31.16 21.14
CA LYS F 323 33.59 31.23 22.21
C LYS F 323 33.56 32.63 22.80
N LYS F 324 34.75 33.16 23.07
CA LYS F 324 34.88 34.42 23.77
C LYS F 324 34.68 35.67 22.91
N GLU F 325 35.00 35.60 21.62
CA GLU F 325 34.83 36.76 20.76
C GLU F 325 33.37 36.92 20.33
N SER F 326 32.64 35.82 20.34
CA SER F 326 31.20 35.91 20.09
C SER F 326 30.49 36.44 21.33
N LEU F 327 30.87 35.92 22.50
CA LEU F 327 30.41 36.45 23.78
C LEU F 327 30.56 37.98 23.88
N LYS F 328 31.70 38.52 23.43
CA LYS F 328 31.94 39.96 23.44
C LYS F 328 30.94 40.73 22.60
N SER F 329 30.88 40.38 21.32
CA SER F 329 29.97 41.01 20.36
C SER F 329 28.49 40.83 20.74
N ALA F 330 28.19 39.74 21.43
CA ALA F 330 26.84 39.53 21.95
C ALA F 330 26.46 40.65 22.93
N LYS F 331 27.43 41.08 23.75
CA LYS F 331 27.24 42.19 24.68
C LYS F 331 27.11 43.52 23.91
N MET F 332 27.89 43.66 22.83
CA MET F 332 27.78 44.81 21.93
C MET F 332 26.34 44.91 21.39
N TYR F 333 25.90 43.87 20.68
CA TYR F 333 24.51 43.67 20.25
C TYR F 333 23.51 44.24 21.25
N LEU F 334 23.67 43.88 22.53
CA LEU F 334 22.81 44.40 23.60
C LEU F 334 23.06 45.88 23.84
N GLU F 335 24.32 46.25 24.02
CA GLU F 335 24.71 47.64 24.24
C GLU F 335 24.20 48.52 23.10
N THR F 336 24.74 48.29 21.91
CA THR F 336 24.26 48.93 20.70
C THR F 336 23.05 48.16 20.15
N ASP F 337 21.90 48.32 20.82
CA ASP F 337 20.63 47.73 20.40
C ASP F 337 19.87 48.71 19.52
N PRO F 338 19.35 48.24 18.36
CA PRO F 338 18.43 49.06 17.56
C PRO F 338 17.07 49.25 18.26
N SER F 339 17.08 49.16 19.59
CA SER F 339 15.91 49.34 20.45
C SER F 339 16.43 49.56 21.87
N GLY F 340 15.55 49.38 22.87
CA GLY F 340 15.95 49.44 24.28
C GLY F 340 16.78 48.23 24.70
N ARG F 341 18.00 48.49 25.19
CA ARG F 341 18.88 47.43 25.70
C ARG F 341 18.22 46.83 26.93
N ASP F 342 17.29 45.91 26.70
CA ASP F 342 16.35 45.48 27.73
C ASP F 342 17.08 45.00 28.98
N LYS F 343 16.54 45.34 30.14
CA LYS F 343 17.10 44.99 31.46
C LYS F 343 18.01 43.77 31.35
N ARG F 344 19.31 44.05 31.12
CA ARG F 344 20.33 43.02 30.92
C ARG F 344 20.08 42.01 29.80
N THR F 345 18.80 41.79 29.44
CA THR F 345 18.38 40.76 28.48
C THR F 345 19.30 39.54 28.56
N PRO F 346 18.80 38.43 29.12
CA PRO F 346 19.67 37.32 29.44
C PRO F 346 20.53 36.87 28.28
N ILE F 347 21.69 36.33 28.60
CA ILE F 347 22.59 35.82 27.59
C ILE F 347 23.17 34.49 28.08
N VAL F 348 22.56 33.41 27.61
CA VAL F 348 22.80 32.05 28.12
C VAL F 348 23.77 31.30 27.23
N ILE F 349 24.79 30.71 27.85
CA ILE F 349 25.80 29.95 27.12
C ILE F 349 25.48 28.45 27.15
N ILE F 350 25.49 27.85 25.96
CA ILE F 350 24.96 26.51 25.75
C ILE F 350 25.98 25.57 25.11
N LYS F 351 26.16 24.40 25.72
CA LYS F 351 27.06 23.38 25.18
C LYS F 351 26.32 22.46 24.24
N GLN F 352 27.03 21.97 23.22
CA GLN F 352 26.47 21.03 22.24
C GLN F 352 26.03 19.73 22.91
N GLY F 353 24.89 19.21 22.48
CA GLY F 353 24.35 17.96 23.01
C GLY F 353 23.83 18.17 24.42
N HIS F 354 23.79 19.43 24.83
CA HIS F 354 23.35 19.80 26.16
C HIS F 354 22.33 20.92 26.14
N GLU F 355 21.67 21.10 25.00
CA GLU F 355 20.78 22.24 24.75
C GLU F 355 19.50 22.15 25.57
N PRO F 356 19.11 23.26 26.22
CA PRO F 356 17.87 23.32 27.00
C PRO F 356 16.65 23.40 26.09
N PRO F 357 15.48 22.94 26.58
CA PRO F 357 14.26 22.97 25.77
C PRO F 357 13.92 24.38 25.27
N THR F 358 14.26 25.39 26.06
CA THR F 358 14.01 26.78 25.73
C THR F 358 14.78 27.26 24.48
N PHE F 359 15.92 26.63 24.20
CA PHE F 359 16.71 26.91 22.99
C PHE F 359 16.27 26.01 21.84
N THR F 360 16.05 24.73 22.16
CA THR F 360 15.67 23.71 21.19
C THR F 360 14.35 24.02 20.48
N GLY F 361 13.45 24.70 21.19
CA GLY F 361 12.12 25.03 20.66
C GLY F 361 12.08 25.87 19.39
N TRP F 362 13.13 26.66 19.15
CA TRP F 362 13.19 27.53 17.98
C TRP F 362 13.54 26.78 16.70
N PHE F 363 13.83 25.49 16.85
CA PHE F 363 14.17 24.61 15.75
C PHE F 363 13.04 23.64 15.53
N LEU F 364 12.73 23.38 14.26
CA LEU F 364 11.66 22.47 13.90
C LEU F 364 12.18 21.04 13.94
N GLY F 365 11.47 20.18 14.65
CA GLY F 365 11.80 18.76 14.75
C GLY F 365 13.21 18.49 15.20
N TRP F 366 13.60 19.06 16.34
CA TRP F 366 14.94 18.91 16.88
C TRP F 366 15.23 17.44 17.25
N ASP F 367 16.19 16.84 16.57
CA ASP F 367 16.57 15.47 16.85
C ASP F 367 17.64 15.44 17.93
N SER F 368 17.31 14.79 19.04
CA SER F 368 18.19 14.83 20.22
C SER F 368 19.19 13.67 20.32
N SER F 369 19.10 12.69 19.43
CA SER F 369 20.08 11.61 19.39
C SER F 369 20.90 11.59 18.09
N LYS F 370 21.07 12.76 17.48
CA LYS F 370 21.70 12.86 16.17
C LYS F 370 23.21 12.71 16.24
N TRP F 371 23.82 13.42 17.19
CA TRP F 371 25.28 13.56 17.27
C TRP F 371 25.99 12.28 17.73
N GLY G 52 -16.19 12.27 -36.19
CA GLY G 52 -17.38 11.43 -35.85
C GLY G 52 -16.98 10.10 -35.22
N LYS G 53 -17.40 9.88 -33.98
CA LYS G 53 -16.90 8.78 -33.17
C LYS G 53 -17.50 7.44 -33.57
N VAL G 54 -16.61 6.49 -33.91
CA VAL G 54 -17.03 5.15 -34.30
C VAL G 54 -16.63 4.11 -33.26
N GLU G 55 -17.58 3.26 -32.88
CA GLU G 55 -17.32 2.14 -31.97
C GLU G 55 -17.85 0.85 -32.55
N ILE G 56 -17.05 -0.20 -32.49
CA ILE G 56 -17.45 -1.51 -33.02
C ILE G 56 -17.37 -2.60 -31.97
N TRP G 57 -18.44 -3.39 -31.88
CA TRP G 57 -18.47 -4.58 -31.04
C TRP G 57 -18.79 -5.84 -31.82
N ARG G 58 -18.01 -6.88 -31.54
CA ARG G 58 -18.29 -8.24 -32.01
C ARG G 58 -19.32 -8.86 -31.09
N VAL G 59 -20.44 -9.29 -31.68
CA VAL G 59 -21.53 -9.91 -30.93
C VAL G 59 -21.16 -11.36 -30.66
N GLU G 60 -20.86 -11.64 -29.39
CA GLU G 60 -20.50 -12.98 -28.93
C GLU G 60 -21.27 -13.25 -27.65
N ASN G 61 -21.67 -14.52 -27.46
CA ASN G 61 -22.44 -14.94 -26.30
C ASN G 61 -23.73 -14.11 -26.15
N ASN G 62 -23.87 -13.40 -25.04
CA ASN G 62 -25.07 -12.62 -24.76
C ASN G 62 -24.75 -11.20 -24.26
N GLY G 63 -23.61 -10.68 -24.71
CA GLY G 63 -23.18 -9.32 -24.44
C GLY G 63 -22.47 -8.74 -25.64
N ARG G 64 -21.70 -7.68 -25.41
CA ARG G 64 -20.90 -7.06 -26.46
C ARG G 64 -19.44 -7.11 -26.08
N ILE G 65 -18.59 -7.39 -27.05
CA ILE G 65 -17.15 -7.47 -26.84
C ILE G 65 -16.44 -6.52 -27.78
N GLN G 66 -15.63 -5.60 -27.22
CA GLN G 66 -14.96 -4.54 -27.98
C GLN G 66 -14.00 -5.10 -29.03
N VAL G 67 -14.19 -4.69 -30.27
CA VAL G 67 -13.31 -5.14 -31.34
C VAL G 67 -12.07 -4.26 -31.40
N ASP G 68 -10.93 -4.88 -31.71
CA ASP G 68 -9.64 -4.20 -31.79
C ASP G 68 -9.71 -2.96 -32.68
N GLN G 69 -9.22 -1.85 -32.15
CA GLN G 69 -9.22 -0.57 -32.85
C GLN G 69 -8.53 -0.64 -34.22
N ASN G 70 -7.38 -1.32 -34.29
CA ASN G 70 -6.70 -1.59 -35.56
C ASN G 70 -7.49 -2.47 -36.52
N SER G 71 -8.36 -3.31 -35.97
CA SER G 71 -9.09 -4.28 -36.77
C SER G 71 -10.42 -3.75 -37.28
N TYR G 72 -10.61 -2.42 -37.24
CA TYR G 72 -11.83 -1.80 -37.74
C TYR G 72 -11.94 -2.00 -39.24
N GLY G 73 -13.00 -2.68 -39.67
CA GLY G 73 -13.18 -3.01 -41.08
C GLY G 73 -12.94 -4.48 -41.35
N GLU G 74 -12.29 -5.14 -40.40
CA GLU G 74 -12.08 -6.58 -40.44
C GLU G 74 -13.21 -7.28 -39.69
N PHE G 75 -14.06 -8.00 -40.43
CA PHE G 75 -15.20 -8.70 -39.86
C PHE G 75 -15.12 -10.19 -40.16
N TYR G 76 -15.65 -11.02 -39.25
CA TYR G 76 -15.76 -12.45 -39.54
C TYR G 76 -17.13 -12.74 -40.17
N GLY G 77 -17.12 -13.56 -41.22
CA GLY G 77 -18.34 -13.91 -41.94
C GLY G 77 -19.42 -14.62 -41.13
N GLY G 78 -19.03 -15.40 -40.12
CA GLY G 78 -19.98 -16.16 -39.27
C GLY G 78 -20.43 -15.43 -38.03
N ASP G 79 -20.22 -14.12 -38.03
CA ASP G 79 -20.50 -13.29 -36.86
C ASP G 79 -21.32 -12.04 -37.16
N CYS G 80 -21.90 -11.48 -36.11
CA CYS G 80 -22.61 -10.22 -36.19
C CYS G 80 -21.89 -9.17 -35.39
N TYR G 81 -21.93 -7.93 -35.89
CA TYR G 81 -21.24 -6.83 -35.25
C TYR G 81 -22.20 -5.69 -35.03
N ILE G 82 -21.99 -4.95 -33.94
CA ILE G 82 -22.75 -3.74 -33.67
C ILE G 82 -21.85 -2.51 -33.85
N ILE G 83 -22.14 -1.72 -34.87
CA ILE G 83 -21.37 -0.51 -35.16
C ILE G 83 -22.14 0.72 -34.71
N LEU G 84 -21.56 1.47 -33.77
CA LEU G 84 -22.19 2.69 -33.25
C LEU G 84 -21.51 3.95 -33.80
N TYR G 85 -22.30 4.75 -34.51
CA TYR G 85 -21.82 6.05 -34.99
C TYR G 85 -22.48 7.17 -34.20
N THR G 86 -21.66 7.96 -33.52
CA THR G 86 -22.16 9.12 -32.76
C THR G 86 -21.69 10.43 -33.40
N TYR G 87 -22.66 11.18 -33.89
CA TYR G 87 -22.43 12.46 -34.52
C TYR G 87 -23.43 13.40 -33.88
N PRO G 88 -23.06 14.68 -33.71
CA PRO G 88 -23.79 15.48 -32.71
C PRO G 88 -25.30 15.70 -32.93
N ARG G 89 -25.79 15.48 -34.15
CA ARG G 89 -27.23 15.46 -34.42
C ARG G 89 -27.94 14.24 -33.84
N GLY G 90 -27.23 13.11 -33.76
CA GLY G 90 -27.82 11.90 -33.21
C GLY G 90 -26.95 10.65 -33.27
N GLN G 91 -27.60 9.50 -33.20
CA GLN G 91 -26.88 8.25 -33.17
C GLN G 91 -27.33 7.37 -34.33
N ILE G 92 -26.40 6.62 -34.87
CA ILE G 92 -26.76 5.57 -35.83
C ILE G 92 -26.15 4.23 -35.39
N ILE G 93 -27.00 3.21 -35.31
CA ILE G 93 -26.52 1.85 -35.03
C ILE G 93 -26.65 1.01 -36.29
N TYR G 94 -25.49 0.63 -36.84
CA TYR G 94 -25.45 -0.37 -37.90
C TYR G 94 -25.25 -1.76 -37.28
N THR G 95 -26.19 -2.66 -37.52
CA THR G 95 -26.08 -4.04 -37.09
C THR G 95 -25.62 -4.87 -38.26
N TRP G 96 -24.32 -5.14 -38.31
CA TRP G 96 -23.72 -5.90 -39.40
C TRP G 96 -23.88 -7.40 -39.16
N GLN G 97 -24.59 -8.07 -40.05
CA GLN G 97 -24.89 -9.49 -39.92
C GLN G 97 -24.17 -10.26 -41.02
N GLY G 98 -23.28 -11.16 -40.61
CA GLY G 98 -22.49 -11.94 -41.53
C GLY G 98 -23.34 -12.94 -42.28
N ALA G 99 -23.04 -13.10 -43.58
CA ALA G 99 -23.79 -14.01 -44.44
C ALA G 99 -23.80 -15.46 -43.92
N ASN G 100 -22.84 -15.78 -43.07
CA ASN G 100 -22.77 -17.12 -42.44
C ASN G 100 -23.16 -17.19 -40.96
N ALA G 101 -23.50 -16.05 -40.34
CA ALA G 101 -23.94 -16.04 -38.93
C ALA G 101 -25.14 -16.96 -38.72
N THR G 102 -25.15 -17.68 -37.61
CA THR G 102 -26.30 -18.53 -37.26
C THR G 102 -27.47 -17.66 -36.84
N ARG G 103 -28.69 -18.15 -37.07
CA ARG G 103 -29.90 -17.40 -36.72
C ARG G 103 -29.96 -17.04 -35.24
N ASP G 104 -29.26 -17.83 -34.44
CA ASP G 104 -29.09 -17.54 -33.02
C ASP G 104 -28.36 -16.21 -32.78
N GLU G 105 -27.31 -15.97 -33.55
CA GLU G 105 -26.53 -14.74 -33.48
C GLU G 105 -27.33 -13.56 -34.01
N LEU G 106 -28.10 -13.80 -35.08
CA LEU G 106 -28.95 -12.77 -35.68
C LEU G 106 -29.98 -12.23 -34.69
N THR G 107 -30.50 -13.10 -33.84
CA THR G 107 -31.44 -12.72 -32.80
C THR G 107 -30.76 -11.97 -31.65
N THR G 108 -29.58 -12.43 -31.27
CA THR G 108 -28.83 -11.79 -30.19
C THR G 108 -28.37 -10.39 -30.63
N SER G 109 -27.93 -10.27 -31.88
CA SER G 109 -27.49 -8.99 -32.41
C SER G 109 -28.63 -7.97 -32.39
N ALA G 110 -29.82 -8.40 -32.82
CA ALA G 110 -31.01 -7.54 -32.80
C ALA G 110 -31.40 -7.16 -31.37
N PHE G 111 -31.33 -8.13 -30.46
CA PHE G 111 -31.60 -7.91 -29.04
C PHE G 111 -30.62 -6.91 -28.43
N LEU G 112 -29.36 -6.97 -28.86
CA LEU G 112 -28.33 -6.14 -28.27
C LEU G 112 -28.32 -4.70 -28.76
N THR G 113 -28.75 -4.50 -30.01
CA THR G 113 -28.89 -3.13 -30.55
C THR G 113 -30.08 -2.45 -29.91
N VAL G 114 -31.10 -3.23 -29.55
CA VAL G 114 -32.23 -2.73 -28.77
C VAL G 114 -31.72 -2.30 -27.39
N GLN G 115 -30.92 -3.16 -26.77
CA GLN G 115 -30.28 -2.84 -25.49
C GLN G 115 -29.43 -1.57 -25.59
N LEU G 116 -28.68 -1.44 -26.68
CA LEU G 116 -27.82 -0.29 -26.86
C LEU G 116 -28.64 1.00 -27.07
N ASP G 117 -29.65 0.90 -27.94
CA ASP G 117 -30.50 2.05 -28.25
C ASP G 117 -31.24 2.56 -27.02
N ARG G 118 -31.73 1.64 -26.20
CA ARG G 118 -32.47 1.98 -24.97
C ARG G 118 -31.59 2.68 -23.95
N SER G 119 -30.30 2.34 -23.94
CA SER G 119 -29.36 2.93 -23.00
C SER G 119 -28.89 4.31 -23.47
N LEU G 120 -29.14 4.62 -24.74
CA LEU G 120 -28.84 5.94 -25.29
C LEU G 120 -30.06 6.88 -25.28
N GLY G 121 -31.22 6.37 -24.86
CA GLY G 121 -32.43 7.15 -24.78
C GLY G 121 -33.51 6.73 -25.75
N GLY G 122 -33.17 5.84 -26.67
CA GLY G 122 -34.11 5.38 -27.69
C GLY G 122 -34.12 6.30 -28.89
N GLN G 123 -33.11 7.14 -28.97
CA GLN G 123 -33.09 8.16 -29.99
C GLN G 123 -32.40 7.67 -31.26
N ALA G 124 -31.69 6.55 -31.16
CA ALA G 124 -30.81 6.07 -32.23
C ALA G 124 -31.57 5.50 -33.42
N VAL G 125 -31.05 5.80 -34.62
CA VAL G 125 -31.53 5.16 -35.82
C VAL G 125 -30.88 3.78 -35.89
N GLN G 126 -31.68 2.77 -36.25
CA GLN G 126 -31.19 1.40 -36.33
C GLN G 126 -31.25 0.90 -37.76
N ILE G 127 -30.11 0.45 -38.28
CA ILE G 127 -30.04 -0.05 -39.65
C ILE G 127 -29.45 -1.47 -39.69
N ARG G 128 -30.27 -2.41 -40.15
CA ARG G 128 -29.86 -3.80 -40.27
C ARG G 128 -29.06 -4.02 -41.56
N VAL G 129 -27.77 -4.27 -41.41
CA VAL G 129 -26.89 -4.44 -42.55
C VAL G 129 -26.49 -5.91 -42.77
N SER G 130 -26.95 -6.48 -43.88
CA SER G 130 -26.48 -7.76 -44.36
C SER G 130 -25.08 -7.63 -44.94
N GLN G 131 -24.29 -8.69 -44.83
CA GLN G 131 -22.95 -8.73 -45.43
C GLN G 131 -23.01 -8.38 -46.92
N GLY G 132 -22.18 -7.42 -47.31
CA GLY G 132 -22.05 -7.01 -48.72
C GLY G 132 -23.10 -6.00 -49.17
N LYS G 133 -23.95 -5.58 -48.25
CA LYS G 133 -25.00 -4.62 -48.54
C LYS G 133 -24.86 -3.41 -47.62
N GLU G 134 -23.63 -3.08 -47.26
CA GLU G 134 -23.34 -1.90 -46.45
C GLU G 134 -23.68 -0.65 -47.21
N PRO G 135 -24.52 0.21 -46.62
CA PRO G 135 -24.72 1.55 -47.18
C PRO G 135 -23.38 2.29 -47.33
N VAL G 136 -23.36 3.30 -48.18
CA VAL G 136 -22.18 4.16 -48.35
C VAL G 136 -21.71 4.71 -47.00
N HIS G 137 -22.65 5.19 -46.18
CA HIS G 137 -22.30 5.82 -44.92
C HIS G 137 -21.57 4.91 -43.92
N LEU G 138 -21.91 3.63 -43.86
CA LEU G 138 -21.13 2.67 -43.06
C LEU G 138 -19.67 2.54 -43.52
N LEU G 139 -19.49 2.45 -44.84
CA LEU G 139 -18.19 2.37 -45.50
C LEU G 139 -17.26 3.61 -45.37
N SER G 140 -17.81 4.72 -44.92
CA SER G 140 -17.00 5.92 -44.64
C SER G 140 -16.36 5.84 -43.25
N LEU G 141 -16.85 4.92 -42.43
CA LEU G 141 -16.39 4.78 -41.06
C LEU G 141 -15.12 3.92 -41.02
N PHE G 142 -14.93 3.14 -42.07
CA PHE G 142 -13.69 2.42 -42.31
C PHE G 142 -12.87 3.26 -43.28
N LYS G 143 -12.44 4.41 -42.78
CA LYS G 143 -11.80 5.45 -43.58
C LYS G 143 -10.44 5.04 -44.15
N ASP G 144 -10.29 5.31 -45.45
CA ASP G 144 -9.04 5.11 -46.18
C ASP G 144 -8.57 3.66 -46.30
N LYS G 145 -9.35 2.73 -45.75
CA LYS G 145 -9.00 1.30 -45.79
C LYS G 145 -10.15 0.41 -46.32
N PRO G 146 -9.81 -0.67 -47.03
CA PRO G 146 -10.82 -1.57 -47.58
C PRO G 146 -11.45 -2.48 -46.53
N LEU G 147 -12.71 -2.83 -46.76
CA LEU G 147 -13.47 -3.75 -45.94
C LEU G 147 -12.91 -5.16 -46.08
N ILE G 148 -12.67 -5.84 -44.96
CA ILE G 148 -12.13 -7.20 -45.01
C ILE G 148 -13.06 -8.21 -44.35
N ILE G 149 -13.55 -9.17 -45.11
CA ILE G 149 -14.48 -10.17 -44.61
C ILE G 149 -13.88 -11.55 -44.63
N TYR G 150 -13.71 -12.11 -43.44
CA TYR G 150 -13.09 -13.40 -43.24
C TYR G 150 -14.16 -14.49 -43.14
N PRO G 165 -4.54 -22.84 -42.95
CA PRO G 165 -3.20 -22.35 -43.24
C PRO G 165 -3.06 -21.78 -44.66
N THR G 166 -3.71 -22.40 -45.63
CA THR G 166 -3.77 -21.87 -46.98
C THR G 166 -5.07 -21.09 -47.13
N ARG G 167 -5.00 -19.87 -47.65
CA ARG G 167 -6.14 -18.98 -47.72
C ARG G 167 -6.23 -18.23 -49.04
N LEU G 168 -7.45 -18.03 -49.53
CA LEU G 168 -7.69 -17.28 -50.76
C LEU G 168 -8.66 -16.13 -50.52
N PHE G 169 -8.26 -14.92 -50.92
CA PHE G 169 -9.07 -13.72 -50.76
C PHE G 169 -9.41 -13.09 -52.10
N GLN G 170 -10.67 -12.70 -52.28
CA GLN G 170 -11.12 -12.05 -53.51
C GLN G 170 -11.26 -10.55 -53.31
N VAL G 171 -10.59 -9.78 -54.16
CA VAL G 171 -10.60 -8.31 -54.04
C VAL G 171 -11.42 -7.67 -55.16
N ARG G 172 -12.46 -6.94 -54.79
CA ARG G 172 -13.33 -6.30 -55.77
C ARG G 172 -13.73 -4.87 -55.43
N ARG G 173 -13.70 -4.01 -56.44
CA ARG G 173 -14.29 -2.68 -56.37
C ARG G 173 -15.21 -2.48 -57.56
N ASN G 174 -16.43 -2.05 -57.29
CA ASN G 174 -17.32 -1.61 -58.37
C ASN G 174 -17.86 -0.21 -58.16
N LEU G 175 -17.42 0.68 -59.06
CA LEU G 175 -17.97 2.04 -59.27
C LEU G 175 -18.00 2.94 -58.01
N ALA G 176 -16.83 3.47 -57.66
CA ALA G 176 -16.61 4.16 -56.37
C ALA G 176 -16.91 3.22 -55.19
N SER G 177 -17.92 3.57 -54.38
CA SER G 177 -18.34 2.77 -53.22
C SER G 177 -17.20 2.51 -52.24
N ILE G 178 -16.81 1.25 -52.07
CA ILE G 178 -15.61 0.86 -51.33
C ILE G 178 -15.03 -0.40 -51.95
N THR G 179 -13.75 -0.66 -51.68
CA THR G 179 -13.10 -1.89 -52.08
C THR G 179 -13.43 -2.97 -51.06
N ARG G 180 -13.96 -4.10 -51.53
CA ARG G 180 -14.29 -5.23 -50.65
C ARG G 180 -13.33 -6.38 -50.82
N ILE G 181 -12.76 -6.84 -49.72
CA ILE G 181 -11.88 -8.00 -49.74
C ILE G 181 -12.59 -9.14 -49.01
N VAL G 182 -12.80 -10.25 -49.71
CA VAL G 182 -13.58 -11.36 -49.15
C VAL G 182 -12.87 -12.72 -49.23
N GLU G 183 -12.73 -13.37 -48.08
CA GLU G 183 -12.14 -14.71 -48.02
C GLU G 183 -13.06 -15.70 -48.71
N VAL G 184 -12.48 -16.55 -49.54
CA VAL G 184 -13.24 -17.55 -50.32
C VAL G 184 -12.66 -18.96 -50.16
N ASP G 185 -13.38 -19.97 -50.66
CA ASP G 185 -12.88 -21.34 -50.71
C ASP G 185 -11.56 -21.40 -51.47
N VAL G 186 -10.65 -22.26 -51.00
CA VAL G 186 -9.34 -22.41 -51.64
C VAL G 186 -9.36 -23.31 -52.89
N ASP G 187 -10.32 -23.06 -53.79
CA ASP G 187 -10.40 -23.79 -55.05
C ASP G 187 -10.02 -22.90 -56.22
N ALA G 188 -9.67 -23.54 -57.34
CA ALA G 188 -9.35 -22.82 -58.57
C ALA G 188 -10.59 -22.17 -59.17
N ASN G 189 -11.75 -22.78 -58.97
CA ASN G 189 -12.98 -22.20 -59.50
C ASN G 189 -13.57 -21.10 -58.61
N SER G 190 -12.80 -20.68 -57.62
CA SER G 190 -13.12 -19.50 -56.85
C SER G 190 -12.60 -18.27 -57.59
N LEU G 191 -11.63 -18.50 -58.48
CA LEU G 191 -11.02 -17.42 -59.26
C LEU G 191 -12.00 -16.71 -60.20
N ASN G 192 -11.66 -15.48 -60.61
CA ASN G 192 -12.53 -14.59 -61.36
C ASN G 192 -11.74 -13.54 -62.16
N SER G 193 -11.91 -13.57 -63.48
CA SER G 193 -11.16 -12.70 -64.40
C SER G 193 -11.31 -11.20 -64.14
N ASN G 194 -12.39 -10.81 -63.45
CA ASN G 194 -12.67 -9.39 -63.23
C ASN G 194 -11.99 -8.82 -61.98
N ASP G 195 -11.59 -9.68 -61.06
CA ASP G 195 -11.07 -9.24 -59.76
C ASP G 195 -9.61 -9.67 -59.54
N VAL G 196 -9.03 -9.21 -58.45
CA VAL G 196 -7.68 -9.60 -58.03
C VAL G 196 -7.79 -10.57 -56.84
N PHE G 197 -6.86 -11.52 -56.78
CA PHE G 197 -6.88 -12.52 -55.70
C PHE G 197 -5.57 -12.57 -54.96
N VAL G 198 -5.64 -12.85 -53.66
CA VAL G 198 -4.46 -13.09 -52.84
C VAL G 198 -4.49 -14.52 -52.30
N LEU G 199 -3.47 -15.30 -52.66
CA LEU G 199 -3.34 -16.67 -52.19
C LEU G 199 -2.25 -16.72 -51.14
N LYS G 200 -2.65 -16.81 -49.87
CA LYS G 200 -1.68 -16.96 -48.79
C LYS G 200 -1.32 -18.43 -48.58
N LEU G 201 -0.02 -18.72 -48.66
CA LEU G 201 0.48 -20.07 -48.43
C LEU G 201 0.89 -20.24 -46.96
N PRO G 202 1.01 -21.49 -46.49
CA PRO G 202 1.29 -21.74 -45.07
C PRO G 202 2.65 -21.21 -44.59
N GLN G 203 3.57 -21.00 -45.52
CA GLN G 203 4.93 -20.55 -45.19
C GLN G 203 5.07 -19.04 -45.05
N ASN G 204 3.93 -18.34 -45.00
CA ASN G 204 3.88 -16.88 -44.99
C ASN G 204 4.48 -16.24 -46.24
N SER G 205 4.04 -16.75 -47.38
CA SER G 205 4.35 -16.18 -48.69
C SER G 205 3.16 -16.48 -49.59
N GLY G 206 3.22 -16.06 -50.85
CA GLY G 206 2.12 -16.37 -51.76
C GLY G 206 2.05 -15.57 -53.05
N TYR G 207 0.86 -15.56 -53.63
CA TYR G 207 0.65 -14.94 -54.93
C TYR G 207 -0.47 -13.90 -54.89
N ILE G 208 -0.25 -12.80 -55.60
CA ILE G 208 -1.33 -11.89 -55.97
C ILE G 208 -1.64 -12.16 -57.44
N TRP G 209 -2.84 -12.67 -57.69
CA TRP G 209 -3.25 -13.08 -59.03
C TRP G 209 -4.14 -12.01 -59.61
N VAL G 210 -3.60 -11.27 -60.58
CA VAL G 210 -4.36 -10.21 -61.23
C VAL G 210 -5.16 -10.76 -62.40
N GLY G 211 -6.48 -10.70 -62.29
CA GLY G 211 -7.37 -11.06 -63.39
C GLY G 211 -7.22 -10.10 -64.55
N LYS G 212 -7.67 -10.54 -65.73
CA LYS G 212 -7.48 -9.80 -66.97
C LYS G 212 -8.27 -8.48 -67.01
N GLY G 213 -9.41 -8.44 -66.33
CA GLY G 213 -10.25 -7.26 -66.28
C GLY G 213 -10.31 -6.62 -64.91
N ALA G 214 -9.16 -6.59 -64.23
CA ALA G 214 -9.09 -6.05 -62.87
C ALA G 214 -8.58 -4.62 -62.85
N SER G 215 -9.15 -3.82 -61.94
CA SER G 215 -8.76 -2.42 -61.79
C SER G 215 -7.52 -2.25 -60.92
N GLN G 216 -6.87 -1.11 -61.07
CA GLN G 216 -5.69 -0.75 -60.27
C GLN G 216 -6.05 -0.66 -58.78
N GLU G 217 -7.26 -0.16 -58.50
CA GLU G 217 -7.75 -0.03 -57.13
C GLU G 217 -7.87 -1.41 -56.48
N GLU G 218 -8.20 -2.41 -57.30
CA GLU G 218 -8.30 -3.78 -56.82
C GLU G 218 -6.93 -4.37 -56.50
N GLU G 219 -5.93 -3.97 -57.26
CA GLU G 219 -4.58 -4.40 -56.97
C GLU G 219 -4.08 -3.79 -55.67
N LYS G 220 -4.47 -2.53 -55.39
CA LYS G 220 -4.13 -1.87 -54.12
C LYS G 220 -4.78 -2.55 -52.91
N GLY G 221 -6.02 -2.96 -53.07
CA GLY G 221 -6.70 -3.73 -52.04
C GLY G 221 -5.97 -5.03 -51.74
N ALA G 222 -5.60 -5.75 -52.81
CA ALA G 222 -4.81 -6.96 -52.70
C ALA G 222 -3.57 -6.73 -51.86
N GLU G 223 -2.79 -5.73 -52.25
CA GLU G 223 -1.56 -5.38 -51.55
C GLU G 223 -1.79 -5.02 -50.08
N TYR G 224 -3.00 -4.55 -49.77
CA TYR G 224 -3.36 -4.23 -48.38
C TYR G 224 -3.59 -5.48 -47.52
N VAL G 225 -4.37 -6.44 -48.02
CA VAL G 225 -4.62 -7.69 -47.29
C VAL G 225 -3.30 -8.41 -47.04
N ALA G 226 -2.45 -8.42 -48.07
CA ALA G 226 -1.13 -9.02 -47.97
C ALA G 226 -0.40 -8.56 -46.71
N SER G 227 -0.41 -7.24 -46.48
CA SER G 227 0.27 -6.65 -45.33
C SER G 227 -0.43 -6.97 -44.00
N VAL G 228 -1.75 -7.15 -44.03
CA VAL G 228 -2.50 -7.53 -42.83
C VAL G 228 -2.21 -8.98 -42.44
N LEU G 229 -2.06 -9.84 -43.45
CA LEU G 229 -1.73 -11.26 -43.25
C LEU G 229 -0.24 -11.53 -43.05
N LYS G 230 0.57 -10.46 -43.12
CA LYS G 230 2.03 -10.55 -43.07
C LYS G 230 2.54 -11.57 -44.10
N CYS G 231 2.16 -11.33 -45.36
CA CYS G 231 2.37 -12.29 -46.44
C CYS G 231 3.25 -11.72 -47.55
N LYS G 232 4.31 -12.46 -47.87
CA LYS G 232 5.31 -12.05 -48.86
C LYS G 232 4.86 -12.49 -50.25
N THR G 233 4.35 -11.54 -51.05
CA THR G 233 3.65 -11.89 -52.29
C THR G 233 4.48 -11.75 -53.57
N LEU G 234 4.20 -12.65 -54.51
CA LEU G 234 4.69 -12.54 -55.89
C LEU G 234 3.50 -12.21 -56.78
N ARG G 235 3.67 -11.23 -57.66
CA ARG G 235 2.58 -10.81 -58.53
C ARG G 235 2.57 -11.57 -59.85
N ILE G 236 1.51 -12.35 -60.07
CA ILE G 236 1.32 -13.12 -61.29
C ILE G 236 0.05 -12.68 -61.99
N GLN G 237 0.03 -12.79 -63.32
CA GLN G 237 -1.10 -12.33 -64.11
C GLN G 237 -1.89 -13.50 -64.70
N GLU G 238 -3.18 -13.31 -64.90
CA GLU G 238 -4.04 -14.32 -65.53
C GLU G 238 -3.49 -14.70 -66.89
N GLY G 239 -3.28 -16.00 -67.10
CA GLY G 239 -2.69 -16.51 -68.34
C GLY G 239 -1.20 -16.78 -68.20
N GLU G 240 -0.57 -16.12 -67.23
CA GLU G 240 0.88 -16.23 -66.98
C GLU G 240 1.18 -16.85 -65.63
N GLU G 241 0.25 -17.66 -65.13
CA GLU G 241 0.43 -18.33 -63.85
C GLU G 241 1.54 -19.37 -63.94
N PRO G 242 2.44 -19.39 -62.95
CA PRO G 242 3.41 -20.48 -62.86
C PRO G 242 2.68 -21.75 -62.45
N GLU G 243 3.38 -22.89 -62.45
CA GLU G 243 2.69 -24.15 -62.19
C GLU G 243 2.47 -24.44 -60.70
N GLU G 244 3.21 -23.78 -59.82
CA GLU G 244 3.00 -23.98 -58.38
C GLU G 244 1.75 -23.27 -57.85
N PHE G 245 1.32 -22.23 -58.56
CA PHE G 245 0.08 -21.54 -58.22
C PHE G 245 -1.11 -22.49 -58.28
N TRP G 246 -1.16 -23.31 -59.32
CA TRP G 246 -2.23 -24.27 -59.50
C TRP G 246 -2.15 -25.41 -58.48
N ASN G 247 -0.94 -25.84 -58.16
CA ASN G 247 -0.72 -26.88 -57.16
C ASN G 247 -1.21 -26.50 -55.76
N SER G 248 -1.09 -25.22 -55.43
CA SER G 248 -1.49 -24.71 -54.13
C SER G 248 -3.01 -24.54 -54.01
N LEU G 249 -3.67 -24.39 -55.16
CA LEU G 249 -5.13 -24.35 -55.21
C LEU G 249 -5.72 -25.75 -55.38
N GLY G 250 -4.84 -26.75 -55.43
CA GLY G 250 -5.24 -28.15 -55.59
C GLY G 250 -5.65 -28.51 -57.02
N GLY G 251 -4.90 -27.99 -57.99
CA GLY G 251 -5.15 -28.30 -59.40
C GLY G 251 -5.78 -27.15 -60.17
N LYS G 252 -5.48 -27.08 -61.47
CA LYS G 252 -6.06 -26.09 -62.35
C LYS G 252 -7.43 -26.56 -62.83
N LYS G 253 -8.46 -25.77 -62.61
CA LYS G 253 -9.81 -26.11 -63.06
C LYS G 253 -10.52 -24.90 -63.69
N ASP G 254 -11.61 -25.16 -64.42
CA ASP G 254 -12.45 -24.11 -64.99
C ASP G 254 -12.92 -23.15 -63.90
N TYR G 255 -12.58 -21.87 -64.04
CA TYR G 255 -13.06 -20.86 -63.10
C TYR G 255 -14.02 -19.86 -63.74
N GLN G 256 -14.41 -18.84 -62.97
CA GLN G 256 -15.41 -17.86 -63.39
C GLN G 256 -14.85 -16.89 -64.43
N THR G 257 -15.00 -17.25 -65.69
CA THR G 257 -14.48 -16.42 -66.78
C THR G 257 -15.48 -16.28 -67.92
N SER G 258 -15.54 -15.07 -68.50
CA SER G 258 -16.30 -14.79 -69.71
C SER G 258 -15.70 -13.58 -70.41
N PRO G 259 -15.95 -13.43 -71.72
CA PRO G 259 -15.43 -12.28 -72.47
C PRO G 259 -15.64 -10.92 -71.79
N LEU G 260 -16.85 -10.67 -71.26
CA LEU G 260 -17.13 -9.41 -70.59
C LEU G 260 -16.64 -9.36 -69.15
N LEU G 261 -16.30 -10.53 -68.59
CA LEU G 261 -15.67 -10.59 -67.27
C LEU G 261 -14.16 -10.32 -67.37
N GLU G 262 -13.57 -10.69 -68.51
CA GLU G 262 -12.15 -10.47 -68.77
C GLU G 262 -11.81 -8.98 -68.96
N THR G 263 -12.83 -8.14 -69.11
CA THR G 263 -12.63 -6.70 -69.31
C THR G 263 -13.07 -5.86 -68.12
N GLN G 264 -12.25 -4.86 -67.80
CA GLN G 264 -12.43 -4.01 -66.62
C GLN G 264 -13.64 -3.08 -66.74
N ALA G 265 -13.44 -1.98 -67.46
CA ALA G 265 -14.42 -0.91 -67.58
C ALA G 265 -15.70 -1.41 -68.23
N GLU G 266 -16.60 -1.91 -67.39
CA GLU G 266 -17.92 -2.35 -67.85
C GLU G 266 -18.77 -1.13 -68.22
N ASP G 267 -18.59 -0.69 -69.46
CA ASP G 267 -19.33 0.46 -70.02
C ASP G 267 -20.84 0.25 -69.90
N HIS G 268 -21.26 -1.00 -69.90
CA HIS G 268 -22.65 -1.36 -69.66
C HIS G 268 -22.73 -2.28 -68.43
N PRO G 269 -22.78 -1.69 -67.22
CA PRO G 269 -22.72 -2.41 -65.94
C PRO G 269 -23.88 -3.40 -65.73
N PRO G 270 -23.60 -4.54 -65.06
CA PRO G 270 -24.57 -5.60 -64.76
C PRO G 270 -25.68 -5.17 -63.79
N ARG G 271 -26.93 -5.46 -64.15
CA ARG G 271 -28.09 -5.02 -63.38
C ARG G 271 -29.00 -6.19 -62.99
N LEU G 272 -29.40 -6.22 -61.73
CA LEU G 272 -30.19 -7.34 -61.17
C LEU G 272 -31.60 -6.91 -60.80
N TYR G 273 -32.57 -7.73 -61.19
CA TYR G 273 -33.99 -7.45 -60.95
C TYR G 273 -34.65 -8.60 -60.20
N GLY G 274 -35.58 -8.25 -59.31
CA GLY G 274 -36.39 -9.23 -58.60
C GLY G 274 -37.77 -9.30 -59.23
N CYS G 275 -38.09 -10.46 -59.79
CA CYS G 275 -39.39 -10.69 -60.42
C CYS G 275 -40.25 -11.60 -59.53
N SER G 276 -41.37 -11.06 -59.06
CA SER G 276 -42.27 -11.75 -58.14
C SER G 276 -43.74 -11.48 -58.46
N ASN G 277 -44.61 -12.32 -57.92
CA ASN G 277 -46.06 -12.08 -57.99
C ASN G 277 -46.76 -12.29 -56.65
N LYS G 278 -46.00 -12.13 -55.56
CA LYS G 278 -46.52 -12.33 -54.21
C LYS G 278 -47.56 -11.29 -53.82
N THR G 279 -47.56 -10.16 -54.51
CA THR G 279 -48.49 -9.06 -54.23
C THR G 279 -49.76 -9.14 -55.09
N GLY G 280 -49.93 -10.24 -55.81
CA GLY G 280 -51.08 -10.43 -56.69
C GLY G 280 -50.71 -10.19 -58.14
N ARG G 281 -50.38 -8.93 -58.45
CA ARG G 281 -49.87 -8.56 -59.76
C ARG G 281 -48.42 -8.99 -59.87
N PHE G 282 -47.98 -9.26 -61.09
CA PHE G 282 -46.58 -9.58 -61.35
C PHE G 282 -45.75 -8.30 -61.51
N VAL G 283 -44.85 -8.05 -60.56
CA VAL G 283 -44.02 -6.84 -60.61
C VAL G 283 -42.53 -7.15 -60.65
N ILE G 284 -41.83 -6.50 -61.57
CA ILE G 284 -40.37 -6.60 -61.65
C ILE G 284 -39.79 -5.37 -61.01
N GLU G 285 -38.93 -5.56 -60.02
CA GLU G 285 -38.23 -4.45 -59.38
C GLU G 285 -36.72 -4.69 -59.27
N GLU G 286 -35.95 -3.61 -59.46
CA GLU G 286 -34.50 -3.69 -59.47
C GLU G 286 -33.92 -3.78 -58.06
N ILE G 287 -32.90 -4.61 -57.91
CA ILE G 287 -32.13 -4.68 -56.67
C ILE G 287 -31.17 -3.50 -56.62
N PRO G 288 -31.29 -2.66 -55.57
CA PRO G 288 -30.47 -1.44 -55.51
C PRO G 288 -29.06 -1.68 -54.95
N GLY G 289 -28.11 -0.89 -55.44
CA GLY G 289 -26.74 -0.89 -54.95
C GLY G 289 -25.90 -2.04 -55.47
N GLU G 290 -24.80 -2.31 -54.78
CA GLU G 290 -24.04 -3.54 -55.02
C GLU G 290 -24.99 -4.66 -54.69
N PHE G 291 -25.00 -5.71 -55.51
CA PHE G 291 -25.81 -6.87 -55.19
C PHE G 291 -24.93 -8.09 -54.92
N THR G 292 -25.47 -9.01 -54.13
CA THR G 292 -24.75 -10.24 -53.79
C THR G 292 -25.69 -11.43 -53.81
N GLN G 293 -25.12 -12.59 -53.51
CA GLN G 293 -25.82 -13.87 -53.52
C GLN G 293 -27.13 -13.88 -52.71
N ASP G 294 -27.11 -13.24 -51.54
CA ASP G 294 -28.28 -13.25 -50.65
C ASP G 294 -29.42 -12.36 -51.14
N ASP G 295 -29.16 -11.57 -52.19
CA ASP G 295 -30.20 -10.75 -52.82
C ASP G 295 -31.11 -11.59 -53.69
N LEU G 296 -30.64 -12.79 -54.05
CA LEU G 296 -31.41 -13.72 -54.85
C LEU G 296 -32.54 -14.31 -54.01
N ALA G 297 -33.74 -13.82 -54.25
CA ALA G 297 -34.91 -14.23 -53.47
C ALA G 297 -35.22 -15.71 -53.73
N GLU G 298 -34.89 -16.54 -52.74
CA GLU G 298 -35.07 -17.98 -52.82
C GLU G 298 -36.47 -18.36 -53.34
N ASP G 299 -37.45 -17.49 -53.12
CA ASP G 299 -38.83 -17.79 -53.45
C ASP G 299 -39.36 -17.06 -54.67
N ASP G 300 -38.48 -16.46 -55.46
CA ASP G 300 -38.88 -15.72 -56.66
C ASP G 300 -37.95 -15.97 -57.85
N VAL G 301 -38.10 -15.14 -58.88
CA VAL G 301 -37.25 -15.25 -60.05
C VAL G 301 -36.39 -14.00 -60.17
N MET G 302 -35.12 -14.17 -60.50
CA MET G 302 -34.19 -13.06 -60.62
C MET G 302 -33.69 -12.89 -62.05
N LEU G 303 -33.74 -11.67 -62.54
CA LEU G 303 -33.17 -11.31 -63.83
C LEU G 303 -31.83 -10.61 -63.65
N LEU G 304 -30.78 -11.19 -64.24
CA LEU G 304 -29.48 -10.53 -64.27
C LEU G 304 -29.12 -10.20 -65.70
N ASP G 305 -29.24 -8.92 -66.05
CA ASP G 305 -28.81 -8.42 -67.34
C ASP G 305 -27.30 -8.15 -67.28
N ALA G 306 -26.52 -9.08 -67.81
CA ALA G 306 -25.08 -8.97 -67.88
C ALA G 306 -24.65 -8.35 -69.21
N TRP G 307 -25.62 -7.74 -69.90
CA TRP G 307 -25.40 -7.04 -71.18
C TRP G 307 -25.12 -7.98 -72.35
N GLU G 308 -24.03 -8.73 -72.25
CA GLU G 308 -23.65 -9.74 -73.24
C GLU G 308 -24.56 -10.96 -73.16
N GLN G 309 -25.32 -11.04 -72.06
CA GLN G 309 -26.07 -12.23 -71.72
C GLN G 309 -27.15 -11.83 -70.73
N ILE G 310 -28.30 -12.48 -70.79
CA ILE G 310 -29.33 -12.27 -69.79
C ILE G 310 -29.62 -13.58 -69.07
N PHE G 311 -29.43 -13.58 -67.75
CA PHE G 311 -29.68 -14.75 -66.91
C PHE G 311 -31.02 -14.64 -66.23
N ILE G 312 -31.76 -15.75 -66.23
CA ILE G 312 -32.98 -15.87 -65.44
C ILE G 312 -32.71 -16.93 -64.37
N TRP G 313 -32.54 -16.46 -63.13
CA TRP G 313 -32.25 -17.33 -62.01
C TRP G 313 -33.56 -17.71 -61.34
N ILE G 314 -33.85 -19.01 -61.29
CA ILE G 314 -35.09 -19.51 -60.72
C ILE G 314 -34.87 -20.08 -59.31
N GLY G 315 -35.52 -19.45 -58.33
CA GLY G 315 -35.45 -19.91 -56.95
C GLY G 315 -36.24 -21.20 -56.78
N LYS G 316 -35.83 -22.01 -55.81
CA LYS G 316 -36.47 -23.31 -55.56
C LYS G 316 -37.95 -23.16 -55.24
N ASP G 317 -38.41 -21.93 -55.12
CA ASP G 317 -39.77 -21.67 -54.69
C ASP G 317 -40.57 -20.69 -55.52
N ALA G 318 -40.14 -20.46 -56.75
CA ALA G 318 -40.84 -19.52 -57.62
C ALA G 318 -42.08 -20.15 -58.27
N ASN G 319 -43.10 -19.34 -58.54
CA ASN G 319 -44.26 -19.75 -59.35
C ASN G 319 -43.79 -20.12 -60.73
N GLU G 320 -44.60 -20.89 -61.44
CA GLU G 320 -44.39 -21.10 -62.85
C GLU G 320 -44.72 -19.84 -63.65
N VAL G 321 -45.68 -19.06 -63.13
CA VAL G 321 -46.07 -17.80 -63.79
C VAL G 321 -44.96 -16.78 -63.64
N GLU G 322 -44.32 -16.77 -62.46
CA GLU G 322 -43.18 -15.89 -62.19
C GLU G 322 -42.08 -16.14 -63.20
N LYS G 323 -41.81 -17.42 -63.46
CA LYS G 323 -40.80 -17.84 -64.43
C LYS G 323 -41.13 -17.36 -65.84
N LYS G 324 -42.35 -17.66 -66.29
CA LYS G 324 -42.75 -17.39 -67.67
C LYS G 324 -43.05 -15.92 -67.96
N GLU G 325 -43.40 -15.16 -66.92
CA GLU G 325 -43.63 -13.73 -67.06
C GLU G 325 -42.31 -12.94 -67.09
N SER G 326 -41.34 -13.43 -66.33
CA SER G 326 -40.01 -12.85 -66.34
C SER G 326 -39.30 -13.17 -67.66
N LEU G 327 -39.64 -14.33 -68.22
CA LEU G 327 -39.13 -14.72 -69.54
C LEU G 327 -39.71 -13.81 -70.61
N LYS G 328 -41.00 -13.47 -70.46
CA LYS G 328 -41.66 -12.54 -71.38
C LYS G 328 -41.00 -11.17 -71.39
N SER G 329 -40.73 -10.63 -70.20
CA SER G 329 -40.11 -9.31 -70.05
C SER G 329 -38.64 -9.29 -70.48
N ALA G 330 -37.97 -10.44 -70.39
CA ALA G 330 -36.59 -10.58 -70.87
C ALA G 330 -36.54 -10.72 -72.40
N LYS G 331 -37.55 -11.39 -72.96
CA LYS G 331 -37.65 -11.56 -74.41
C LYS G 331 -38.17 -10.30 -75.10
N MET G 332 -39.17 -9.68 -74.50
CA MET G 332 -39.65 -8.35 -74.91
C MET G 332 -38.46 -7.42 -75.01
N TYR G 333 -37.67 -7.31 -73.93
CA TYR G 333 -36.61 -6.31 -73.84
C TYR G 333 -35.49 -6.49 -74.87
N LEU G 334 -35.33 -7.72 -75.40
CA LEU G 334 -34.32 -8.00 -76.42
C LEU G 334 -34.72 -7.48 -77.80
N THR G 345 -27.83 -12.09 -78.80
CA THR G 345 -27.90 -11.75 -77.38
C THR G 345 -28.63 -12.84 -76.57
N PRO G 346 -27.88 -13.85 -76.10
CA PRO G 346 -28.37 -15.06 -75.40
C PRO G 346 -29.20 -14.78 -74.15
N ILE G 347 -30.08 -15.71 -73.82
CA ILE G 347 -30.91 -15.61 -72.63
C ILE G 347 -30.99 -16.97 -71.95
N VAL G 348 -30.13 -17.15 -70.94
CA VAL G 348 -29.89 -18.45 -70.31
C VAL G 348 -30.69 -18.61 -69.03
N ILE G 349 -31.40 -19.73 -68.91
CA ILE G 349 -32.22 -20.00 -67.74
C ILE G 349 -31.46 -20.87 -66.72
N ILE G 350 -31.44 -20.42 -65.48
CA ILE G 350 -30.56 -20.97 -64.46
C ILE G 350 -31.33 -21.41 -63.22
N LYS G 351 -31.08 -22.65 -62.80
CA LYS G 351 -31.68 -23.18 -61.58
C LYS G 351 -30.82 -22.87 -60.36
N GLN G 352 -31.47 -22.68 -59.22
CA GLN G 352 -30.77 -22.43 -57.95
C GLN G 352 -29.88 -23.63 -57.57
N GLY G 353 -28.67 -23.34 -57.13
CA GLY G 353 -27.72 -24.37 -56.71
C GLY G 353 -27.00 -25.03 -57.88
N HIS G 354 -27.30 -24.56 -59.09
CA HIS G 354 -26.79 -25.16 -60.31
C HIS G 354 -26.17 -24.12 -61.24
N GLU G 355 -25.89 -22.95 -60.66
CA GLU G 355 -25.42 -21.77 -61.38
C GLU G 355 -24.04 -21.98 -62.03
N PRO G 356 -23.91 -21.62 -63.32
CA PRO G 356 -22.64 -21.72 -64.04
C PRO G 356 -21.64 -20.66 -63.58
N PRO G 357 -20.33 -20.92 -63.73
CA PRO G 357 -19.31 -19.95 -63.32
C PRO G 357 -19.49 -18.59 -63.99
N THR G 358 -19.98 -18.60 -65.23
CA THR G 358 -20.23 -17.37 -66.00
C THR G 358 -21.29 -16.44 -65.37
N PHE G 359 -22.21 -17.01 -64.60
CA PHE G 359 -23.23 -16.25 -63.84
C PHE G 359 -22.69 -15.89 -62.46
N THR G 360 -22.09 -16.88 -61.81
CA THR G 360 -21.55 -16.74 -60.45
C THR G 360 -20.50 -15.64 -60.32
N GLY G 361 -19.79 -15.37 -61.42
CA GLY G 361 -18.70 -14.38 -61.42
C GLY G 361 -19.10 -12.96 -61.10
N TRP G 362 -20.35 -12.60 -61.37
CA TRP G 362 -20.83 -11.24 -61.14
C TRP G 362 -21.11 -10.94 -59.67
N PHE G 363 -20.87 -11.91 -58.81
CA PHE G 363 -21.11 -11.79 -57.38
C PHE G 363 -19.78 -11.81 -56.63
N LEU G 364 -19.72 -11.12 -55.50
CA LEU G 364 -18.51 -11.15 -54.71
C LEU G 364 -18.49 -12.40 -53.83
N GLY G 365 -17.60 -13.32 -54.17
CA GLY G 365 -17.56 -14.63 -53.56
C GLY G 365 -18.69 -15.49 -54.09
N TRP G 366 -18.76 -16.72 -53.62
CA TRP G 366 -19.91 -17.58 -53.90
C TRP G 366 -19.94 -18.76 -52.94
N ASP G 367 -20.94 -18.76 -52.05
CA ASP G 367 -21.19 -19.90 -51.18
C ASP G 367 -21.71 -21.05 -52.05
N SER G 368 -20.77 -21.81 -52.60
CA SER G 368 -21.02 -22.72 -53.72
C SER G 368 -22.07 -23.79 -53.46
N GLY H 52 3.81 16.97 -38.12
CA GLY H 52 5.22 16.53 -38.20
C GLY H 52 5.54 15.44 -37.20
N LYS H 53 4.81 14.32 -37.30
CA LYS H 53 4.92 13.21 -36.33
C LYS H 53 5.86 12.15 -36.83
N VAL H 54 6.71 11.68 -35.92
CA VAL H 54 7.75 10.71 -36.19
C VAL H 54 7.51 9.43 -35.37
N GLU H 55 7.58 8.28 -36.05
CA GLU H 55 7.46 6.99 -35.38
C GLU H 55 8.64 6.09 -35.73
N ILE H 56 9.20 5.43 -34.72
CA ILE H 56 10.34 4.54 -34.94
C ILE H 56 10.05 3.12 -34.42
N TRP H 57 10.28 2.11 -35.26
CA TRP H 57 10.15 0.71 -34.84
C TRP H 57 11.47 -0.02 -35.01
N ARG H 58 11.77 -0.89 -34.04
CA ARG H 58 12.88 -1.80 -34.17
C ARG H 58 12.36 -3.03 -34.91
N VAL H 59 13.23 -3.61 -35.75
CA VAL H 59 12.90 -4.85 -36.47
C VAL H 59 13.36 -6.08 -35.69
N GLU H 60 12.40 -6.89 -35.24
CA GLU H 60 12.70 -8.14 -34.54
C GLU H 60 12.05 -9.34 -35.24
N ASN H 61 12.37 -10.55 -34.77
CA ASN H 61 11.94 -11.81 -35.39
C ASN H 61 11.41 -11.71 -36.83
N ASN H 62 10.12 -11.40 -36.97
CA ASN H 62 9.49 -11.19 -38.27
C ASN H 62 8.42 -10.10 -38.23
N GLY H 63 8.68 -9.09 -37.41
CA GLY H 63 7.73 -7.99 -37.22
C GLY H 63 8.36 -6.85 -36.47
N ARG H 64 7.54 -5.86 -36.13
CA ARG H 64 8.01 -4.62 -35.51
C ARG H 64 7.65 -4.52 -34.03
N ILE H 65 8.68 -4.31 -33.21
CA ILE H 65 8.49 -3.93 -31.81
C ILE H 65 8.83 -2.44 -31.69
N GLN H 66 7.88 -1.68 -31.14
CA GLN H 66 8.01 -0.25 -30.89
C GLN H 66 9.25 0.07 -30.06
N VAL H 67 10.05 1.02 -30.54
CA VAL H 67 11.24 1.43 -29.81
C VAL H 67 10.87 2.49 -28.76
N ASP H 68 11.52 2.41 -27.60
CA ASP H 68 11.28 3.34 -26.48
C ASP H 68 11.33 4.80 -26.94
N GLN H 69 10.31 5.56 -26.56
CA GLN H 69 10.17 6.98 -26.92
C GLN H 69 11.38 7.82 -26.50
N ASN H 70 11.91 7.57 -25.29
CA ASN H 70 13.14 8.20 -24.82
C ASN H 70 14.39 7.80 -25.59
N SER H 71 14.35 6.60 -26.17
CA SER H 71 15.51 6.05 -26.88
C SER H 71 15.56 6.43 -28.36
N TYR H 72 14.77 7.43 -28.75
CA TYR H 72 14.77 7.91 -30.15
C TYR H 72 16.12 8.52 -30.52
N GLY H 73 16.77 7.92 -31.50
CA GLY H 73 18.13 8.32 -31.88
C GLY H 73 19.18 7.33 -31.42
N GLU H 74 18.81 6.47 -30.48
CA GLU H 74 19.66 5.36 -30.04
C GLU H 74 19.37 4.10 -30.85
N PHE H 75 20.32 3.71 -31.69
CA PHE H 75 20.19 2.56 -32.57
C PHE H 75 21.26 1.51 -32.27
N TYR H 76 20.93 0.24 -32.47
CA TYR H 76 21.94 -0.80 -32.39
C TYR H 76 22.55 -1.03 -33.77
N GLY H 77 23.88 -1.11 -33.81
CA GLY H 77 24.62 -1.26 -35.06
C GLY H 77 24.28 -2.54 -35.79
N GLY H 78 23.88 -3.54 -35.02
CA GLY H 78 23.54 -4.83 -35.59
C GLY H 78 22.07 -4.95 -35.94
N ASP H 79 21.37 -3.82 -36.01
CA ASP H 79 19.93 -3.83 -36.21
C ASP H 79 19.47 -2.90 -37.31
N CYS H 80 18.25 -3.15 -37.79
CA CYS H 80 17.57 -2.28 -38.73
C CYS H 80 16.36 -1.62 -38.08
N TYR H 81 16.07 -0.39 -38.50
CA TYR H 81 14.97 0.37 -37.93
C TYR H 81 14.10 0.95 -39.02
N ILE H 82 12.80 1.04 -38.75
CA ILE H 82 11.88 1.65 -39.69
C ILE H 82 11.38 2.97 -39.10
N ILE H 83 11.77 4.05 -39.75
CA ILE H 83 11.38 5.40 -39.33
C ILE H 83 10.29 5.95 -40.24
N LEU H 84 9.14 6.23 -39.66
CA LEU H 84 8.00 6.76 -40.41
C LEU H 84 7.78 8.24 -40.11
N TYR H 85 7.87 9.04 -41.15
CA TYR H 85 7.59 10.47 -41.05
C TYR H 85 6.27 10.79 -41.77
N THR H 86 5.32 11.33 -41.03
CA THR H 86 4.02 11.68 -41.60
C THR H 86 3.74 13.19 -41.51
N TYR H 87 3.23 13.75 -42.61
CA TYR H 87 3.00 15.19 -42.74
C TYR H 87 2.00 15.48 -43.87
N PRO H 88 1.44 16.72 -43.93
CA PRO H 88 0.48 17.17 -44.94
C PRO H 88 0.74 16.72 -46.39
N ARG H 89 1.99 16.75 -46.83
CA ARG H 89 2.35 16.40 -48.21
C ARG H 89 2.90 14.96 -48.31
N GLY H 90 2.17 13.99 -47.75
CA GLY H 90 2.52 12.57 -47.88
C GLY H 90 3.28 11.90 -46.74
N GLN H 91 3.88 10.75 -47.04
CA GLN H 91 4.59 9.93 -46.04
C GLN H 91 6.02 9.68 -46.52
N ILE H 92 6.95 9.58 -45.57
CA ILE H 92 8.32 9.14 -45.88
C ILE H 92 8.72 8.01 -44.95
N ILE H 93 9.18 6.91 -45.52
CA ILE H 93 9.71 5.79 -44.73
C ILE H 93 11.22 5.72 -44.90
N TYR H 94 11.95 6.03 -43.83
CA TYR H 94 13.39 5.80 -43.80
C TYR H 94 13.66 4.42 -43.20
N THR H 95 14.30 3.57 -43.98
CA THR H 95 14.71 2.25 -43.50
C THR H 95 16.17 2.32 -43.10
N TRP H 96 16.43 2.49 -41.80
CA TRP H 96 17.79 2.61 -41.29
C TRP H 96 18.40 1.21 -41.09
N GLN H 97 19.48 0.96 -41.83
CA GLN H 97 20.16 -0.32 -41.79
C GLN H 97 21.53 -0.19 -41.14
N GLY H 98 21.74 -0.94 -40.07
CA GLY H 98 22.97 -0.85 -39.31
C GLY H 98 24.11 -1.46 -40.07
N ALA H 99 25.27 -0.84 -39.98
CA ALA H 99 26.48 -1.31 -40.67
C ALA H 99 26.84 -2.76 -40.31
N ASN H 100 26.38 -3.21 -39.14
CA ASN H 100 26.63 -4.58 -38.67
C ASN H 100 25.43 -5.51 -38.77
N ALA H 101 24.32 -5.02 -39.29
CA ALA H 101 23.14 -5.85 -39.48
C ALA H 101 23.46 -7.02 -40.40
N THR H 102 22.99 -8.21 -40.04
CA THR H 102 23.12 -9.38 -40.90
C THR H 102 22.21 -9.22 -42.11
N ARG H 103 22.58 -9.85 -43.23
CA ARG H 103 21.81 -9.75 -44.47
C ARG H 103 20.38 -10.26 -44.28
N ASP H 104 20.19 -11.09 -43.26
CA ASP H 104 18.87 -11.59 -42.86
C ASP H 104 17.98 -10.46 -42.39
N GLU H 105 18.55 -9.58 -41.58
CA GLU H 105 17.83 -8.40 -41.10
C GLU H 105 17.56 -7.40 -42.23
N LEU H 106 18.54 -7.24 -43.12
CA LEU H 106 18.41 -6.36 -44.28
C LEU H 106 17.23 -6.73 -45.17
N THR H 107 16.97 -8.04 -45.30
CA THR H 107 15.86 -8.53 -46.09
C THR H 107 14.53 -8.34 -45.35
N THR H 108 14.54 -8.59 -44.04
CA THR H 108 13.33 -8.42 -43.23
C THR H 108 12.93 -6.95 -43.15
N SER H 109 13.92 -6.07 -43.03
CA SER H 109 13.66 -4.64 -43.00
C SER H 109 13.00 -4.16 -44.28
N ALA H 110 13.52 -4.63 -45.43
CA ALA H 110 12.95 -4.29 -46.73
C ALA H 110 11.54 -4.84 -46.89
N PHE H 111 11.34 -6.07 -46.44
CA PHE H 111 10.04 -6.72 -46.46
C PHE H 111 9.02 -5.96 -45.60
N LEU H 112 9.46 -5.45 -44.46
CA LEU H 112 8.57 -4.78 -43.52
C LEU H 112 8.20 -3.36 -43.90
N THR H 113 9.08 -2.67 -44.62
CA THR H 113 8.75 -1.33 -45.14
C THR H 113 7.76 -1.43 -46.29
N VAL H 114 7.84 -2.53 -47.05
CA VAL H 114 6.84 -2.85 -48.06
C VAL H 114 5.49 -3.10 -47.39
N GLN H 115 5.50 -3.90 -46.33
CA GLN H 115 4.31 -4.15 -45.50
C GLN H 115 3.72 -2.85 -44.97
N LEU H 116 4.59 -1.97 -44.46
CA LEU H 116 4.16 -0.68 -43.94
C LEU H 116 3.58 0.21 -45.03
N ASP H 117 4.30 0.31 -46.15
CA ASP H 117 3.87 1.14 -47.26
C ASP H 117 2.51 0.72 -47.82
N ARG H 118 2.32 -0.59 -47.94
CA ARG H 118 1.09 -1.16 -48.47
C ARG H 118 -0.10 -0.90 -47.55
N SER H 119 0.16 -0.83 -46.25
CA SER H 119 -0.91 -0.57 -45.27
C SER H 119 -1.28 0.91 -45.21
N LEU H 120 -0.44 1.77 -45.78
CA LEU H 120 -0.70 3.20 -45.86
C LEU H 120 -1.28 3.61 -47.22
N GLY H 121 -1.38 2.66 -48.13
CA GLY H 121 -1.99 2.87 -49.45
C GLY H 121 -1.02 2.74 -50.60
N GLY H 122 0.26 2.66 -50.27
CA GLY H 122 1.32 2.60 -51.28
C GLY H 122 1.76 3.97 -51.73
N GLN H 123 1.43 5.00 -50.96
CA GLN H 123 1.73 6.39 -51.34
C GLN H 123 3.07 6.87 -50.83
N ALA H 124 3.64 6.12 -49.89
CA ALA H 124 4.84 6.55 -49.17
C ALA H 124 6.12 6.50 -50.00
N VAL H 125 6.97 7.50 -49.80
CA VAL H 125 8.31 7.50 -50.36
C VAL H 125 9.15 6.58 -49.49
N GLN H 126 9.98 5.76 -50.11
CA GLN H 126 10.82 4.83 -49.38
C GLN H 126 12.29 5.15 -49.61
N ILE H 127 13.03 5.37 -48.52
CA ILE H 127 14.45 5.72 -48.61
C ILE H 127 15.29 4.76 -47.76
N ARG H 128 16.19 4.04 -48.44
CA ARG H 128 17.05 3.08 -47.79
C ARG H 128 18.26 3.79 -47.23
N VAL H 129 18.35 3.84 -45.90
CA VAL H 129 19.44 4.55 -45.24
C VAL H 129 20.45 3.59 -44.60
N SER H 130 21.67 3.60 -45.13
CA SER H 130 22.82 2.94 -44.50
C SER H 130 23.28 3.75 -43.31
N GLN H 131 23.81 3.06 -42.29
CA GLN H 131 24.40 3.71 -41.13
C GLN H 131 25.45 4.74 -41.55
N GLY H 132 25.35 5.96 -41.00
CA GLY H 132 26.24 7.06 -41.36
C GLY H 132 25.94 7.76 -42.69
N LYS H 133 24.96 7.25 -43.43
CA LYS H 133 24.59 7.85 -44.71
C LYS H 133 23.21 8.52 -44.61
N GLU H 134 22.87 8.95 -43.39
CA GLU H 134 21.60 9.59 -43.10
C GLU H 134 21.48 10.89 -43.89
N PRO H 135 20.41 11.04 -44.69
CA PRO H 135 20.22 12.30 -45.42
C PRO H 135 20.10 13.45 -44.45
N VAL H 136 20.27 14.68 -44.93
CA VAL H 136 20.22 15.85 -44.06
C VAL H 136 18.84 16.13 -43.45
N HIS H 137 17.77 15.66 -44.10
CA HIS H 137 16.42 15.85 -43.58
C HIS H 137 16.08 14.95 -42.39
N LEU H 138 16.36 13.65 -42.54
CA LEU H 138 16.15 12.69 -41.46
C LEU H 138 16.90 13.18 -40.23
N LEU H 139 18.17 13.51 -40.43
CA LEU H 139 19.04 14.00 -39.35
C LEU H 139 18.35 15.05 -38.48
N SER H 140 17.76 16.03 -39.14
CA SER H 140 16.99 17.08 -38.47
C SER H 140 15.62 16.54 -38.08
N LEU H 141 15.64 15.49 -37.25
CA LEU H 141 14.44 14.78 -36.84
C LEU H 141 14.76 14.19 -35.47
N PHE H 142 15.82 14.74 -34.87
CA PHE H 142 16.31 14.32 -33.57
C PHE H 142 16.64 15.56 -32.73
N LYS H 143 15.91 16.65 -32.99
CA LYS H 143 16.09 17.95 -32.32
C LYS H 143 17.58 18.27 -32.18
N ASP H 144 18.04 18.50 -30.95
CA ASP H 144 19.45 18.68 -30.69
C ASP H 144 20.00 17.60 -29.77
N LYS H 145 19.69 16.35 -30.08
CA LYS H 145 20.28 15.22 -29.38
C LYS H 145 20.99 14.29 -30.37
N PRO H 146 22.28 13.98 -30.10
CA PRO H 146 23.13 13.17 -30.97
C PRO H 146 22.63 11.76 -31.21
N LEU H 147 22.95 11.23 -32.39
CA LEU H 147 22.75 9.81 -32.69
C LEU H 147 23.74 8.97 -31.91
N ILE H 148 23.23 7.91 -31.29
CA ILE H 148 24.08 6.97 -30.56
C ILE H 148 23.89 5.62 -31.21
N ILE H 149 24.99 4.97 -31.56
CA ILE H 149 24.95 3.67 -32.22
C ILE H 149 25.72 2.63 -31.42
N TYR H 150 25.02 1.58 -31.01
CA TYR H 150 25.61 0.52 -30.18
C TYR H 150 26.01 -0.72 -30.98
N PRO H 165 30.77 -5.47 -20.67
CA PRO H 165 30.83 -4.62 -19.49
C PRO H 165 31.73 -3.38 -19.69
N THR H 166 32.86 -3.56 -20.37
CA THR H 166 33.73 -2.44 -20.71
C THR H 166 33.38 -2.00 -22.13
N ARG H 167 33.18 -0.69 -22.32
CA ARG H 167 32.69 -0.18 -23.60
C ARG H 167 33.42 1.09 -24.01
N LEU H 168 33.67 1.24 -25.31
CA LEU H 168 34.30 2.44 -25.86
C LEU H 168 33.43 3.09 -26.94
N PHE H 169 33.17 4.38 -26.79
CA PHE H 169 32.35 5.15 -27.74
C PHE H 169 33.14 6.28 -28.38
N GLN H 170 33.04 6.40 -29.70
CA GLN H 170 33.70 7.47 -30.44
C GLN H 170 32.72 8.58 -30.79
N VAL H 171 33.06 9.82 -30.40
CA VAL H 171 32.20 10.97 -30.62
C VAL H 171 32.76 11.90 -31.69
N ARG H 172 32.00 12.10 -32.77
CA ARG H 172 32.45 12.94 -33.89
C ARG H 172 31.38 13.88 -34.43
N ARG H 173 31.81 15.10 -34.72
CA ARG H 173 30.99 16.05 -35.48
C ARG H 173 31.86 16.62 -36.60
N ASN H 174 31.33 16.60 -37.81
CA ASN H 174 32.00 17.31 -38.91
C ASN H 174 31.08 18.21 -39.69
N LEU H 175 31.50 19.47 -39.80
CA LEU H 175 30.84 20.49 -40.63
C LEU H 175 29.31 20.52 -40.51
N ALA H 176 28.83 21.15 -39.43
CA ALA H 176 27.42 21.18 -39.07
C ALA H 176 26.84 19.77 -38.90
N SER H 177 26.15 19.28 -39.92
CA SER H 177 25.50 17.96 -39.91
C SER H 177 24.84 17.64 -38.56
N ILE H 178 25.48 16.79 -37.77
CA ILE H 178 24.94 16.31 -36.49
C ILE H 178 26.07 15.62 -35.73
N THR H 179 26.03 15.70 -34.40
CA THR H 179 26.98 14.96 -33.57
C THR H 179 26.63 13.48 -33.67
N ARG H 180 27.64 12.65 -33.94
CA ARG H 180 27.49 11.19 -33.99
C ARG H 180 28.26 10.51 -32.87
N ILE H 181 27.63 9.53 -32.21
CA ILE H 181 28.29 8.75 -31.16
C ILE H 181 28.24 7.26 -31.53
N VAL H 182 29.41 6.65 -31.66
CA VAL H 182 29.47 5.27 -32.15
C VAL H 182 30.30 4.36 -31.24
N GLU H 183 29.68 3.28 -30.79
CA GLU H 183 30.40 2.27 -30.00
C GLU H 183 31.47 1.58 -30.85
N VAL H 184 32.66 1.43 -30.29
CA VAL H 184 33.81 0.84 -30.98
C VAL H 184 34.47 -0.26 -30.14
N ASP H 185 35.39 -1.02 -30.74
CA ASP H 185 36.18 -2.01 -30.03
C ASP H 185 36.93 -1.37 -28.86
N VAL H 186 37.05 -2.10 -27.75
CA VAL H 186 37.74 -1.59 -26.56
C VAL H 186 39.27 -1.71 -26.65
N ASP H 187 39.84 -1.28 -27.77
CA ASP H 187 41.29 -1.24 -27.95
C ASP H 187 41.82 0.19 -27.93
N ALA H 188 43.12 0.31 -27.67
CA ALA H 188 43.78 1.60 -27.68
C ALA H 188 43.85 2.18 -29.10
N ASN H 189 43.96 1.29 -30.10
CA ASN H 189 44.03 1.75 -31.49
C ASN H 189 42.67 2.07 -32.09
N SER H 190 41.64 2.07 -31.25
CA SER H 190 40.34 2.59 -31.63
C SER H 190 40.35 4.10 -31.45
N LEU H 191 41.29 4.60 -30.63
CA LEU H 191 41.41 6.01 -30.34
C LEU H 191 41.76 6.83 -31.58
N ASN H 192 41.43 8.12 -31.54
CA ASN H 192 41.58 9.03 -32.68
C ASN H 192 41.76 10.48 -32.20
N SER H 193 42.90 11.07 -32.54
CA SER H 193 43.26 12.43 -32.11
C SER H 193 42.24 13.52 -32.46
N ASN H 194 41.42 13.27 -33.47
CA ASN H 194 40.46 14.26 -33.92
C ASN H 194 39.13 14.25 -33.16
N ASP H 195 38.84 13.15 -32.49
CA ASP H 195 37.53 12.98 -31.84
C ASP H 195 37.62 12.83 -30.32
N VAL H 196 36.47 12.78 -29.66
CA VAL H 196 36.39 12.55 -28.21
C VAL H 196 35.90 11.13 -27.97
N PHE H 197 36.40 10.50 -26.90
CA PHE H 197 36.04 9.12 -26.60
C PHE H 197 35.50 8.98 -25.19
N VAL H 198 34.54 8.07 -25.03
CA VAL H 198 34.04 7.70 -23.70
C VAL H 198 34.34 6.23 -23.42
N LEU H 199 35.12 5.99 -22.37
CA LEU H 199 35.44 4.63 -21.94
C LEU H 199 34.62 4.29 -20.70
N LYS H 200 33.57 3.49 -20.87
CA LYS H 200 32.77 3.04 -19.74
C LYS H 200 33.40 1.78 -19.12
N LEU H 201 33.69 1.86 -17.83
CA LEU H 201 34.23 0.72 -17.09
C LEU H 201 33.08 -0.06 -16.44
N PRO H 202 33.34 -1.33 -16.05
CA PRO H 202 32.29 -2.19 -15.50
C PRO H 202 31.68 -1.70 -14.19
N GLN H 203 32.42 -0.87 -13.45
CA GLN H 203 31.98 -0.37 -12.15
C GLN H 203 31.07 0.87 -12.25
N ASN H 204 30.60 1.18 -13.45
CA ASN H 204 29.81 2.39 -13.73
C ASN H 204 30.58 3.68 -13.44
N SER H 205 31.80 3.73 -13.95
CA SER H 205 32.62 4.94 -13.95
C SER H 205 33.47 4.87 -15.20
N GLY H 206 34.34 5.86 -15.42
CA GLY H 206 35.19 5.85 -16.60
C GLY H 206 35.86 7.15 -16.99
N TYR H 207 36.29 7.22 -18.24
CA TYR H 207 37.06 8.35 -18.75
C TYR H 207 36.40 8.93 -19.99
N ILE H 208 36.39 10.25 -20.07
CA ILE H 208 36.20 10.96 -21.33
C ILE H 208 37.58 11.41 -21.81
N TRP H 209 38.03 10.82 -22.91
CA TRP H 209 39.35 11.10 -23.48
C TRP H 209 39.19 12.08 -24.63
N VAL H 210 39.58 13.33 -24.38
CA VAL H 210 39.50 14.36 -25.40
C VAL H 210 40.74 14.32 -26.29
N GLY H 211 40.54 14.00 -27.56
CA GLY H 211 41.60 14.06 -28.56
C GLY H 211 42.11 15.48 -28.75
N LYS H 212 43.31 15.61 -29.29
CA LYS H 212 43.98 16.90 -29.45
C LYS H 212 43.26 17.83 -30.43
N GLY H 213 42.61 17.24 -31.43
CA GLY H 213 41.89 18.01 -32.43
C GLY H 213 40.38 17.88 -32.36
N ALA H 214 39.85 17.80 -31.14
CA ALA H 214 38.43 17.58 -30.93
C ALA H 214 37.66 18.87 -30.66
N SER H 215 36.45 18.96 -31.20
CA SER H 215 35.59 20.12 -31.02
C SER H 215 34.86 20.11 -29.69
N GLN H 216 34.40 21.28 -29.26
CA GLN H 216 33.60 21.42 -28.05
C GLN H 216 32.26 20.68 -28.16
N GLU H 217 31.70 20.69 -29.37
CA GLU H 217 30.45 19.98 -29.66
C GLU H 217 30.61 18.48 -29.45
N GLU H 218 31.82 17.99 -29.75
CA GLU H 218 32.14 16.59 -29.55
C GLU H 218 32.25 16.23 -28.08
N GLU H 219 32.73 17.18 -27.29
CA GLU H 219 32.81 16.99 -25.85
C GLU H 219 31.41 16.93 -25.24
N LYS H 220 30.49 17.74 -25.77
CA LYS H 220 29.07 17.73 -25.34
C LYS H 220 28.37 16.42 -25.65
N GLY H 221 28.63 15.86 -26.83
CA GLY H 221 28.12 14.54 -27.18
C GLY H 221 28.65 13.46 -26.24
N ALA H 222 29.95 13.50 -25.95
CA ALA H 222 30.54 12.61 -24.96
C ALA H 222 29.78 12.65 -23.64
N GLU H 223 29.60 13.87 -23.11
CA GLU H 223 28.89 14.09 -21.86
C GLU H 223 27.44 13.60 -21.90
N TYR H 224 26.87 13.53 -23.09
CA TYR H 224 25.51 13.03 -23.28
C TYR H 224 25.43 11.50 -23.18
N VAL H 225 26.33 10.79 -23.85
CA VAL H 225 26.35 9.32 -23.76
C VAL H 225 26.58 8.88 -22.33
N ALA H 226 27.50 9.57 -21.66
CA ALA H 226 27.83 9.33 -20.27
C ALA H 226 26.56 9.24 -19.42
N SER H 227 25.67 10.21 -19.60
CA SER H 227 24.41 10.28 -18.86
C SER H 227 23.42 9.20 -19.25
N VAL H 228 23.46 8.76 -20.51
CA VAL H 228 22.62 7.66 -21.00
C VAL H 228 23.11 6.32 -20.41
N LEU H 229 24.43 6.17 -20.33
CA LEU H 229 25.07 4.97 -19.79
C LEU H 229 25.14 4.99 -18.27
N LYS H 230 24.68 6.10 -17.67
CA LYS H 230 24.75 6.30 -16.22
C LYS H 230 26.20 6.06 -15.75
N CYS H 231 27.12 6.80 -16.37
CA CYS H 231 28.54 6.61 -16.16
C CYS H 231 29.21 7.86 -15.56
N LYS H 232 29.94 7.64 -14.47
CA LYS H 232 30.62 8.69 -13.71
C LYS H 232 32.01 8.92 -14.32
N THR H 233 32.16 9.98 -15.09
CA THR H 233 33.37 10.17 -15.92
C THR H 233 34.41 11.12 -15.32
N LEU H 234 35.67 10.79 -15.59
CA LEU H 234 36.80 11.68 -15.34
C LEU H 234 37.33 12.16 -16.69
N ARG H 235 37.56 13.46 -16.82
CA ARG H 235 38.02 14.02 -18.10
C ARG H 235 39.55 14.09 -18.22
N ILE H 236 40.06 13.49 -19.28
CA ILE H 236 41.50 13.43 -19.53
C ILE H 236 41.81 13.84 -20.97
N GLN H 237 42.99 14.39 -21.18
CA GLN H 237 43.39 14.92 -22.48
C GLN H 237 44.47 14.05 -23.10
N GLU H 238 44.49 13.98 -24.43
CA GLU H 238 45.52 13.25 -25.16
C GLU H 238 46.90 13.77 -24.78
N GLY H 239 47.77 12.85 -24.36
CA GLY H 239 49.11 13.18 -23.89
C GLY H 239 49.19 13.27 -22.37
N GLU H 240 48.04 13.49 -21.74
CA GLU H 240 47.94 13.63 -20.29
C GLU H 240 47.13 12.51 -19.65
N GLU H 241 47.11 11.36 -20.31
CA GLU H 241 46.38 10.19 -19.82
C GLU H 241 47.06 9.66 -18.56
N PRO H 242 46.25 9.36 -17.51
CA PRO H 242 46.78 8.65 -16.35
C PRO H 242 47.07 7.22 -16.75
N GLU H 243 47.70 6.44 -15.87
CA GLU H 243 48.10 5.09 -16.25
C GLU H 243 46.99 4.05 -16.17
N GLU H 244 45.92 4.33 -15.43
CA GLU H 244 44.81 3.39 -15.36
C GLU H 244 43.94 3.42 -16.62
N PHE H 245 43.98 4.52 -17.36
CA PHE H 245 43.26 4.63 -18.64
C PHE H 245 43.76 3.57 -19.63
N TRP H 246 45.08 3.41 -19.69
CA TRP H 246 45.71 2.42 -20.56
C TRP H 246 45.46 0.98 -20.10
N ASN H 247 45.44 0.78 -18.78
CA ASN H 247 45.14 -0.54 -18.22
C ASN H 247 43.74 -1.04 -18.56
N SER H 248 42.79 -0.12 -18.61
CA SER H 248 41.41 -0.45 -18.89
C SER H 248 41.16 -0.74 -20.38
N LEU H 249 42.01 -0.20 -21.24
CA LEU H 249 41.98 -0.50 -22.67
C LEU H 249 42.82 -1.73 -22.99
N GLY H 250 43.44 -2.31 -21.95
CA GLY H 250 44.29 -3.47 -22.11
C GLY H 250 45.68 -3.16 -22.66
N GLY H 251 46.26 -2.06 -22.21
CA GLY H 251 47.62 -1.68 -22.60
C GLY H 251 47.66 -0.50 -23.56
N LYS H 252 48.73 0.28 -23.49
CA LYS H 252 48.95 1.41 -24.37
C LYS H 252 49.56 0.94 -25.70
N LYS H 253 48.89 1.27 -26.80
CA LYS H 253 49.37 0.94 -28.14
C LYS H 253 49.32 2.15 -29.06
N ASP H 254 49.81 2.00 -30.28
CA ASP H 254 49.67 3.02 -31.32
C ASP H 254 48.27 2.95 -31.92
N TYR H 255 47.65 4.11 -32.04
CA TYR H 255 46.28 4.25 -32.55
C TYR H 255 46.19 5.17 -33.76
N GLN H 256 44.99 5.72 -34.00
CA GLN H 256 44.71 6.56 -35.18
C GLN H 256 45.16 8.01 -34.98
N THR H 257 46.41 8.29 -35.36
CA THR H 257 47.05 9.59 -35.10
C THR H 257 47.95 10.02 -36.25
N SER H 258 48.01 11.33 -36.47
CA SER H 258 48.87 11.95 -37.47
C SER H 258 48.92 13.46 -37.28
N PRO H 259 49.96 14.14 -37.83
CA PRO H 259 50.07 15.60 -37.79
C PRO H 259 48.83 16.39 -38.22
N LEU H 260 47.99 15.79 -39.06
CA LEU H 260 46.74 16.44 -39.50
C LEU H 260 45.54 15.99 -38.66
N LEU H 261 45.57 14.77 -38.15
CA LEU H 261 44.55 14.25 -37.23
C LEU H 261 44.66 14.90 -35.85
N GLU H 262 45.90 15.22 -35.46
CA GLU H 262 46.20 15.87 -34.19
C GLU H 262 45.65 17.29 -34.14
N THR H 263 45.79 18.02 -35.24
CA THR H 263 45.36 19.41 -35.32
C THR H 263 43.84 19.56 -35.38
N GLN H 264 43.31 20.37 -34.48
CA GLN H 264 41.89 20.71 -34.45
C GLN H 264 41.63 21.74 -35.55
N ALA H 265 41.39 21.24 -36.76
CA ALA H 265 41.26 22.09 -37.94
C ALA H 265 40.71 21.33 -39.15
N GLU H 266 39.60 21.82 -39.69
CA GLU H 266 39.11 21.39 -40.99
C GLU H 266 39.91 22.17 -42.04
N ASP H 267 41.19 21.83 -42.14
CA ASP H 267 42.12 22.48 -43.05
C ASP H 267 41.82 22.06 -44.47
N HIS H 268 41.64 20.76 -44.65
CA HIS H 268 41.21 20.19 -45.91
C HIS H 268 40.45 18.91 -45.58
N PRO H 269 39.13 18.88 -45.87
CA PRO H 269 38.35 17.70 -45.53
C PRO H 269 38.81 16.50 -46.36
N PRO H 270 38.97 15.33 -45.70
CA PRO H 270 39.35 14.11 -46.39
C PRO H 270 38.33 13.75 -47.47
N ARG H 271 38.80 13.48 -48.68
CA ARG H 271 37.90 13.20 -49.81
C ARG H 271 38.13 11.79 -50.35
N LEU H 272 37.03 11.07 -50.55
CA LEU H 272 37.08 9.68 -51.00
C LEU H 272 36.52 9.49 -52.40
N TYR H 273 37.26 8.75 -53.22
CA TYR H 273 36.88 8.49 -54.62
C TYR H 273 36.76 7.00 -54.89
N GLY H 274 35.80 6.64 -55.74
CA GLY H 274 35.66 5.27 -56.22
C GLY H 274 36.22 5.13 -57.62
N CYS H 275 37.27 4.32 -57.76
CA CYS H 275 37.92 4.08 -59.06
C CYS H 275 37.58 2.70 -59.58
N SER H 276 36.89 2.66 -60.72
CA SER H 276 36.41 1.41 -61.29
C SER H 276 36.53 1.40 -62.81
N ASN H 277 36.45 0.20 -63.41
CA ASN H 277 36.38 0.06 -64.85
C ASN H 277 35.29 -0.93 -65.29
N LYS H 278 34.29 -1.12 -64.43
CA LYS H 278 33.19 -2.05 -64.71
C LYS H 278 32.32 -1.59 -65.88
N THR H 279 32.34 -0.29 -66.17
CA THR H 279 31.58 0.29 -67.27
C THR H 279 32.37 0.30 -68.58
N GLY H 280 33.52 -0.37 -68.58
CA GLY H 280 34.39 -0.44 -69.75
C GLY H 280 35.56 0.51 -69.65
N ARG H 281 35.26 1.81 -69.66
CA ARG H 281 36.26 2.85 -69.41
C ARG H 281 36.55 2.90 -67.92
N PHE H 282 37.77 3.33 -67.59
CA PHE H 282 38.17 3.53 -66.20
C PHE H 282 37.72 4.92 -65.71
N VAL H 283 36.76 4.94 -64.80
CA VAL H 283 36.26 6.21 -64.26
C VAL H 283 36.46 6.34 -62.75
N ILE H 284 36.99 7.48 -62.33
CA ILE H 284 37.11 7.81 -60.92
C ILE H 284 35.98 8.76 -60.55
N GLU H 285 35.19 8.36 -59.55
CA GLU H 285 34.11 9.22 -59.05
C GLU H 285 34.13 9.36 -57.53
N GLU H 286 33.79 10.54 -57.05
CA GLU H 286 33.87 10.85 -55.63
C GLU H 286 32.67 10.27 -54.88
N ILE H 287 32.92 9.78 -53.67
CA ILE H 287 31.86 9.37 -52.75
C ILE H 287 31.28 10.62 -52.09
N PRO H 288 29.97 10.85 -52.25
CA PRO H 288 29.35 12.06 -51.71
C PRO H 288 28.97 11.96 -50.24
N GLY H 289 29.06 13.08 -49.53
CA GLY H 289 28.64 13.18 -48.13
C GLY H 289 29.68 12.69 -47.14
N GLU H 290 29.25 12.42 -45.90
CA GLU H 290 30.09 11.69 -44.93
C GLU H 290 30.33 10.32 -45.54
N PHE H 291 31.55 9.80 -45.40
CA PHE H 291 31.81 8.46 -45.90
C PHE H 291 32.11 7.51 -44.75
N THR H 292 31.86 6.22 -44.96
CA THR H 292 32.16 5.20 -43.97
C THR H 292 32.74 3.94 -44.59
N GLN H 293 33.04 2.98 -43.75
CA GLN H 293 33.63 1.72 -44.14
C GLN H 293 32.91 1.03 -45.30
N ASP H 294 31.58 1.01 -45.27
CA ASP H 294 30.78 0.31 -46.28
C ASP H 294 30.79 1.01 -47.65
N ASP H 295 31.35 2.22 -47.70
CA ASP H 295 31.52 2.94 -48.96
C ASP H 295 32.67 2.39 -49.77
N LEU H 296 33.55 1.63 -49.10
CA LEU H 296 34.70 1.01 -49.74
C LEU H 296 34.22 -0.17 -50.57
N ALA H 297 34.18 0.04 -51.89
CA ALA H 297 33.69 -0.94 -52.84
C ALA H 297 34.61 -2.17 -52.86
N GLU H 298 34.13 -3.25 -52.25
CA GLU H 298 34.88 -4.50 -52.14
C GLU H 298 35.50 -4.95 -53.47
N ASP H 299 34.90 -4.56 -54.59
CA ASP H 299 35.33 -5.03 -55.94
C ASP H 299 36.04 -3.98 -56.80
N ASP H 300 36.47 -2.87 -56.21
CA ASP H 300 37.12 -1.80 -56.94
C ASP H 300 38.28 -1.21 -56.15
N VAL H 301 38.78 -0.06 -56.61
CA VAL H 301 39.87 0.64 -55.93
C VAL H 301 39.36 1.97 -55.39
N MET H 302 39.76 2.29 -54.16
CA MET H 302 39.34 3.53 -53.51
C MET H 302 40.52 4.47 -53.27
N LEU H 303 40.34 5.74 -53.65
CA LEU H 303 41.31 6.79 -53.37
C LEU H 303 40.84 7.64 -52.21
N LEU H 304 41.63 7.69 -51.16
CA LEU H 304 41.36 8.60 -50.05
C LEU H 304 42.45 9.65 -49.99
N ASP H 305 42.12 10.86 -50.41
CA ASP H 305 43.01 12.01 -50.29
C ASP H 305 42.86 12.61 -48.89
N ALA H 306 43.80 12.27 -48.02
CA ALA H 306 43.82 12.77 -46.65
C ALA H 306 44.70 14.01 -46.56
N TRP H 307 44.98 14.60 -47.72
CA TRP H 307 45.75 15.84 -47.84
C TRP H 307 47.24 15.67 -47.54
N GLU H 308 47.54 15.26 -46.31
CA GLU H 308 48.91 14.99 -45.87
C GLU H 308 49.42 13.68 -46.47
N GLN H 309 48.50 12.91 -47.03
CA GLN H 309 48.76 11.55 -47.44
C GLN H 309 47.67 11.12 -48.42
N ILE H 310 48.04 10.32 -49.42
CA ILE H 310 47.03 9.76 -50.31
C ILE H 310 47.03 8.24 -50.18
N PHE H 311 45.87 7.69 -49.83
CA PHE H 311 45.70 6.27 -49.71
C PHE H 311 45.03 5.67 -50.94
N ILE H 312 45.56 4.53 -51.39
CA ILE H 312 44.92 3.74 -52.44
C ILE H 312 44.52 2.41 -51.81
N TRP H 313 43.24 2.26 -51.56
CA TRP H 313 42.66 1.09 -50.93
C TRP H 313 42.24 0.10 -52.02
N ILE H 314 42.85 -1.08 -52.00
CA ILE H 314 42.57 -2.10 -53.00
C ILE H 314 41.63 -3.17 -52.47
N GLY H 315 40.46 -3.27 -53.08
CA GLY H 315 39.48 -4.30 -52.75
C GLY H 315 39.95 -5.67 -53.21
N LYS H 316 39.50 -6.70 -52.51
CA LYS H 316 39.87 -8.08 -52.82
C LYS H 316 39.52 -8.52 -54.25
N ASP H 317 38.73 -7.69 -54.95
CA ASP H 317 38.21 -8.04 -56.28
C ASP H 317 38.46 -7.00 -57.37
N ALA H 318 39.45 -6.13 -57.15
CA ALA H 318 39.77 -5.09 -58.12
C ALA H 318 40.63 -5.61 -59.27
N ASN H 319 40.48 -5.00 -60.45
CA ASN H 319 41.36 -5.25 -61.58
C ASN H 319 42.77 -4.83 -61.22
N GLU H 320 43.75 -5.37 -61.95
CA GLU H 320 45.10 -4.86 -61.86
C GLU H 320 45.19 -3.52 -62.54
N VAL H 321 44.38 -3.30 -63.58
CA VAL H 321 44.35 -1.99 -64.26
C VAL H 321 43.76 -0.93 -63.36
N GLU H 322 42.72 -1.30 -62.61
CA GLU H 322 42.09 -0.40 -61.65
C GLU H 322 43.10 0.10 -60.64
N LYS H 323 43.93 -0.82 -60.14
CA LYS H 323 44.98 -0.53 -59.18
C LYS H 323 46.00 0.45 -59.75
N LYS H 324 46.51 0.15 -60.94
CA LYS H 324 47.59 0.92 -61.50
C LYS H 324 47.08 2.27 -62.00
N GLU H 325 45.88 2.27 -62.56
CA GLU H 325 45.30 3.49 -63.10
C GLU H 325 45.03 4.52 -62.01
N SER H 326 44.65 4.05 -60.83
CA SER H 326 44.48 4.92 -59.68
C SER H 326 45.83 5.48 -59.25
N LEU H 327 46.82 4.59 -59.25
CA LEU H 327 48.20 4.89 -58.87
C LEU H 327 48.84 5.73 -59.97
N LYS H 328 48.05 6.10 -60.96
CA LYS H 328 48.49 6.98 -62.02
C LYS H 328 47.67 8.26 -61.96
N SER H 329 46.56 8.20 -61.22
CA SER H 329 45.71 9.35 -61.02
C SER H 329 46.16 10.17 -59.82
N ALA H 330 46.55 9.50 -58.75
CA ALA H 330 47.10 10.15 -57.56
C ALA H 330 48.46 10.80 -57.85
N LYS H 331 49.31 10.08 -58.58
CA LYS H 331 50.61 10.61 -59.01
C LYS H 331 50.46 11.88 -59.83
N MET H 332 49.37 11.99 -60.57
CA MET H 332 49.01 13.21 -61.31
C MET H 332 48.42 14.25 -60.35
N TYR H 333 47.58 13.78 -59.42
CA TYR H 333 46.87 14.65 -58.49
C TYR H 333 47.76 15.20 -57.35
N LEU H 334 48.73 16.05 -57.74
CA LEU H 334 49.61 16.78 -56.81
C LEU H 334 50.20 18.02 -57.48
N THR H 345 54.69 14.46 -50.88
CA THR H 345 53.39 14.02 -50.38
C THR H 345 53.23 12.52 -50.58
N PRO H 346 53.31 11.73 -49.47
CA PRO H 346 53.29 10.28 -49.55
C PRO H 346 52.05 9.71 -50.23
N ILE H 347 52.20 8.53 -50.82
CA ILE H 347 51.11 7.86 -51.49
C ILE H 347 51.20 6.37 -51.17
N VAL H 348 50.43 5.96 -50.17
CA VAL H 348 50.51 4.63 -49.57
C VAL H 348 49.44 3.70 -50.14
N ILE H 349 49.87 2.52 -50.56
CA ILE H 349 48.95 1.53 -51.13
C ILE H 349 48.53 0.51 -50.07
N ILE H 350 47.22 0.30 -49.98
CA ILE H 350 46.61 -0.40 -48.85
C ILE H 350 45.72 -1.56 -49.30
N LYS H 351 45.97 -2.73 -48.74
CA LYS H 351 45.17 -3.92 -49.03
C LYS H 351 43.97 -4.00 -48.09
N GLN H 352 42.85 -4.52 -48.61
CA GLN H 352 41.64 -4.71 -47.82
C GLN H 352 41.90 -5.65 -46.63
N GLY H 353 41.45 -5.23 -45.45
CA GLY H 353 41.73 -5.94 -44.21
C GLY H 353 42.94 -5.37 -43.50
N HIS H 354 43.98 -5.08 -44.30
CA HIS H 354 45.27 -4.58 -43.80
C HIS H 354 45.33 -3.07 -43.67
N GLU H 355 44.21 -2.44 -43.40
CA GLU H 355 44.22 -0.99 -43.32
C GLU H 355 44.96 -0.53 -42.06
N PRO H 356 45.94 0.38 -42.23
CA PRO H 356 46.67 0.96 -41.11
C PRO H 356 45.80 1.94 -40.33
N PRO H 357 46.12 2.14 -39.03
CA PRO H 357 45.33 3.07 -38.20
C PRO H 357 45.26 4.47 -38.81
N THR H 358 46.32 4.88 -39.49
CA THR H 358 46.40 6.20 -40.11
C THR H 358 45.36 6.41 -41.23
N PHE H 359 44.94 5.33 -41.87
CA PHE H 359 43.88 5.35 -42.89
C PHE H 359 42.49 5.18 -42.23
N THR H 360 42.41 4.21 -41.32
CA THR H 360 41.19 3.87 -40.60
C THR H 360 40.58 5.04 -39.83
N GLY H 361 41.43 5.96 -39.38
CA GLY H 361 41.01 7.11 -38.57
C GLY H 361 40.04 8.09 -39.21
N TRP H 362 40.06 8.16 -40.54
CA TRP H 362 39.19 9.07 -41.29
C TRP H 362 37.76 8.53 -41.39
N PHE H 363 37.56 7.35 -40.82
CA PHE H 363 36.26 6.70 -40.79
C PHE H 363 35.73 6.68 -39.36
N LEU H 364 34.41 6.81 -39.23
CA LEU H 364 33.79 6.73 -37.91
C LEU H 364 33.50 5.28 -37.56
N GLY H 365 34.12 4.83 -36.47
CA GLY H 365 33.90 3.48 -35.98
C GLY H 365 34.91 2.54 -36.58
N TRP H 366 34.54 1.93 -37.70
CA TRP H 366 35.35 0.94 -38.40
C TRP H 366 35.30 -0.40 -37.68
N ASP H 367 34.28 -1.20 -37.98
CA ASP H 367 34.26 -2.58 -37.51
C ASP H 367 35.28 -3.39 -38.33
N SER H 368 36.47 -3.52 -37.79
CA SER H 368 37.56 -4.26 -38.42
C SER H 368 37.18 -5.74 -38.61
N SER H 369 36.09 -6.14 -37.95
CA SER H 369 35.58 -7.51 -38.00
C SER H 369 34.58 -7.73 -39.13
N LYS H 370 34.54 -6.77 -40.06
CA LYS H 370 33.75 -6.90 -41.29
C LYS H 370 34.43 -7.87 -42.26
N TRP H 371 35.75 -7.70 -42.38
CA TRP H 371 36.55 -8.48 -43.31
C TRP H 371 37.94 -8.77 -42.74
#